data_7QLR
#
_entry.id   7QLR
#
_cell.length_a   114.990
_cell.length_b   178.206
_cell.length_c   227.621
_cell.angle_alpha   90.000
_cell.angle_beta   90.000
_cell.angle_gamma   90.000
#
_symmetry.space_group_name_H-M   'P 2 21 21'
#
loop_
_entity.id
_entity.type
_entity.pdbx_description
1 polymer 'CDHS1_22 Putative tail fiber protein'
2 non-polymer 'MAGNESIUM ION'
3 water water
#
_entity_poly.entity_id   1
_entity_poly.type   'polypeptide(L)'
_entity_poly.pdbx_seq_one_letter_code
;(MSE)SWAETYKVNSDLQGEPLNFLSYLQDIKLNGLDSYVLFIGNARIWEELYLNSLYLFSDRGIRETVYTAFSETDIDN
LFNKSTKLGEQLNAFYRTDIFSLGNADNVVKE(MSE)TIEHYNSLEEKFKAGYDRYVTREQEKSTIGAWFNSTFSLDNTD
LENLTTIEEILANVEATNAILNNSNAIVALT(MSE)CKSS(MSE)DAVVASSNA(MSE)DLLGQYILRVTTESPVIRAIL
KNNVIRDAIINSDEA(MSE)TQISSNENSV(MSE)EIFNDLEATKVLVQNQNSINKILTNNVTVEKIIPNLLE(MSE)KY
NLQTSLNYINTIKSNIASGKGQI(MSE)AITYNEEIFPILKNAVKNYDG(MSE)ETTRNISQRDIEEKIKISDAILESSI
A(MSE)ATFANNSIIVNKVGDRVGIIESIFSKTVSLNAF(MSE)KSTTAINILVNKTTAFTKIANNSTAFNA(MSE)LTI
SENNVTIANNTTA(MSE)GIIANNAQA(MSE)STVANNDTSISVFVNNTTA(MSE)GIIANSSTA(MSE)TKITLTGLAL
NR(MSE)VKSNTAKSILISKNSTLQTYKNNIQNTIQGSTAYFRTITGFADADDNPPQTINSTYVGITYCYGYKGNSYYGI
VYHGYNTSIEAGRGNGYKDETKKFITLGGARYDQSGDGYFTYA(MSE)YQAI
;
_entity_poly.pdbx_strand_id   A,B,C,D
#
# COMPACT_ATOMS: atom_id res chain seq x y z
N GLN A 14 -89.94 -18.64 24.30
CA GLN A 14 -89.05 -18.87 23.16
C GLN A 14 -88.21 -17.63 22.87
N GLY A 15 -86.99 -17.84 22.37
CA GLY A 15 -86.13 -16.75 22.00
C GLY A 15 -86.42 -16.22 20.61
N GLU A 16 -86.15 -17.04 19.60
CA GLU A 16 -86.42 -16.72 18.21
C GLU A 16 -87.64 -17.49 17.71
N PRO A 17 -88.30 -17.00 16.67
CA PRO A 17 -89.54 -17.66 16.20
C PRO A 17 -89.29 -19.08 15.71
N LEU A 18 -90.37 -19.87 15.67
CA LEU A 18 -90.27 -21.29 15.39
C LEU A 18 -89.78 -21.55 13.98
N ASN A 19 -90.25 -20.76 13.01
CA ASN A 19 -89.83 -20.96 11.63
C ASN A 19 -88.33 -20.78 11.46
N PHE A 20 -87.71 -19.91 12.26
CA PHE A 20 -86.26 -19.81 12.27
C PHE A 20 -85.62 -21.13 12.68
N LEU A 21 -86.17 -21.77 13.71
CA LEU A 21 -85.63 -23.05 14.16
C LEU A 21 -85.78 -24.11 13.08
N SER A 22 -86.93 -24.13 12.41
CA SER A 22 -87.13 -25.07 11.30
C SER A 22 -86.16 -24.79 10.16
N TYR A 23 -85.87 -23.51 9.89
CA TYR A 23 -84.89 -23.17 8.87
C TYR A 23 -83.51 -23.70 9.24
N LEU A 24 -83.12 -23.55 10.51
CA LEU A 24 -81.83 -24.07 10.94
C LEU A 24 -81.79 -25.59 10.81
N GLN A 25 -82.90 -26.26 11.12
CA GLN A 25 -82.96 -27.71 10.98
C GLN A 25 -82.80 -28.14 9.52
N ASP A 26 -83.49 -27.45 8.62
CA ASP A 26 -83.38 -27.80 7.20
C ASP A 26 -82.00 -27.48 6.65
N ILE A 27 -81.37 -26.41 7.14
CA ILE A 27 -80.01 -26.12 6.71
C ILE A 27 -79.08 -27.25 7.14
N LYS A 28 -79.22 -27.70 8.40
CA LYS A 28 -78.40 -28.82 8.86
C LYS A 28 -78.63 -30.06 8.02
N LEU A 29 -79.90 -30.37 7.72
CA LEU A 29 -80.20 -31.61 7.02
C LEU A 29 -79.81 -31.58 5.55
N ASN A 30 -79.88 -30.41 4.90
CA ASN A 30 -79.74 -30.34 3.44
C ASN A 30 -78.51 -29.60 2.94
N GLY A 31 -77.69 -29.03 3.83
CA GLY A 31 -76.56 -28.27 3.36
C GLY A 31 -76.99 -27.14 2.44
N LEU A 32 -76.25 -26.98 1.35
CA LEU A 32 -76.57 -25.95 0.35
C LEU A 32 -77.81 -26.27 -0.47
N ASP A 33 -78.32 -27.50 -0.39
CA ASP A 33 -79.53 -27.86 -1.11
C ASP A 33 -80.80 -27.47 -0.39
N SER A 34 -80.70 -26.81 0.76
CA SER A 34 -81.87 -26.40 1.51
C SER A 34 -82.67 -25.36 0.72
N TYR A 35 -84.00 -25.42 0.86
CA TYR A 35 -84.85 -24.41 0.26
C TYR A 35 -84.53 -23.02 0.81
N VAL A 36 -84.02 -22.95 2.04
CA VAL A 36 -83.66 -21.66 2.62
C VAL A 36 -82.58 -20.97 1.79
N LEU A 37 -81.66 -21.75 1.24
CA LEU A 37 -80.50 -21.21 0.54
C LEU A 37 -80.68 -21.13 -0.97
N PHE A 38 -81.89 -21.38 -1.47
CA PHE A 38 -82.18 -21.14 -2.88
C PHE A 38 -82.35 -19.65 -3.13
N ILE A 39 -81.75 -19.18 -4.22
CA ILE A 39 -81.78 -17.75 -4.54
C ILE A 39 -83.22 -17.24 -4.61
N GLY A 40 -84.12 -18.06 -5.14
CA GLY A 40 -85.52 -17.66 -5.24
C GLY A 40 -86.19 -17.38 -3.91
N ASN A 41 -85.62 -17.87 -2.81
CA ASN A 41 -86.15 -17.62 -1.48
C ASN A 41 -85.27 -16.65 -0.68
N ALA A 42 -84.43 -15.88 -1.37
CA ALA A 42 -83.51 -14.96 -0.69
C ALA A 42 -84.21 -14.13 0.36
N ARG A 43 -85.45 -13.72 0.07
CA ARG A 43 -86.22 -12.85 0.96
C ARG A 43 -86.21 -13.40 2.37
N ILE A 44 -86.50 -14.70 2.54
CA ILE A 44 -86.50 -15.26 3.88
C ILE A 44 -85.08 -15.43 4.40
N TRP A 45 -84.17 -15.85 3.51
CA TRP A 45 -82.78 -16.03 3.91
C TRP A 45 -82.24 -14.75 4.54
N GLU A 46 -82.42 -13.63 3.87
CA GLU A 46 -82.05 -12.33 4.45
C GLU A 46 -82.69 -12.14 5.81
N GLU A 47 -84.02 -12.30 5.88
CA GLU A 47 -84.72 -12.13 7.15
C GLU A 47 -84.08 -12.96 8.24
N LEU A 48 -83.56 -14.14 7.88
CA LEU A 48 -82.91 -14.96 8.89
C LEU A 48 -81.61 -14.30 9.35
N TYR A 49 -80.67 -14.06 8.43
CA TYR A 49 -79.34 -13.65 8.87
C TYR A 49 -79.30 -12.23 9.39
N LEU A 50 -80.32 -11.42 9.10
CA LEU A 50 -80.42 -10.10 9.71
C LEU A 50 -80.92 -10.18 11.14
N ASN A 51 -81.78 -11.16 11.47
CA ASN A 51 -82.47 -11.17 12.75
C ASN A 51 -82.06 -12.30 13.68
N SER A 52 -81.43 -13.35 13.17
CA SER A 52 -81.13 -14.51 14.00
C SER A 52 -79.75 -14.36 14.64
N LEU A 53 -79.69 -14.68 15.93
CA LEU A 53 -78.42 -14.91 16.61
C LEU A 53 -78.04 -16.38 16.55
N TYR A 54 -79.04 -17.26 16.66
CA TYR A 54 -78.82 -18.70 16.62
C TYR A 54 -78.08 -19.14 15.37
N LEU A 55 -78.40 -18.51 14.22
CA LEU A 55 -77.73 -18.86 12.96
C LEU A 55 -76.22 -18.73 13.09
N PHE A 56 -75.75 -17.70 13.79
CA PHE A 56 -74.32 -17.44 13.91
C PHE A 56 -73.67 -18.19 15.06
N SER A 57 -74.46 -18.80 15.94
CA SER A 57 -73.93 -19.58 17.05
C SER A 57 -74.14 -21.08 16.88
N ASP A 58 -74.71 -21.50 15.74
CA ASP A 58 -74.91 -22.92 15.43
C ASP A 58 -73.68 -23.40 14.68
N ARG A 59 -72.68 -23.89 15.41
CA ARG A 59 -71.45 -24.33 14.78
C ARG A 59 -71.68 -25.52 13.87
N GLY A 60 -72.66 -26.37 14.17
CA GLY A 60 -72.89 -27.56 13.39
C GLY A 60 -73.26 -27.29 11.95
N ILE A 61 -73.63 -26.05 11.62
CA ILE A 61 -73.93 -25.65 10.25
C ILE A 61 -73.02 -24.54 9.77
N ARG A 62 -72.00 -24.18 10.56
CA ARG A 62 -71.19 -22.99 10.28
C ARG A 62 -70.61 -23.05 8.88
N GLU A 63 -69.98 -24.18 8.54
CA GLU A 63 -69.36 -24.34 7.23
C GLU A 63 -70.34 -24.04 6.11
N THR A 64 -71.58 -24.52 6.24
CA THR A 64 -72.59 -24.23 5.23
C THR A 64 -72.88 -22.73 5.18
N VAL A 65 -73.14 -22.13 6.35
CA VAL A 65 -73.57 -20.73 6.40
C VAL A 65 -72.53 -19.83 5.74
N TYR A 66 -71.26 -19.99 6.12
CA TYR A 66 -70.20 -19.20 5.51
C TYR A 66 -70.20 -19.35 4.00
N THR A 67 -70.39 -20.57 3.50
CA THR A 67 -70.42 -20.78 2.05
C THR A 67 -71.64 -20.10 1.43
N ALA A 68 -72.77 -20.10 2.14
CA ALA A 68 -74.01 -19.59 1.57
C ALA A 68 -73.97 -18.07 1.37
N PHE A 69 -73.18 -17.36 2.18
CA PHE A 69 -73.13 -15.91 2.11
C PHE A 69 -72.59 -15.43 0.77
N SER A 70 -73.44 -14.79 -0.01
CA SER A 70 -72.99 -14.09 -1.21
C SER A 70 -72.45 -12.72 -0.84
N GLU A 71 -71.80 -12.09 -1.82
CA GLU A 71 -71.32 -10.72 -1.63
C GLU A 71 -72.48 -9.80 -1.24
N THR A 72 -73.62 -9.96 -1.91
CA THR A 72 -74.80 -9.19 -1.58
C THR A 72 -75.26 -9.45 -0.15
N ASP A 73 -75.21 -10.71 0.30
CA ASP A 73 -75.59 -11.03 1.66
C ASP A 73 -74.71 -10.32 2.69
N ILE A 74 -73.39 -10.30 2.46
CA ILE A 74 -72.49 -9.62 3.37
C ILE A 74 -72.77 -8.11 3.37
N ASP A 75 -73.00 -7.54 2.18
CA ASP A 75 -73.37 -6.13 2.10
C ASP A 75 -74.65 -5.85 2.89
N ASN A 76 -75.64 -6.73 2.77
CA ASN A 76 -76.89 -6.57 3.51
C ASN A 76 -76.63 -6.62 5.01
N LEU A 77 -75.80 -7.55 5.46
CA LEU A 77 -75.43 -7.63 6.86
C LEU A 77 -74.85 -6.29 7.35
N PHE A 78 -73.82 -5.82 6.66
CA PHE A 78 -73.17 -4.57 7.07
C PHE A 78 -74.14 -3.39 7.06
N ASN A 79 -74.98 -3.31 6.03
CA ASN A 79 -75.84 -2.13 5.88
C ASN A 79 -77.02 -2.13 6.85
N LYS A 80 -77.60 -3.30 7.12
CA LYS A 80 -78.90 -3.37 7.75
C LYS A 80 -78.91 -4.00 9.14
N SER A 81 -78.00 -4.93 9.44
CA SER A 81 -78.07 -5.63 10.71
C SER A 81 -77.82 -4.66 11.87
N THR A 82 -78.76 -4.67 12.83
CA THR A 82 -78.64 -3.86 14.03
C THR A 82 -77.84 -4.55 15.13
N LYS A 83 -77.27 -5.71 14.84
CA LYS A 83 -76.51 -6.47 15.82
C LYS A 83 -75.38 -7.23 15.14
N LEU A 84 -74.71 -6.58 14.19
CA LEU A 84 -73.57 -7.19 13.51
C LEU A 84 -72.49 -7.60 14.50
N GLY A 85 -72.28 -6.79 15.55
CA GLY A 85 -71.27 -7.12 16.54
C GLY A 85 -71.59 -8.42 17.28
N GLU A 86 -72.83 -8.55 17.76
CA GLU A 86 -73.23 -9.77 18.44
C GLU A 86 -73.12 -10.97 17.52
N GLN A 87 -73.48 -10.80 16.25
CA GLN A 87 -73.44 -11.93 15.31
C GLN A 87 -72.00 -12.34 15.01
N LEU A 88 -71.10 -11.37 14.87
CA LEU A 88 -69.69 -11.69 14.69
C LEU A 88 -69.11 -12.37 15.93
N ASN A 89 -69.47 -11.88 17.12
CA ASN A 89 -68.98 -12.50 18.34
C ASN A 89 -69.45 -13.93 18.46
N ALA A 90 -70.70 -14.21 18.10
CA ALA A 90 -71.20 -15.58 18.11
C ALA A 90 -70.52 -16.42 17.04
N PHE A 91 -70.29 -15.84 15.86
CA PHE A 91 -69.74 -16.59 14.74
C PHE A 91 -68.29 -16.97 14.96
N TYR A 92 -67.56 -16.19 15.77
CA TYR A 92 -66.16 -16.47 16.05
C TYR A 92 -65.92 -16.85 17.52
N ARG A 93 -66.98 -17.14 18.27
CA ARG A 93 -66.90 -17.54 19.67
C ARG A 93 -65.94 -16.64 20.45
N THR A 94 -66.26 -15.35 20.44
CA THR A 94 -65.40 -14.35 21.05
C THR A 94 -66.24 -13.21 21.57
N ASP A 95 -65.56 -12.19 22.11
CA ASP A 95 -66.23 -10.99 22.61
C ASP A 95 -65.51 -9.72 22.17
N ILE A 96 -64.61 -9.81 21.19
CA ILE A 96 -63.73 -8.70 20.86
C ILE A 96 -64.41 -7.61 20.04
N PHE A 97 -65.54 -7.91 19.42
CA PHE A 97 -66.22 -6.92 18.59
C PHE A 97 -67.26 -6.16 19.41
N SER A 98 -67.38 -4.87 19.15
CA SER A 98 -68.35 -4.06 19.85
C SER A 98 -69.76 -4.38 19.37
N LEU A 99 -70.74 -4.08 20.21
CA LEU A 99 -72.11 -4.46 19.93
C LEU A 99 -72.79 -3.40 19.08
N GLY A 100 -73.87 -3.79 18.43
CA GLY A 100 -74.62 -2.90 17.57
C GLY A 100 -74.32 -3.07 16.09
N ASN A 101 -74.57 -2.00 15.34
CA ASN A 101 -74.50 -2.02 13.89
C ASN A 101 -73.05 -1.90 13.40
N ALA A 102 -72.91 -1.82 12.08
CA ALA A 102 -71.58 -1.79 11.47
C ALA A 102 -70.75 -0.60 11.91
N ASP A 103 -71.38 0.55 12.20
CA ASP A 103 -70.61 1.72 12.63
C ASP A 103 -69.96 1.48 13.98
N ASN A 104 -70.70 0.89 14.92
CA ASN A 104 -70.10 0.56 16.22
C ASN A 104 -68.95 -0.41 16.06
N VAL A 105 -69.07 -1.36 15.13
CA VAL A 105 -68.02 -2.36 14.92
C VAL A 105 -66.78 -1.71 14.33
N VAL A 106 -66.97 -0.87 13.29
CA VAL A 106 -65.84 -0.20 12.65
C VAL A 106 -65.15 0.75 13.62
N LYS A 107 -65.93 1.43 14.48
CA LYS A 107 -65.37 2.41 15.39
C LYS A 107 -64.37 1.78 16.37
N GLU A 108 -64.58 0.52 16.74
CA GLU A 108 -63.72 -0.15 17.71
C GLU A 108 -62.82 -1.22 17.09
N THR A 110 -59.68 -3.08 15.45
CA THR A 110 -58.23 -3.02 15.45
C THR A 110 -57.68 -4.00 14.42
N ILE A 111 -56.37 -3.89 14.15
CA ILE A 111 -55.73 -4.78 13.19
C ILE A 111 -55.79 -6.23 13.66
N GLU A 112 -55.56 -6.46 14.96
CA GLU A 112 -55.66 -7.80 15.53
C GLU A 112 -57.06 -8.38 15.32
N HIS A 113 -58.08 -7.63 15.75
CA HIS A 113 -59.45 -8.12 15.62
C HIS A 113 -59.84 -8.29 14.16
N TYR A 114 -59.34 -7.39 13.29
CA TYR A 114 -59.59 -7.54 11.87
C TYR A 114 -59.00 -8.83 11.33
N ASN A 115 -57.78 -9.16 11.75
CA ASN A 115 -57.13 -10.39 11.29
C ASN A 115 -57.86 -11.61 11.79
N SER A 116 -58.62 -11.49 12.88
CA SER A 116 -59.41 -12.66 13.28
C SER A 116 -60.55 -12.97 12.32
N LEU A 117 -60.89 -12.06 11.39
CA LEU A 117 -61.99 -12.27 10.46
C LEU A 117 -61.59 -13.15 9.29
N GLU A 118 -62.58 -13.86 8.75
CA GLU A 118 -62.43 -14.62 7.52
C GLU A 118 -62.56 -13.71 6.30
N GLU A 119 -62.24 -14.25 5.13
CA GLU A 119 -62.10 -13.45 3.91
C GLU A 119 -63.36 -12.67 3.58
N LYS A 120 -64.52 -13.32 3.65
CA LYS A 120 -65.75 -12.67 3.21
C LYS A 120 -66.07 -11.45 4.06
N PHE A 121 -65.79 -11.50 5.35
CA PHE A 121 -66.09 -10.37 6.21
C PHE A 121 -65.04 -9.27 6.10
N LYS A 122 -63.79 -9.63 5.81
CA LYS A 122 -62.79 -8.63 5.45
C LYS A 122 -63.23 -7.84 4.21
N ALA A 123 -63.64 -8.56 3.17
CA ALA A 123 -64.13 -7.92 1.95
C ALA A 123 -65.37 -7.07 2.24
N GLY A 124 -66.26 -7.55 3.10
CA GLY A 124 -67.41 -6.77 3.50
C GLY A 124 -67.03 -5.46 4.18
N TYR A 125 -66.06 -5.53 5.11
CA TYR A 125 -65.53 -4.32 5.73
C TYR A 125 -65.02 -3.34 4.69
N ASP A 126 -64.21 -3.84 3.74
CA ASP A 126 -63.68 -3.00 2.68
C ASP A 126 -64.81 -2.30 1.92
N ARG A 127 -65.78 -3.07 1.44
CA ARG A 127 -66.85 -2.51 0.62
C ARG A 127 -67.70 -1.52 1.42
N TYR A 128 -67.98 -1.84 2.68
CA TYR A 128 -68.79 -0.95 3.52
C TYR A 128 -68.08 0.37 3.75
N VAL A 129 -66.78 0.33 4.05
CA VAL A 129 -66.03 1.54 4.27
C VAL A 129 -65.95 2.37 2.99
N THR A 130 -65.83 1.69 1.84
CA THR A 130 -65.84 2.41 0.56
C THR A 130 -67.18 3.12 0.33
N ARG A 131 -68.29 2.42 0.58
CA ARG A 131 -69.61 3.04 0.43
C ARG A 131 -69.75 4.26 1.34
N GLU A 132 -69.34 4.12 2.60
CA GLU A 132 -69.49 5.21 3.55
C GLU A 132 -68.62 6.40 3.16
N GLN A 133 -67.44 6.14 2.62
CA GLN A 133 -66.59 7.24 2.16
C GLN A 133 -67.18 7.89 0.92
N GLU A 134 -67.80 7.11 0.04
CA GLU A 134 -68.35 7.65 -1.20
C GLU A 134 -69.68 8.35 -0.98
N LYS A 135 -70.27 8.26 0.21
CA LYS A 135 -71.40 9.11 0.52
C LYS A 135 -70.95 10.54 0.76
N SER A 136 -70.24 10.79 1.86
CA SER A 136 -69.63 12.09 2.09
C SER A 136 -68.29 12.19 1.39
N THR A 137 -67.32 12.87 1.99
CA THR A 137 -65.95 12.89 1.51
C THR A 137 -65.07 12.02 2.40
N ILE A 138 -64.00 11.49 1.82
CA ILE A 138 -63.11 10.59 2.55
C ILE A 138 -62.51 11.29 3.77
N GLY A 139 -62.04 12.53 3.60
CA GLY A 139 -61.42 13.23 4.72
C GLY A 139 -62.40 13.49 5.85
N ALA A 140 -63.57 14.02 5.52
CA ALA A 140 -64.59 14.26 6.55
C ALA A 140 -65.03 12.96 7.21
N TRP A 141 -65.12 11.88 6.44
CA TRP A 141 -65.51 10.59 6.99
C TRP A 141 -64.50 10.10 8.02
N PHE A 142 -63.21 10.10 7.64
CA PHE A 142 -62.17 9.76 8.59
C PHE A 142 -62.22 10.65 9.83
N ASN A 143 -62.38 11.96 9.63
CA ASN A 143 -62.32 12.91 10.73
C ASN A 143 -63.47 12.68 11.73
N SER A 144 -64.69 12.55 11.22
CA SER A 144 -65.85 12.46 12.10
C SER A 144 -66.02 11.05 12.68
N THR A 145 -65.77 10.02 11.87
CA THR A 145 -65.98 8.65 12.32
C THR A 145 -65.12 8.31 13.53
N PHE A 146 -63.84 8.70 13.50
CA PHE A 146 -62.89 8.36 14.55
C PHE A 146 -62.56 9.54 15.46
N SER A 147 -63.24 10.67 15.30
CA SER A 147 -63.04 11.85 16.14
C SER A 147 -61.55 12.25 16.18
N LEU A 148 -60.95 12.31 14.99
CA LEU A 148 -59.55 12.68 14.90
C LEU A 148 -59.31 14.16 15.18
N ASP A 149 -60.37 14.97 15.15
CA ASP A 149 -60.30 16.41 15.45
C ASP A 149 -59.19 17.09 14.66
N ASN A 150 -59.28 16.96 13.34
CA ASN A 150 -58.27 17.52 12.43
C ASN A 150 -59.02 18.17 11.26
N THR A 151 -58.99 19.50 11.21
CA THR A 151 -59.71 20.22 10.16
C THR A 151 -58.96 20.19 8.84
N ASP A 152 -57.63 20.07 8.86
CA ASP A 152 -56.89 19.86 7.63
C ASP A 152 -57.46 18.65 6.89
N LEU A 153 -57.58 17.52 7.59
CA LEU A 153 -58.18 16.32 7.02
C LEU A 153 -59.61 16.57 6.55
N GLU A 154 -60.36 17.41 7.27
CA GLU A 154 -61.76 17.68 6.97
C GLU A 154 -61.98 18.00 5.49
N ASN A 155 -61.13 18.83 4.90
CA ASN A 155 -61.36 19.38 3.58
C ASN A 155 -60.66 18.58 2.47
N LEU A 156 -60.01 17.47 2.81
CA LEU A 156 -59.35 16.65 1.80
C LEU A 156 -60.36 15.69 1.17
N THR A 157 -60.33 15.59 -0.16
CA THR A 157 -61.36 14.88 -0.89
C THR A 157 -60.87 13.60 -1.57
N THR A 158 -59.56 13.36 -1.63
CA THR A 158 -59.02 12.13 -2.18
C THR A 158 -57.94 11.59 -1.24
N ILE A 159 -57.63 10.30 -1.43
CA ILE A 159 -56.59 9.66 -0.63
C ILE A 159 -55.22 10.29 -0.92
N GLU A 160 -55.00 10.72 -2.17
CA GLU A 160 -53.73 11.36 -2.51
C GLU A 160 -53.55 12.67 -1.76
N GLU A 161 -54.63 13.47 -1.66
CA GLU A 161 -54.57 14.70 -0.88
C GLU A 161 -54.27 14.44 0.58
N ILE A 162 -54.75 13.30 1.11
CA ILE A 162 -54.45 12.96 2.49
C ILE A 162 -52.99 12.55 2.65
N LEU A 163 -52.48 11.75 1.71
CA LEU A 163 -51.09 11.31 1.78
C LEU A 163 -50.12 12.44 1.53
N ALA A 164 -50.55 13.51 0.84
CA ALA A 164 -49.70 14.68 0.69
C ALA A 164 -49.56 15.44 2.01
N ASN A 165 -50.53 15.30 2.91
CA ASN A 165 -50.52 16.01 4.19
C ASN A 165 -50.02 15.05 5.26
N VAL A 166 -48.85 15.37 5.83
CA VAL A 166 -48.25 14.51 6.84
C VAL A 166 -49.08 14.52 8.11
N GLU A 167 -49.56 15.70 8.51
CA GLU A 167 -50.33 15.85 9.74
C GLU A 167 -51.55 14.94 9.73
N ALA A 168 -52.32 14.97 8.63
CA ALA A 168 -53.53 14.16 8.52
C ALA A 168 -53.21 12.67 8.46
N THR A 169 -52.20 12.30 7.68
CA THR A 169 -51.79 10.90 7.59
C THR A 169 -51.45 10.34 8.97
N ASN A 170 -50.64 11.06 9.75
CA ASN A 170 -50.31 10.58 11.10
C ASN A 170 -51.51 10.63 12.03
N ALA A 171 -52.40 11.62 11.86
CA ALA A 171 -53.64 11.61 12.63
C ALA A 171 -54.39 10.31 12.41
N ILE A 172 -54.42 9.84 11.16
CA ILE A 172 -55.08 8.57 10.87
C ILE A 172 -54.30 7.41 11.47
N LEU A 173 -52.98 7.36 11.21
CA LEU A 173 -52.18 6.20 11.60
C LEU A 173 -52.10 6.02 13.11
N ASN A 174 -52.08 7.12 13.87
CA ASN A 174 -52.01 7.06 15.32
C ASN A 174 -53.35 6.73 15.96
N ASN A 175 -54.36 6.39 15.16
CA ASN A 175 -55.64 5.90 15.65
C ASN A 175 -55.75 4.43 15.28
N SER A 176 -55.90 3.56 16.29
CA SER A 176 -55.91 2.13 16.05
C SER A 176 -57.01 1.71 15.08
N ASN A 177 -58.17 2.38 15.13
CA ASN A 177 -59.29 2.02 14.28
C ASN A 177 -59.18 2.66 12.89
N ALA A 178 -58.81 3.95 12.85
CA ALA A 178 -58.64 4.65 11.59
C ALA A 178 -57.57 4.00 10.72
N ILE A 179 -56.51 3.46 11.33
CA ILE A 179 -55.48 2.80 10.52
C ILE A 179 -56.05 1.54 9.87
N VAL A 180 -56.89 0.80 10.58
CA VAL A 180 -57.56 -0.35 9.97
C VAL A 180 -58.39 0.11 8.78
N ALA A 181 -59.16 1.18 8.97
CA ALA A 181 -59.94 1.73 7.85
C ALA A 181 -59.05 2.09 6.67
N LEU A 182 -57.92 2.74 6.94
CA LEU A 182 -57.02 3.19 5.87
C LEU A 182 -56.36 2.01 5.15
N THR A 183 -55.82 1.06 5.90
CA THR A 183 -54.99 0.02 5.31
C THR A 183 -55.82 -1.06 4.61
N CYS A 185 -58.67 -0.99 3.08
CA CYS A 185 -59.49 -0.54 1.95
C CYS A 185 -58.59 -0.65 0.72
N LYS A 186 -58.91 -1.59 -0.18
CA LYS A 186 -57.99 -2.02 -1.21
C LYS A 186 -57.46 -0.83 -2.02
N SER A 187 -58.35 0.05 -2.48
CA SER A 187 -57.91 1.17 -3.31
C SER A 187 -57.04 2.13 -2.49
N SER A 188 -57.50 2.51 -1.30
CA SER A 188 -56.72 3.39 -0.44
C SER A 188 -55.31 2.85 -0.21
N ASP A 190 -53.73 0.83 -2.03
CA ASP A 190 -52.99 0.87 -3.30
C ASP A 190 -52.32 2.24 -3.48
N ALA A 191 -52.97 3.31 -3.03
CA ALA A 191 -52.32 4.61 -3.09
C ALA A 191 -51.17 4.68 -2.10
N VAL A 192 -51.36 4.13 -0.90
CA VAL A 192 -50.35 4.21 0.15
C VAL A 192 -49.08 3.49 -0.29
N VAL A 193 -49.23 2.29 -0.88
CA VAL A 193 -48.08 1.59 -1.44
C VAL A 193 -47.44 2.41 -2.56
N ALA A 194 -48.27 3.11 -3.35
CA ALA A 194 -47.70 3.85 -4.47
C ALA A 194 -46.96 5.10 -4.03
N SER A 195 -47.35 5.68 -2.89
CA SER A 195 -46.72 6.92 -2.45
C SER A 195 -45.38 6.63 -1.78
N SER A 196 -44.36 7.39 -2.15
CA SER A 196 -43.04 7.23 -1.54
C SER A 196 -43.03 7.80 -0.13
N ASN A 197 -43.84 8.83 0.13
CA ASN A 197 -43.90 9.48 1.43
C ASN A 197 -44.71 8.66 2.42
N ALA A 198 -45.88 8.18 2.00
CA ALA A 198 -46.74 7.42 2.89
C ALA A 198 -45.98 6.26 3.52
N ASP A 200 -42.83 5.92 4.03
CA ASP A 200 -41.94 6.44 5.07
C ASP A 200 -42.70 6.63 6.37
N LEU A 201 -43.82 7.36 6.32
CA LEU A 201 -44.62 7.56 7.52
C LEU A 201 -45.02 6.23 8.14
N LEU A 202 -45.43 5.27 7.29
CA LEU A 202 -45.81 3.96 7.81
C LEU A 202 -44.63 3.32 8.53
N GLY A 203 -43.44 3.42 7.94
CA GLY A 203 -42.27 2.89 8.60
C GLY A 203 -42.10 3.52 9.97
N GLN A 204 -42.27 4.84 10.05
CA GLN A 204 -42.07 5.51 11.34
C GLN A 204 -43.11 5.02 12.32
N TYR A 205 -44.33 4.77 11.84
CA TYR A 205 -45.39 4.24 12.70
C TYR A 205 -44.88 2.99 13.40
N ILE A 206 -44.26 2.09 12.63
CA ILE A 206 -43.81 0.83 13.17
C ILE A 206 -42.84 1.11 14.31
N LEU A 207 -41.93 2.05 14.10
CA LEU A 207 -40.93 2.35 15.12
C LEU A 207 -41.58 2.79 16.42
N ARG A 208 -42.70 3.53 16.34
CA ARG A 208 -43.38 3.93 17.57
C ARG A 208 -44.04 2.78 18.28
N VAL A 209 -44.52 1.78 17.54
CA VAL A 209 -45.29 0.70 18.16
C VAL A 209 -44.43 -0.48 18.57
N THR A 210 -43.21 -0.58 18.03
CA THR A 210 -42.27 -1.67 18.27
C THR A 210 -42.20 -2.17 19.71
N THR A 211 -42.48 -1.31 20.69
CA THR A 211 -42.46 -1.75 22.07
C THR A 211 -43.85 -2.02 22.64
N GLU A 212 -44.89 -1.93 21.80
CA GLU A 212 -46.23 -2.38 22.17
C GLU A 212 -46.39 -3.74 21.50
N SER A 213 -45.89 -4.77 22.18
CA SER A 213 -45.78 -6.11 21.59
C SER A 213 -47.05 -6.60 20.90
N PRO A 214 -48.24 -6.54 21.51
CA PRO A 214 -49.44 -6.99 20.78
C PRO A 214 -49.66 -6.25 19.47
N VAL A 215 -49.43 -4.93 19.47
CA VAL A 215 -49.67 -4.14 18.26
C VAL A 215 -48.74 -4.56 17.14
N ILE A 216 -47.43 -4.65 17.44
CA ILE A 216 -46.47 -5.00 16.39
C ILE A 216 -46.70 -6.43 15.90
N ARG A 217 -47.01 -7.37 16.81
CA ARG A 217 -47.31 -8.72 16.38
C ARG A 217 -48.53 -8.75 15.46
N ALA A 218 -49.58 -8.04 15.84
CA ALA A 218 -50.78 -8.00 15.00
C ALA A 218 -50.48 -7.38 13.64
N ILE A 219 -49.60 -6.38 13.61
CA ILE A 219 -49.19 -5.79 12.33
C ILE A 219 -48.49 -6.83 11.46
N LEU A 220 -47.56 -7.60 12.07
CA LEU A 220 -46.81 -8.57 11.28
C LEU A 220 -47.65 -9.78 10.89
N LYS A 221 -48.73 -10.10 11.62
CA LYS A 221 -49.61 -11.17 11.17
C LYS A 221 -50.58 -10.72 10.08
N ASN A 222 -50.55 -9.45 9.69
CA ASN A 222 -51.47 -8.94 8.67
C ASN A 222 -50.70 -8.99 7.35
N ASN A 223 -51.14 -9.88 6.46
CA ASN A 223 -50.38 -10.18 5.24
C ASN A 223 -50.19 -8.94 4.37
N VAL A 224 -51.24 -8.11 4.24
CA VAL A 224 -51.15 -6.95 3.35
C VAL A 224 -50.12 -5.96 3.87
N ILE A 225 -50.27 -5.55 5.13
CA ILE A 225 -49.33 -4.58 5.71
C ILE A 225 -47.93 -5.17 5.79
N ARG A 226 -47.81 -6.42 6.22
CA ARG A 226 -46.53 -7.11 6.25
C ARG A 226 -45.83 -7.06 4.90
N ASP A 227 -46.50 -7.53 3.85
CA ASP A 227 -45.90 -7.59 2.53
C ASP A 227 -45.53 -6.21 2.02
N ALA A 228 -46.41 -5.23 2.22
CA ALA A 228 -46.11 -3.88 1.75
C ALA A 228 -44.90 -3.30 2.48
N ILE A 229 -44.83 -3.49 3.79
CA ILE A 229 -43.74 -2.94 4.60
C ILE A 229 -42.42 -3.58 4.24
N ILE A 230 -42.37 -4.91 4.19
CA ILE A 230 -41.10 -5.61 4.01
C ILE A 230 -40.50 -5.33 2.63
N ASN A 231 -41.33 -5.11 1.62
CA ASN A 231 -40.86 -4.86 0.27
C ASN A 231 -40.76 -3.38 -0.08
N SER A 232 -40.86 -2.50 0.91
CA SER A 232 -40.79 -1.06 0.68
C SER A 232 -39.39 -0.57 1.02
N ASP A 233 -38.74 0.10 0.06
CA ASP A 233 -37.41 0.65 0.32
C ASP A 233 -37.44 1.69 1.43
N GLU A 234 -38.45 2.56 1.42
CA GLU A 234 -38.55 3.60 2.44
C GLU A 234 -38.80 2.99 3.82
N ALA A 235 -39.87 2.19 3.95
CA ALA A 235 -40.27 1.67 5.26
C ALA A 235 -39.12 0.91 5.92
N THR A 237 -36.04 1.18 5.45
CA THR A 237 -35.01 2.15 5.84
C THR A 237 -35.24 2.64 7.27
N GLN A 238 -36.48 2.98 7.60
CA GLN A 238 -36.80 3.30 8.99
C GLN A 238 -36.59 2.09 9.89
N ILE A 239 -37.19 0.96 9.53
CA ILE A 239 -37.25 -0.19 10.42
C ILE A 239 -35.86 -0.72 10.71
N SER A 240 -34.99 -0.74 9.69
CA SER A 240 -33.64 -1.24 9.87
C SER A 240 -32.88 -0.45 10.95
N SER A 241 -33.25 0.81 11.16
CA SER A 241 -32.53 1.62 12.15
C SER A 241 -32.81 1.16 13.58
N ASN A 242 -33.92 0.46 13.81
CA ASN A 242 -34.29 -0.04 15.13
C ASN A 242 -34.11 -1.55 15.13
N GLU A 243 -33.08 -2.03 15.83
CA GLU A 243 -32.81 -3.46 15.87
C GLU A 243 -33.96 -4.23 16.52
N ASN A 244 -34.69 -3.59 17.45
CA ASN A 244 -35.78 -4.28 18.12
C ASN A 244 -36.99 -4.45 17.20
N SER A 245 -37.16 -3.55 16.23
CA SER A 245 -38.19 -3.77 15.22
C SER A 245 -37.85 -4.97 14.35
N VAL A 246 -36.60 -5.03 13.88
CA VAL A 246 -36.15 -6.17 13.08
C VAL A 246 -36.32 -7.47 13.86
N GLU A 248 -38.61 -8.22 15.87
CA GLU A 248 -40.00 -8.68 15.82
C GLU A 248 -40.32 -9.36 14.49
N ILE A 249 -39.63 -8.98 13.42
CA ILE A 249 -39.86 -9.61 12.12
C ILE A 249 -39.36 -11.05 12.14
N PHE A 250 -38.17 -11.27 12.70
CA PHE A 250 -37.63 -12.63 12.80
C PHE A 250 -38.33 -13.48 13.84
N ASN A 251 -39.21 -12.88 14.64
CA ASN A 251 -40.05 -13.63 15.57
C ASN A 251 -41.31 -14.16 14.90
N ASP A 252 -41.49 -13.88 13.61
CA ASP A 252 -42.68 -14.26 12.85
C ASP A 252 -42.22 -15.00 11.60
N LEU A 253 -42.67 -16.24 11.44
CA LEU A 253 -42.16 -17.11 10.39
C LEU A 253 -42.45 -16.55 9.00
N GLU A 254 -43.70 -16.16 8.74
CA GLU A 254 -44.08 -15.71 7.40
C GLU A 254 -43.41 -14.40 7.04
N ALA A 255 -43.27 -13.50 8.03
CA ALA A 255 -42.56 -12.25 7.79
C ALA A 255 -41.10 -12.51 7.44
N THR A 256 -40.46 -13.44 8.15
CA THR A 256 -39.10 -13.84 7.81
C THR A 256 -39.02 -14.40 6.41
N LYS A 257 -39.99 -15.23 6.02
CA LYS A 257 -40.00 -15.82 4.68
C LYS A 257 -40.11 -14.74 3.61
N VAL A 258 -40.90 -13.70 3.88
CA VAL A 258 -40.99 -12.59 2.94
C VAL A 258 -39.68 -11.81 2.91
N LEU A 259 -39.09 -11.57 4.08
CA LEU A 259 -37.88 -10.76 4.18
C LEU A 259 -36.72 -11.39 3.42
N VAL A 260 -36.49 -12.69 3.62
CA VAL A 260 -35.29 -13.32 3.09
C VAL A 260 -35.39 -13.54 1.58
N GLN A 261 -36.47 -13.06 0.96
CA GLN A 261 -36.62 -13.10 -0.48
C GLN A 261 -36.46 -11.72 -1.13
N ASN A 262 -36.07 -10.71 -0.35
CA ASN A 262 -35.90 -9.35 -0.86
C ASN A 262 -34.45 -8.93 -0.60
N GLN A 263 -33.66 -8.88 -1.67
CA GLN A 263 -32.25 -8.50 -1.57
C GLN A 263 -32.09 -7.13 -0.91
N ASN A 264 -32.88 -6.15 -1.37
CA ASN A 264 -32.75 -4.78 -0.89
C ASN A 264 -33.02 -4.70 0.61
N SER A 265 -34.05 -5.40 1.09
CA SER A 265 -34.38 -5.36 2.51
C SER A 265 -33.30 -6.03 3.35
N ILE A 266 -32.71 -7.10 2.82
CA ILE A 266 -31.57 -7.73 3.50
C ILE A 266 -30.44 -6.74 3.67
N ASN A 267 -30.07 -6.05 2.60
CA ASN A 267 -29.03 -5.04 2.70
C ASN A 267 -29.41 -3.95 3.72
N LYS A 268 -30.67 -3.51 3.68
CA LYS A 268 -31.14 -2.49 4.61
C LYS A 268 -30.92 -2.93 6.06
N ILE A 269 -31.36 -4.14 6.41
CA ILE A 269 -31.20 -4.58 7.79
C ILE A 269 -29.73 -4.79 8.11
N LEU A 270 -28.90 -5.08 7.10
CA LEU A 270 -27.46 -5.19 7.35
C LEU A 270 -26.77 -3.85 7.51
N THR A 271 -27.45 -2.74 7.23
CA THR A 271 -26.86 -1.45 7.57
C THR A 271 -26.79 -1.17 9.08
N ASN A 272 -27.42 -2.00 9.90
CA ASN A 272 -27.43 -1.83 11.35
C ASN A 272 -26.38 -2.74 11.99
N ASN A 273 -25.45 -2.13 12.75
CA ASN A 273 -24.34 -2.91 13.32
C ASN A 273 -24.81 -3.89 14.38
N VAL A 274 -25.86 -3.54 15.14
CA VAL A 274 -26.39 -4.47 16.14
C VAL A 274 -27.01 -5.68 15.46
N THR A 275 -27.78 -5.45 14.39
CA THR A 275 -28.36 -6.56 13.64
C THR A 275 -27.28 -7.48 13.09
N VAL A 276 -26.22 -6.90 12.53
CA VAL A 276 -25.15 -7.71 11.92
C VAL A 276 -24.40 -8.50 12.99
N GLU A 277 -24.11 -7.85 14.13
CA GLU A 277 -23.18 -8.44 15.09
C GLU A 277 -23.84 -9.46 15.99
N LYS A 278 -25.10 -9.22 16.35
CA LYS A 278 -25.76 -9.98 17.41
C LYS A 278 -26.98 -10.74 16.92
N ILE A 279 -27.87 -10.08 16.16
CA ILE A 279 -29.14 -10.71 15.82
C ILE A 279 -28.94 -11.82 14.79
N ILE A 280 -28.28 -11.49 13.67
CA ILE A 280 -28.08 -12.49 12.62
C ILE A 280 -27.26 -13.68 13.10
N PRO A 281 -26.13 -13.53 13.79
CA PRO A 281 -25.40 -14.72 14.27
C PRO A 281 -26.22 -15.56 15.22
N ASN A 282 -27.03 -14.94 16.08
CA ASN A 282 -27.89 -15.71 16.97
C ASN A 282 -28.93 -16.49 16.17
N LEU A 283 -29.53 -15.86 15.15
CA LEU A 283 -30.46 -16.58 14.28
C LEU A 283 -29.78 -17.73 13.57
N LEU A 284 -28.49 -17.60 13.25
CA LEU A 284 -27.78 -18.71 12.61
C LEU A 284 -27.36 -19.76 13.63
N GLU A 285 -26.82 -19.33 14.78
CA GLU A 285 -26.40 -20.29 15.81
C GLU A 285 -27.56 -21.09 16.36
N LYS A 287 -30.33 -22.87 15.34
CA LYS A 287 -30.85 -24.17 14.94
C LYS A 287 -30.15 -25.31 15.65
N TYR A 288 -28.83 -25.21 15.82
CA TYR A 288 -28.08 -26.26 16.51
C TYR A 288 -28.55 -26.42 17.95
N ASN A 289 -28.57 -25.33 18.71
CA ASN A 289 -29.03 -25.38 20.10
C ASN A 289 -30.47 -25.86 20.18
N LEU A 290 -31.31 -25.41 19.25
CA LEU A 290 -32.71 -25.82 19.26
C LEU A 290 -32.86 -27.31 18.97
N GLN A 291 -32.10 -27.83 18.01
CA GLN A 291 -32.18 -29.26 17.71
C GLN A 291 -31.70 -30.09 18.90
N THR A 292 -30.65 -29.65 19.59
CA THR A 292 -30.19 -30.36 20.78
C THR A 292 -31.26 -30.34 21.87
N SER A 293 -31.84 -29.16 22.12
CA SER A 293 -32.91 -29.05 23.10
C SER A 293 -34.10 -29.93 22.72
N LEU A 294 -34.38 -30.04 21.42
CA LEU A 294 -35.48 -30.89 20.96
C LEU A 294 -35.18 -32.37 21.17
N ASN A 295 -33.91 -32.76 21.02
CA ASN A 295 -33.50 -34.12 21.37
C ASN A 295 -33.77 -34.38 22.85
N TYR A 296 -33.41 -33.43 23.70
CA TYR A 296 -33.70 -33.59 25.13
C TYR A 296 -35.20 -33.67 25.40
N ILE A 297 -36.00 -32.87 24.68
CA ILE A 297 -37.45 -32.92 24.83
C ILE A 297 -37.99 -34.29 24.48
N ASN A 298 -37.49 -34.87 23.37
CA ASN A 298 -38.00 -36.17 22.95
C ASN A 298 -37.51 -37.28 23.86
N THR A 299 -36.36 -37.10 24.50
CA THR A 299 -35.97 -38.03 25.56
C THR A 299 -36.92 -37.93 26.76
N ILE A 300 -37.28 -36.70 27.14
CA ILE A 300 -38.21 -36.49 28.24
C ILE A 300 -39.55 -37.13 27.94
N LYS A 301 -39.98 -37.14 26.67
CA LYS A 301 -41.22 -37.81 26.33
C LYS A 301 -41.20 -39.28 26.72
N SER A 302 -40.13 -39.99 26.35
CA SER A 302 -40.01 -41.40 26.70
C SER A 302 -39.89 -41.60 28.20
N ASN A 303 -39.16 -40.71 28.87
CA ASN A 303 -39.02 -40.83 30.32
C ASN A 303 -40.36 -40.64 31.02
N ILE A 304 -41.18 -39.71 30.54
CA ILE A 304 -42.52 -39.51 31.10
C ILE A 304 -43.36 -40.76 30.87
N ALA A 305 -43.31 -41.30 29.65
CA ALA A 305 -44.06 -42.51 29.35
C ALA A 305 -43.69 -43.65 30.29
N SER A 306 -42.38 -43.84 30.52
CA SER A 306 -41.94 -44.94 31.38
C SER A 306 -42.32 -44.71 32.84
N GLY A 307 -42.00 -43.53 33.37
CA GLY A 307 -42.35 -43.23 34.75
C GLY A 307 -43.84 -43.36 35.01
N LYS A 308 -44.67 -42.99 34.03
CA LYS A 308 -46.10 -43.17 34.17
C LYS A 308 -46.49 -44.64 34.10
N GLY A 309 -45.85 -45.39 33.20
CA GLY A 309 -46.11 -46.82 33.11
C GLY A 309 -45.85 -47.55 34.42
N GLN A 310 -44.82 -47.11 35.15
CA GLN A 310 -44.59 -47.68 36.48
C GLN A 310 -45.81 -47.51 37.38
N ILE A 311 -46.46 -46.34 37.32
CA ILE A 311 -47.63 -46.10 38.16
C ILE A 311 -48.85 -46.85 37.65
N ALA A 313 -49.07 -49.69 36.32
CA ALA A 313 -49.00 -51.12 36.58
C ALA A 313 -49.68 -51.52 37.87
N ILE A 314 -49.88 -50.58 38.80
CA ILE A 314 -50.52 -50.87 40.07
C ILE A 314 -52.02 -50.61 39.88
N THR A 315 -52.78 -51.67 39.69
CA THR A 315 -54.18 -51.58 39.32
C THR A 315 -55.10 -51.98 40.48
N TYR A 316 -56.37 -51.63 40.32
CA TYR A 316 -57.38 -51.91 41.34
C TYR A 316 -58.74 -51.90 40.62
N ASN A 317 -59.29 -53.10 40.39
CA ASN A 317 -60.49 -53.29 39.57
C ASN A 317 -60.27 -52.71 38.17
N GLU A 318 -59.11 -53.02 37.59
CA GLU A 318 -58.72 -52.62 36.25
C GLU A 318 -58.67 -51.10 36.08
N GLU A 319 -58.68 -50.36 37.18
CA GLU A 319 -58.49 -48.93 37.22
C GLU A 319 -57.19 -48.61 37.95
N ILE A 320 -56.83 -47.34 37.98
CA ILE A 320 -55.65 -46.93 38.74
C ILE A 320 -55.93 -47.09 40.22
N PHE A 321 -54.92 -47.52 40.97
CA PHE A 321 -55.01 -47.58 42.42
C PHE A 321 -55.29 -46.18 42.95
N PRO A 322 -56.44 -45.94 43.58
CA PRO A 322 -56.84 -44.57 43.92
C PRO A 322 -55.76 -43.75 44.62
N ILE A 323 -55.00 -44.37 45.52
CA ILE A 323 -53.94 -43.68 46.25
C ILE A 323 -52.92 -43.07 45.30
N LEU A 324 -52.83 -43.57 44.08
CA LEU A 324 -51.86 -43.08 43.10
C LEU A 324 -52.49 -42.22 42.02
N LYS A 325 -53.77 -41.87 42.14
CA LYS A 325 -54.44 -41.15 41.06
C LYS A 325 -53.70 -39.87 40.70
N ASN A 326 -53.28 -39.09 41.71
CA ASN A 326 -52.57 -37.84 41.44
C ASN A 326 -51.28 -38.10 40.68
N ALA A 327 -50.57 -39.18 41.04
CA ALA A 327 -49.32 -39.50 40.34
C ALA A 327 -49.56 -39.65 38.85
N VAL A 328 -50.74 -40.14 38.45
CA VAL A 328 -51.05 -40.21 37.03
C VAL A 328 -51.30 -38.81 36.48
N LYS A 329 -52.15 -38.04 37.14
CA LYS A 329 -52.51 -36.71 36.66
C LYS A 329 -51.27 -35.84 36.50
N ASN A 330 -50.39 -35.84 37.52
CA ASN A 330 -49.14 -35.11 37.43
C ASN A 330 -48.37 -35.50 36.16
N TYR A 331 -48.25 -36.81 35.91
CA TYR A 331 -47.50 -37.26 34.75
C TYR A 331 -48.15 -36.78 33.45
N ASP A 332 -49.48 -36.62 33.45
CA ASP A 332 -50.13 -36.06 32.27
C ASP A 332 -49.84 -34.57 32.15
N GLY A 333 -49.83 -33.86 33.29
CA GLY A 333 -49.51 -32.44 33.25
C GLY A 333 -48.14 -32.18 32.63
N GLU A 335 -46.69 -34.02 30.58
CA GLU A 335 -46.80 -34.30 29.15
C GLU A 335 -47.43 -33.15 28.39
N THR A 336 -48.35 -32.43 29.02
CA THR A 336 -48.94 -31.26 28.38
C THR A 336 -47.88 -30.19 28.15
N THR A 337 -47.28 -29.70 29.23
CA THR A 337 -46.29 -28.63 29.13
C THR A 337 -45.17 -29.01 28.17
N ARG A 338 -44.66 -30.24 28.30
CA ARG A 338 -43.62 -30.71 27.39
C ARG A 338 -44.04 -30.54 25.94
N ASN A 339 -45.25 -31.01 25.61
CA ASN A 339 -45.73 -30.87 24.24
C ASN A 339 -45.71 -29.41 23.82
N ILE A 340 -46.20 -28.53 24.69
CA ILE A 340 -46.16 -27.10 24.40
C ILE A 340 -44.73 -26.70 24.04
N SER A 341 -43.79 -27.01 24.94
CA SER A 341 -42.39 -26.70 24.68
C SER A 341 -41.99 -27.15 23.30
N GLN A 342 -42.29 -28.41 22.97
CA GLN A 342 -41.88 -28.97 21.70
C GLN A 342 -42.37 -28.11 20.56
N ARG A 343 -43.67 -27.81 20.54
CA ARG A 343 -44.24 -27.00 19.47
C ARG A 343 -43.44 -25.72 19.31
N ASP A 344 -43.25 -24.99 20.42
CA ASP A 344 -42.55 -23.71 20.36
C ASP A 344 -41.18 -23.89 19.72
N ILE A 345 -40.43 -24.89 20.19
CA ILE A 345 -39.08 -25.08 19.67
C ILE A 345 -39.15 -25.39 18.19
N GLU A 346 -40.06 -26.28 17.80
CA GLU A 346 -40.19 -26.64 16.39
C GLU A 346 -40.53 -25.43 15.54
N GLU A 347 -41.21 -24.44 16.12
CA GLU A 347 -41.49 -23.23 15.37
C GLU A 347 -40.21 -22.46 15.10
N LYS A 348 -39.38 -22.26 16.13
CA LYS A 348 -38.20 -21.43 15.98
C LYS A 348 -37.24 -22.03 14.96
N ILE A 349 -37.09 -23.36 14.98
CA ILE A 349 -36.26 -24.03 13.99
C ILE A 349 -36.71 -23.66 12.58
N LYS A 350 -38.03 -23.67 12.35
CA LYS A 350 -38.54 -23.30 11.03
C LYS A 350 -38.02 -21.93 10.62
N ILE A 351 -38.03 -20.98 11.55
CA ILE A 351 -37.52 -19.64 11.25
C ILE A 351 -36.08 -19.74 10.76
N SER A 352 -35.23 -20.44 11.52
CA SER A 352 -33.85 -20.66 11.09
C SER A 352 -33.83 -21.27 9.69
N ASP A 353 -34.66 -22.29 9.46
CA ASP A 353 -34.66 -22.96 8.16
C ASP A 353 -35.09 -22.00 7.06
N ALA A 354 -35.98 -21.05 7.36
CA ALA A 354 -36.36 -20.06 6.35
C ALA A 354 -35.16 -19.22 5.95
N ILE A 355 -34.26 -18.94 6.90
CA ILE A 355 -33.08 -18.14 6.59
C ILE A 355 -32.03 -18.97 5.87
N LEU A 356 -31.75 -20.18 6.38
CA LEU A 356 -30.71 -21.02 5.80
C LEU A 356 -31.06 -21.47 4.38
N GLU A 357 -32.34 -21.58 4.05
CA GLU A 357 -32.76 -22.06 2.75
C GLU A 357 -32.87 -20.95 1.71
N SER A 358 -32.60 -19.71 2.09
CA SER A 358 -32.68 -18.56 1.17
C SER A 358 -31.29 -18.28 0.61
N SER A 359 -31.11 -18.54 -0.68
CA SER A 359 -29.82 -18.28 -1.32
C SER A 359 -29.50 -16.79 -1.31
N ILE A 360 -30.52 -15.95 -1.49
CA ILE A 360 -30.33 -14.50 -1.41
C ILE A 360 -29.72 -14.12 -0.06
N ALA A 361 -30.33 -14.59 1.03
CA ALA A 361 -29.86 -14.21 2.35
C ALA A 361 -28.51 -14.83 2.67
N ALA A 363 -25.98 -16.11 0.48
CA ALA A 363 -24.91 -15.54 -0.33
C ALA A 363 -24.45 -14.20 0.23
N THR A 364 -25.40 -13.31 0.51
CA THR A 364 -25.06 -12.02 1.11
C THR A 364 -24.28 -12.21 2.40
N PHE A 365 -24.81 -13.04 3.31
CA PHE A 365 -24.12 -13.29 4.57
C PHE A 365 -22.75 -13.91 4.33
N ALA A 366 -22.61 -14.69 3.25
CA ALA A 366 -21.33 -15.32 2.98
C ALA A 366 -20.26 -14.32 2.56
N ASN A 367 -20.66 -13.11 2.13
CA ASN A 367 -19.71 -12.08 1.73
C ASN A 367 -19.68 -10.92 2.71
N ASN A 368 -20.16 -11.13 3.93
CA ASN A 368 -20.08 -10.15 5.01
C ASN A 368 -19.05 -10.65 6.02
N SER A 369 -18.00 -9.85 6.23
CA SER A 369 -16.85 -10.35 7.00
C SER A 369 -17.17 -10.48 8.48
N ILE A 370 -18.02 -9.60 9.03
CA ILE A 370 -18.40 -9.72 10.43
C ILE A 370 -19.14 -11.03 10.67
N ILE A 371 -20.11 -11.35 9.81
CA ILE A 371 -20.88 -12.56 9.98
C ILE A 371 -20.02 -13.79 9.79
N VAL A 372 -19.09 -13.76 8.83
CA VAL A 372 -18.22 -14.92 8.61
C VAL A 372 -17.28 -15.10 9.79
N ASN A 373 -16.79 -14.00 10.37
CA ASN A 373 -15.97 -14.11 11.57
C ASN A 373 -16.78 -14.69 12.73
N LYS A 374 -18.05 -14.32 12.84
CA LYS A 374 -18.92 -14.94 13.84
C LYS A 374 -19.08 -16.44 13.58
N VAL A 375 -19.26 -16.82 12.31
CA VAL A 375 -19.33 -18.23 11.95
C VAL A 375 -18.08 -18.96 12.41
N GLY A 376 -16.92 -18.30 12.28
CA GLY A 376 -15.67 -18.92 12.72
C GLY A 376 -15.52 -18.97 14.23
N ASP A 377 -16.06 -17.99 14.94
CA ASP A 377 -15.81 -17.85 16.37
C ASP A 377 -16.84 -18.57 17.24
N ARG A 378 -18.09 -18.67 16.79
CA ARG A 378 -19.17 -19.19 17.61
C ARG A 378 -19.40 -20.67 17.30
N VAL A 379 -19.21 -21.51 18.32
CA VAL A 379 -19.62 -22.91 18.22
C VAL A 379 -21.11 -22.98 17.90
N GLY A 380 -21.45 -23.78 16.88
CA GLY A 380 -22.84 -24.05 16.55
C GLY A 380 -23.30 -23.43 15.23
N ILE A 381 -22.74 -22.28 14.86
CA ILE A 381 -23.19 -21.61 13.64
C ILE A 381 -22.84 -22.43 12.41
N ILE A 382 -21.61 -22.96 12.37
CA ILE A 382 -21.18 -23.70 11.19
C ILE A 382 -21.93 -25.01 11.09
N GLU A 383 -22.34 -25.59 12.23
CA GLU A 383 -23.17 -26.79 12.21
C GLU A 383 -24.52 -26.49 11.55
N SER A 384 -25.16 -25.40 11.97
CA SER A 384 -26.41 -24.97 11.36
C SER A 384 -26.24 -24.74 9.86
N ILE A 385 -25.14 -24.09 9.46
CA ILE A 385 -24.89 -23.85 8.04
C ILE A 385 -24.76 -25.16 7.30
N PHE A 386 -24.10 -26.15 7.92
CA PHE A 386 -23.99 -27.47 7.29
C PHE A 386 -25.33 -28.19 7.22
N SER A 387 -26.31 -27.80 8.05
CA SER A 387 -27.58 -28.52 8.08
C SER A 387 -28.43 -28.29 6.83
N LYS A 388 -28.06 -27.39 5.93
CA LYS A 388 -28.85 -27.13 4.73
C LYS A 388 -27.94 -26.99 3.52
N THR A 389 -28.40 -27.48 2.37
CA THR A 389 -27.61 -27.43 1.14
C THR A 389 -27.32 -26.00 0.72
N VAL A 390 -28.35 -25.14 0.71
CA VAL A 390 -28.19 -23.77 0.24
C VAL A 390 -27.14 -23.04 1.09
N SER A 391 -27.31 -23.08 2.41
CA SER A 391 -26.39 -22.39 3.31
C SER A 391 -24.99 -22.99 3.24
N LEU A 392 -24.89 -24.31 3.10
CA LEU A 392 -23.59 -24.95 2.99
C LEU A 392 -22.85 -24.48 1.74
N ASN A 393 -23.50 -24.56 0.59
CA ASN A 393 -22.85 -24.17 -0.66
C ASN A 393 -22.54 -22.68 -0.68
N ALA A 394 -23.40 -21.85 -0.10
CA ALA A 394 -23.16 -20.40 -0.08
C ALA A 394 -21.84 -20.06 0.61
N PHE A 395 -21.56 -20.71 1.74
CA PHE A 395 -20.36 -20.39 2.50
C PHE A 395 -19.13 -21.16 2.01
N LYS A 397 -18.43 -22.17 -1.00
CA LYS A 397 -18.02 -21.73 -2.33
C LYS A 397 -17.73 -20.23 -2.40
N SER A 398 -17.86 -19.51 -1.27
CA SER A 398 -17.46 -18.11 -1.19
C SER A 398 -15.96 -18.05 -0.87
N THR A 399 -15.16 -17.54 -1.82
CA THR A 399 -13.74 -17.39 -1.58
C THR A 399 -13.46 -16.41 -0.45
N THR A 400 -14.32 -15.40 -0.29
CA THR A 400 -14.22 -14.50 0.86
C THR A 400 -14.40 -15.26 2.17
N ALA A 401 -15.49 -16.04 2.25
CA ALA A 401 -15.78 -16.78 3.47
C ALA A 401 -14.66 -17.76 3.81
N ILE A 402 -14.17 -18.50 2.82
CA ILE A 402 -13.07 -19.43 3.05
C ILE A 402 -11.81 -18.68 3.45
N ASN A 403 -11.56 -17.53 2.80
CA ASN A 403 -10.38 -16.72 3.13
C ASN A 403 -10.41 -16.29 4.59
N ILE A 404 -11.60 -16.09 5.16
CA ILE A 404 -11.67 -15.80 6.59
C ILE A 404 -11.60 -17.07 7.42
N LEU A 405 -12.33 -18.12 7.03
CA LEU A 405 -12.50 -19.31 7.86
C LEU A 405 -11.26 -20.18 7.93
N VAL A 406 -10.34 -20.05 6.97
CA VAL A 406 -9.13 -20.87 7.00
C VAL A 406 -8.29 -20.56 8.23
N ASN A 407 -8.53 -19.44 8.89
CA ASN A 407 -7.83 -19.06 10.11
C ASN A 407 -8.58 -19.44 11.38
N LYS A 408 -9.75 -20.08 11.25
CA LYS A 408 -10.57 -20.47 12.39
C LYS A 408 -10.43 -21.99 12.53
N THR A 409 -9.52 -22.41 13.43
CA THR A 409 -9.11 -23.81 13.48
C THR A 409 -10.27 -24.73 13.82
N THR A 410 -11.11 -24.36 14.78
CA THR A 410 -12.23 -25.21 15.16
C THR A 410 -13.22 -25.35 14.00
N ALA A 411 -13.65 -24.22 13.44
CA ALA A 411 -14.57 -24.25 12.31
C ALA A 411 -13.98 -25.00 11.12
N PHE A 412 -12.69 -24.78 10.83
CA PHE A 412 -12.09 -25.45 9.68
C PHE A 412 -11.91 -26.95 9.94
N THR A 413 -11.63 -27.34 11.18
CA THR A 413 -11.61 -28.76 11.51
C THR A 413 -12.97 -29.39 11.29
N LYS A 414 -14.04 -28.69 11.68
CA LYS A 414 -15.38 -29.19 11.41
C LYS A 414 -15.63 -29.31 9.91
N ILE A 415 -15.13 -28.34 9.13
CA ILE A 415 -15.25 -28.43 7.67
C ILE A 415 -14.53 -29.67 7.15
N ALA A 416 -13.30 -29.89 7.63
CA ALA A 416 -12.50 -31.01 7.16
C ALA A 416 -13.13 -32.35 7.54
N ASN A 417 -13.85 -32.39 8.66
CA ASN A 417 -14.49 -33.64 9.06
C ASN A 417 -15.82 -33.88 8.35
N ASN A 418 -16.48 -32.83 7.87
CA ASN A 418 -17.71 -32.96 7.11
C ASN A 418 -17.35 -33.14 5.65
N SER A 419 -17.50 -34.38 5.15
CA SER A 419 -17.11 -34.70 3.78
C SER A 419 -17.84 -33.83 2.77
N THR A 420 -19.14 -33.57 3.00
CA THR A 420 -19.91 -32.78 2.04
C THR A 420 -19.40 -31.36 1.95
N ALA A 421 -19.19 -30.71 3.11
CA ALA A 421 -18.68 -29.34 3.12
C ALA A 421 -17.28 -29.27 2.52
N PHE A 422 -16.42 -30.23 2.87
CA PHE A 422 -15.06 -30.26 2.32
C PHE A 422 -15.09 -30.36 0.81
N ASN A 423 -15.86 -31.32 0.27
CA ASN A 423 -15.95 -31.48 -1.17
C ASN A 423 -16.53 -30.24 -1.85
N ALA A 424 -17.54 -29.62 -1.21
CA ALA A 424 -18.09 -28.39 -1.77
C ALA A 424 -17.05 -27.28 -1.81
N LEU A 426 -13.80 -27.65 -2.06
CA LEU A 426 -12.77 -27.93 -3.05
C LEU A 426 -13.24 -27.76 -4.49
N THR A 427 -14.53 -27.49 -4.73
CA THR A 427 -14.98 -27.23 -6.09
C THR A 427 -14.49 -25.89 -6.62
N ILE A 428 -13.99 -25.02 -5.75
CA ILE A 428 -13.48 -23.70 -6.15
C ILE A 428 -11.96 -23.74 -6.05
N SER A 429 -11.28 -23.55 -7.19
CA SER A 429 -9.82 -23.64 -7.24
C SER A 429 -9.15 -22.64 -6.28
N GLU A 430 -9.58 -21.38 -6.33
CA GLU A 430 -8.99 -20.36 -5.48
C GLU A 430 -9.07 -20.75 -4.01
N ASN A 431 -10.09 -21.50 -3.62
CA ASN A 431 -10.14 -22.03 -2.26
C ASN A 431 -8.98 -22.99 -2.01
N ASN A 432 -8.64 -23.83 -2.99
CA ASN A 432 -7.45 -24.68 -2.85
C ASN A 432 -6.21 -23.84 -2.63
N VAL A 433 -6.07 -22.74 -3.38
CA VAL A 433 -4.91 -21.87 -3.19
C VAL A 433 -4.90 -21.27 -1.79
N THR A 434 -6.06 -20.76 -1.36
CA THR A 434 -6.17 -20.17 -0.02
C THR A 434 -5.79 -21.17 1.07
N ILE A 435 -6.25 -22.41 0.94
CA ILE A 435 -5.93 -23.43 1.93
C ILE A 435 -4.44 -23.73 1.93
N ALA A 436 -3.85 -23.91 0.74
CA ALA A 436 -2.46 -24.32 0.62
C ALA A 436 -1.51 -23.38 1.37
N ASN A 437 -1.82 -22.08 1.38
CA ASN A 437 -0.93 -21.10 1.98
C ASN A 437 -1.17 -20.90 3.47
N ASN A 438 -2.02 -21.71 4.09
CA ASN A 438 -2.30 -21.60 5.52
C ASN A 438 -1.68 -22.81 6.22
N THR A 439 -0.71 -22.55 7.10
CA THR A 439 0.01 -23.64 7.76
C THR A 439 -0.90 -24.45 8.65
N THR A 440 -1.75 -23.77 9.44
CA THR A 440 -2.64 -24.47 10.35
C THR A 440 -3.59 -25.41 9.60
N ALA A 441 -4.33 -24.86 8.63
CA ALA A 441 -5.30 -25.66 7.89
C ALA A 441 -4.65 -26.88 7.25
N GLY A 443 -2.02 -28.32 8.17
CA GLY A 443 -1.70 -29.24 9.24
C GLY A 443 -2.88 -30.12 9.63
N ILE A 444 -4.08 -29.53 9.64
CA ILE A 444 -5.29 -30.29 9.94
C ILE A 444 -5.57 -31.32 8.85
N ILE A 445 -5.55 -30.86 7.59
CA ILE A 445 -5.90 -31.74 6.47
C ILE A 445 -4.88 -32.87 6.34
N ALA A 446 -3.59 -32.57 6.48
CA ALA A 446 -2.56 -33.58 6.26
C ALA A 446 -2.64 -34.70 7.27
N ASN A 447 -3.17 -34.43 8.47
CA ASN A 447 -3.32 -35.44 9.51
C ASN A 447 -4.76 -35.92 9.64
N ASN A 448 -5.54 -35.84 8.57
CA ASN A 448 -6.92 -36.31 8.52
C ASN A 448 -7.00 -37.29 7.36
N ALA A 449 -7.09 -38.59 7.68
CA ALA A 449 -7.03 -39.62 6.65
C ALA A 449 -8.15 -39.47 5.62
N GLN A 450 -9.34 -39.09 6.09
CA GLN A 450 -10.45 -38.90 5.16
C GLN A 450 -10.19 -37.74 4.20
N ALA A 451 -9.86 -36.58 4.75
CA ALA A 451 -9.61 -35.40 3.92
C ALA A 451 -8.49 -35.65 2.93
N SER A 453 -7.60 -38.33 1.75
CA SER A 453 -8.10 -39.25 0.73
C SER A 453 -8.87 -38.50 -0.35
N THR A 454 -9.69 -37.53 0.05
CA THR A 454 -10.39 -36.70 -0.94
C THR A 454 -9.41 -35.87 -1.76
N VAL A 455 -8.42 -35.28 -1.10
CA VAL A 455 -7.45 -34.43 -1.80
C VAL A 455 -6.65 -35.25 -2.81
N ALA A 456 -6.15 -36.41 -2.39
CA ALA A 456 -5.29 -37.21 -3.25
C ALA A 456 -5.99 -37.67 -4.52
N ASN A 457 -7.32 -37.76 -4.52
CA ASN A 457 -8.08 -38.17 -5.69
C ASN A 457 -8.74 -37.00 -6.41
N ASN A 458 -8.41 -35.77 -6.01
CA ASN A 458 -8.93 -34.55 -6.64
C ASN A 458 -7.75 -33.89 -7.34
N ASP A 459 -7.76 -33.95 -8.68
CA ASP A 459 -6.63 -33.47 -9.47
C ASP A 459 -6.26 -32.03 -9.12
N THR A 460 -7.26 -31.14 -9.08
CA THR A 460 -6.99 -29.73 -8.84
C THR A 460 -6.37 -29.51 -7.46
N SER A 461 -6.97 -30.11 -6.43
CA SER A 461 -6.51 -29.88 -5.06
C SER A 461 -5.09 -30.38 -4.88
N ILE A 462 -4.82 -31.63 -5.28
CA ILE A 462 -3.49 -32.20 -5.08
C ILE A 462 -2.46 -31.47 -5.95
N SER A 463 -2.86 -31.04 -7.15
CA SER A 463 -1.94 -30.31 -8.02
C SER A 463 -1.55 -28.97 -7.40
N VAL A 464 -2.52 -28.27 -6.81
CA VAL A 464 -2.21 -27.03 -6.12
C VAL A 464 -1.33 -27.29 -4.91
N PHE A 465 -1.65 -28.34 -4.14
CA PHE A 465 -0.95 -28.58 -2.88
C PHE A 465 0.52 -28.94 -3.11
N VAL A 466 0.78 -29.89 -4.02
CA VAL A 466 2.15 -30.37 -4.21
C VAL A 466 3.04 -29.35 -4.90
N ASN A 467 2.46 -28.32 -5.51
CA ASN A 467 3.22 -27.24 -6.13
C ASN A 467 3.28 -25.99 -5.28
N ASN A 468 2.91 -26.08 -4.00
CA ASN A 468 2.92 -24.96 -3.08
C ASN A 468 3.92 -25.25 -1.97
N THR A 469 4.87 -24.33 -1.77
CA THR A 469 5.98 -24.59 -0.86
C THR A 469 5.51 -24.81 0.57
N THR A 470 4.44 -24.13 0.99
CA THR A 470 3.93 -24.32 2.34
C THR A 470 3.26 -25.69 2.48
N ALA A 471 2.19 -25.91 1.71
CA ALA A 471 1.45 -27.17 1.80
C ALA A 471 2.36 -28.38 1.61
N GLY A 473 5.43 -28.56 2.01
CA GLY A 473 6.31 -28.66 3.16
C GLY A 473 5.67 -29.41 4.32
N ILE A 474 4.38 -29.18 4.53
CA ILE A 474 3.66 -29.87 5.60
C ILE A 474 3.39 -31.31 5.22
N ILE A 475 2.95 -31.55 3.98
CA ILE A 475 2.67 -32.89 3.51
C ILE A 475 3.88 -33.80 3.69
N ALA A 476 5.06 -33.30 3.35
CA ALA A 476 6.28 -34.09 3.48
C ALA A 476 6.57 -34.49 4.93
N ASN A 477 6.02 -33.78 5.90
CA ASN A 477 6.20 -34.11 7.31
C ASN A 477 5.03 -34.88 7.90
N SER A 478 4.04 -35.24 7.10
CA SER A 478 2.87 -35.96 7.56
C SER A 478 2.92 -37.38 6.99
N SER A 479 3.10 -38.37 7.88
CA SER A 479 3.16 -39.75 7.43
C SER A 479 1.81 -40.23 6.88
N THR A 480 0.71 -39.68 7.39
CA THR A 480 -0.59 -39.97 6.82
C THR A 480 -0.66 -39.55 5.36
N ALA A 481 -0.49 -38.25 5.10
CA ALA A 481 -0.63 -37.72 3.75
C ALA A 481 0.27 -38.46 2.78
N THR A 483 1.57 -41.38 2.92
CA THR A 483 1.01 -42.70 2.69
C THR A 483 -0.04 -42.65 1.58
N LYS A 484 -1.09 -41.85 1.80
CA LYS A 484 -2.14 -41.75 0.80
C LYS A 484 -1.57 -41.40 -0.56
N ILE A 485 -0.72 -40.36 -0.61
CA ILE A 485 -0.18 -39.91 -1.89
C ILE A 485 0.66 -41.00 -2.54
N THR A 486 1.44 -41.73 -1.74
CA THR A 486 2.30 -42.74 -2.35
C THR A 486 1.51 -43.97 -2.80
N LEU A 487 0.23 -44.06 -2.46
CA LEU A 487 -0.60 -45.18 -2.89
C LEU A 487 -1.60 -44.78 -3.96
N THR A 488 -1.59 -43.53 -4.41
CA THR A 488 -2.53 -43.04 -5.41
C THR A 488 -1.76 -42.63 -6.65
N GLY A 489 -2.13 -43.22 -7.80
CA GLY A 489 -1.45 -42.90 -9.04
C GLY A 489 -1.50 -41.43 -9.39
N LEU A 490 -2.69 -40.84 -9.33
CA LEU A 490 -2.87 -39.43 -9.66
C LEU A 490 -1.99 -38.53 -8.79
N ALA A 491 -2.10 -38.69 -7.47
CA ALA A 491 -1.36 -37.84 -6.54
C ALA A 491 0.14 -38.02 -6.69
N LEU A 492 0.60 -39.27 -6.80
CA LEU A 492 2.03 -39.52 -6.95
C LEU A 492 2.55 -38.93 -8.25
N ASN A 493 1.78 -39.05 -9.34
CA ASN A 493 2.12 -38.42 -10.60
C ASN A 493 2.32 -36.91 -10.42
N ARG A 494 1.28 -36.24 -9.89
CA ARG A 494 1.34 -34.79 -9.74
C ARG A 494 2.49 -34.37 -8.83
N VAL A 496 5.35 -36.05 -8.29
CA VAL A 496 6.60 -36.29 -8.99
C VAL A 496 6.90 -35.16 -9.97
N LYS A 497 5.87 -34.69 -10.67
CA LYS A 497 6.10 -33.62 -11.65
C LYS A 497 6.48 -32.30 -10.96
N SER A 498 6.03 -32.09 -9.73
CA SER A 498 6.29 -30.84 -9.04
C SER A 498 7.77 -30.70 -8.70
N ASN A 499 8.37 -29.58 -9.13
CA ASN A 499 9.75 -29.29 -8.73
C ASN A 499 9.82 -28.91 -7.26
N THR A 500 8.80 -28.23 -6.74
CA THR A 500 8.73 -27.95 -5.31
C THR A 500 8.79 -29.24 -4.50
N ALA A 501 7.96 -30.21 -4.88
CA ALA A 501 7.92 -31.48 -4.16
C ALA A 501 9.23 -32.24 -4.30
N LYS A 502 9.79 -32.27 -5.51
CA LYS A 502 11.07 -32.94 -5.70
C LYS A 502 12.15 -32.33 -4.82
N SER A 503 12.22 -31.00 -4.78
CA SER A 503 13.22 -30.33 -3.94
C SER A 503 13.02 -30.69 -2.47
N ILE A 504 11.79 -30.54 -1.96
CA ILE A 504 11.54 -30.80 -0.55
C ILE A 504 11.87 -32.25 -0.20
N LEU A 505 11.42 -33.19 -1.03
CA LEU A 505 11.62 -34.61 -0.74
C LEU A 505 13.09 -35.00 -0.85
N ILE A 506 13.82 -34.40 -1.78
CA ILE A 506 15.24 -34.71 -1.92
C ILE A 506 16.02 -34.15 -0.74
N SER A 507 15.59 -33.02 -0.18
CA SER A 507 16.19 -32.55 1.06
C SER A 507 15.83 -33.42 2.25
N LYS A 508 14.76 -34.21 2.14
CA LYS A 508 14.35 -35.15 3.18
C LYS A 508 14.42 -36.58 2.68
N ASN A 509 15.61 -37.00 2.22
CA ASN A 509 15.73 -38.25 1.48
C ASN A 509 15.23 -39.44 2.28
N SER A 510 15.48 -39.47 3.59
CA SER A 510 15.05 -40.62 4.40
C SER A 510 13.53 -40.76 4.41
N THR A 511 12.82 -39.63 4.53
CA THR A 511 11.37 -39.66 4.43
C THR A 511 10.91 -40.22 3.09
N LEU A 512 11.57 -39.80 2.00
CA LEU A 512 11.25 -40.33 0.69
C LEU A 512 11.44 -41.85 0.64
N GLN A 513 12.60 -42.33 1.07
CA GLN A 513 12.91 -43.75 0.98
C GLN A 513 12.03 -44.59 1.89
N THR A 514 11.46 -43.99 2.94
CA THR A 514 10.48 -44.71 3.76
C THR A 514 9.37 -45.32 2.92
N TYR A 515 8.97 -44.66 1.83
CA TYR A 515 7.83 -45.07 1.02
C TYR A 515 8.24 -45.66 -0.33
N LYS A 516 9.43 -46.26 -0.38
CA LYS A 516 9.94 -46.78 -1.65
C LYS A 516 9.05 -47.89 -2.20
N ASN A 517 8.51 -48.73 -1.31
CA ASN A 517 7.69 -49.84 -1.77
C ASN A 517 6.32 -49.36 -2.27
N ASN A 518 5.69 -48.45 -1.52
CA ASN A 518 4.47 -47.80 -2.01
C ASN A 518 4.70 -47.18 -3.38
N ILE A 519 5.82 -46.47 -3.54
CA ILE A 519 6.08 -45.78 -4.80
C ILE A 519 6.28 -46.77 -5.93
N GLN A 520 7.09 -47.80 -5.71
CA GLN A 520 7.30 -48.82 -6.73
C GLN A 520 5.99 -49.48 -7.15
N ASN A 521 5.19 -49.89 -6.17
CA ASN A 521 3.92 -50.56 -6.47
C ASN A 521 2.97 -49.64 -7.22
N THR A 522 2.88 -48.37 -6.79
CA THR A 522 1.97 -47.44 -7.45
C THR A 522 2.42 -47.14 -8.88
N ILE A 523 3.73 -47.00 -9.09
CA ILE A 523 4.24 -46.72 -10.43
C ILE A 523 3.99 -47.89 -11.36
N GLN A 524 4.38 -49.10 -10.94
CA GLN A 524 4.23 -50.26 -11.80
C GLN A 524 2.77 -50.63 -12.02
N GLY A 525 1.91 -50.39 -11.02
CA GLY A 525 0.50 -50.73 -11.13
C GLY A 525 -0.33 -49.76 -11.95
N SER A 526 -0.09 -48.46 -11.78
CA SER A 526 -0.93 -47.43 -12.37
C SER A 526 -0.35 -47.01 -13.71
N THR A 527 -0.66 -47.79 -14.74
CA THR A 527 -0.21 -47.48 -16.10
C THR A 527 -0.95 -46.28 -16.68
N ALA A 528 -2.09 -45.89 -16.10
CA ALA A 528 -2.77 -44.68 -16.54
C ALA A 528 -1.94 -43.44 -16.28
N TYR A 529 -1.11 -43.45 -15.23
CA TYR A 529 -0.38 -42.27 -14.82
C TYR A 529 1.13 -42.39 -14.92
N PHE A 530 1.66 -43.59 -15.18
CA PHE A 530 3.10 -43.79 -15.30
C PHE A 530 3.40 -44.71 -16.46
N ARG A 531 4.49 -44.43 -17.16
CA ARG A 531 4.99 -45.28 -18.24
C ARG A 531 6.44 -45.63 -17.96
N THR A 532 6.88 -46.76 -18.51
CA THR A 532 8.25 -47.23 -18.32
C THR A 532 9.15 -46.62 -19.38
N ILE A 533 10.21 -45.94 -18.94
CA ILE A 533 11.25 -45.47 -19.85
C ILE A 533 12.32 -46.52 -20.05
N THR A 534 12.72 -47.19 -18.98
CA THR A 534 13.74 -48.24 -19.04
C THR A 534 13.33 -49.35 -18.09
N GLY A 535 13.07 -50.54 -18.65
CA GLY A 535 12.87 -51.70 -17.80
C GLY A 535 14.11 -52.05 -17.01
N PHE A 536 13.92 -52.83 -15.95
CA PHE A 536 15.03 -53.20 -15.08
C PHE A 536 16.16 -53.84 -15.88
N ALA A 537 17.38 -53.39 -15.62
CA ALA A 537 18.54 -53.88 -16.34
C ALA A 537 19.75 -53.87 -15.42
N ASP A 538 20.61 -54.86 -15.60
CA ASP A 538 21.84 -54.96 -14.83
C ASP A 538 22.92 -54.12 -15.48
N ALA A 539 23.89 -53.68 -14.67
CA ALA A 539 24.93 -52.79 -15.17
C ALA A 539 26.17 -52.96 -14.32
N ASP A 540 27.29 -53.31 -14.96
CA ASP A 540 28.57 -53.36 -14.26
C ASP A 540 29.18 -51.96 -14.16
N ASP A 541 29.21 -51.23 -15.25
CA ASP A 541 29.71 -49.86 -15.28
C ASP A 541 28.56 -48.87 -15.13
N ASN A 542 28.92 -47.64 -14.78
CA ASN A 542 27.94 -46.58 -14.52
C ASN A 542 27.05 -46.35 -15.74
N PRO A 543 25.74 -46.50 -15.61
CA PRO A 543 24.84 -46.10 -16.69
C PRO A 543 24.92 -44.60 -16.91
N PRO A 544 24.57 -44.12 -18.10
CA PRO A 544 24.60 -42.67 -18.35
C PRO A 544 23.50 -41.97 -17.55
N GLN A 545 23.87 -40.87 -16.89
CA GLN A 545 22.90 -40.13 -16.12
C GLN A 545 21.84 -39.52 -17.03
N THR A 546 20.61 -39.45 -16.52
CA THR A 546 19.51 -38.81 -17.21
C THR A 546 18.86 -37.81 -16.27
N ILE A 547 18.54 -36.64 -16.78
CA ILE A 547 17.91 -35.58 -16.01
C ILE A 547 16.62 -35.19 -16.71
N ASN A 548 15.49 -35.40 -16.03
CA ASN A 548 14.18 -35.01 -16.56
C ASN A 548 13.24 -34.89 -15.37
N SER A 549 12.61 -33.72 -15.22
CA SER A 549 11.84 -33.42 -14.02
C SER A 549 10.53 -34.22 -13.93
N THR A 550 10.24 -35.09 -14.90
CA THR A 550 9.09 -35.97 -14.83
C THR A 550 9.49 -37.43 -14.61
N TYR A 551 10.77 -37.70 -14.38
CA TYR A 551 11.27 -39.06 -14.26
C TYR A 551 11.32 -39.53 -12.81
N VAL A 552 11.10 -40.83 -12.62
CA VAL A 552 11.30 -41.50 -11.34
C VAL A 552 12.12 -42.75 -11.59
N GLY A 553 13.22 -42.90 -10.86
CA GLY A 553 14.10 -44.05 -11.01
C GLY A 553 14.04 -44.96 -9.80
N ILE A 554 14.21 -46.25 -10.05
CA ILE A 554 14.32 -47.27 -9.00
C ILE A 554 15.63 -48.01 -9.25
N THR A 555 16.51 -48.01 -8.25
CA THR A 555 17.88 -48.48 -8.47
C THR A 555 18.32 -49.38 -7.33
N TYR A 556 18.63 -50.64 -7.65
CA TYR A 556 19.32 -51.54 -6.75
C TYR A 556 20.81 -51.32 -6.88
N CYS A 557 21.47 -51.06 -5.75
CA CYS A 557 22.91 -50.84 -5.70
C CYS A 557 23.53 -51.97 -4.87
N TYR A 558 24.57 -52.60 -5.41
CA TYR A 558 25.25 -53.66 -4.68
C TYR A 558 26.64 -53.85 -5.28
N GLY A 559 27.33 -54.91 -4.83
CA GLY A 559 28.66 -55.17 -5.31
C GLY A 559 28.70 -56.15 -6.48
N TYR A 560 29.81 -56.09 -7.22
CA TYR A 560 30.06 -57.06 -8.29
C TYR A 560 30.26 -58.45 -7.72
N LYS A 561 29.47 -59.41 -8.20
CA LYS A 561 29.47 -60.78 -7.69
C LYS A 561 29.37 -60.81 -6.16
N GLY A 562 28.70 -59.82 -5.59
CA GLY A 562 28.53 -59.76 -4.16
C GLY A 562 29.72 -59.29 -3.38
N ASN A 563 30.67 -58.59 -4.02
CA ASN A 563 31.82 -58.10 -3.29
C ASN A 563 31.41 -56.96 -2.35
N SER A 564 32.40 -56.39 -1.66
CA SER A 564 32.14 -55.37 -0.65
C SER A 564 32.26 -53.95 -1.20
N TYR A 565 32.22 -53.78 -2.51
CA TYR A 565 32.31 -52.47 -3.12
C TYR A 565 30.91 -51.94 -3.45
N TYR A 566 30.80 -50.62 -3.52
CA TYR A 566 29.52 -49.94 -3.43
C TYR A 566 29.07 -49.41 -4.79
N GLY A 567 27.79 -49.60 -5.08
CA GLY A 567 27.08 -48.80 -6.07
C GLY A 567 26.36 -47.68 -5.35
N ILE A 568 26.33 -46.51 -6.00
CA ILE A 568 25.76 -45.29 -5.41
C ILE A 568 24.85 -44.65 -6.45
N VAL A 569 23.69 -44.17 -5.99
CA VAL A 569 22.73 -43.51 -6.87
C VAL A 569 22.32 -42.18 -6.24
N TYR A 570 22.27 -41.15 -7.09
CA TYR A 570 21.93 -39.77 -6.75
C TYR A 570 20.71 -39.34 -7.55
N HIS A 571 19.95 -38.40 -6.99
CA HIS A 571 18.76 -37.90 -7.66
C HIS A 571 19.10 -37.12 -8.92
N GLY A 572 18.20 -37.20 -9.91
CA GLY A 572 18.39 -36.45 -11.14
C GLY A 572 18.16 -34.96 -10.96
N TYR A 573 17.16 -34.59 -10.15
CA TYR A 573 16.83 -33.19 -9.95
C TYR A 573 17.95 -32.44 -9.22
N ASN A 574 18.82 -33.16 -8.51
CA ASN A 574 20.02 -32.56 -7.92
C ASN A 574 21.05 -33.69 -7.83
N THR A 575 21.94 -33.77 -8.82
CA THR A 575 22.85 -34.89 -8.95
C THR A 575 23.94 -34.92 -7.88
N SER A 576 23.92 -34.00 -6.93
CA SER A 576 24.87 -34.01 -5.83
C SER A 576 24.30 -34.62 -4.55
N ILE A 577 23.00 -34.90 -4.52
CA ILE A 577 22.35 -35.46 -3.34
C ILE A 577 22.23 -36.97 -3.53
N GLU A 578 22.86 -37.72 -2.64
CA GLU A 578 22.81 -39.18 -2.72
C GLU A 578 21.42 -39.68 -2.34
N ALA A 579 20.85 -40.52 -3.20
CA ALA A 579 19.63 -41.23 -2.84
C ALA A 579 19.94 -42.50 -2.08
N GLY A 580 21.03 -43.19 -2.42
CA GLY A 580 21.39 -44.37 -1.65
C GLY A 580 22.64 -45.02 -2.18
N ARG A 581 23.08 -46.05 -1.45
CA ARG A 581 24.22 -46.84 -1.87
C ARG A 581 24.10 -48.25 -1.29
N GLY A 582 24.89 -49.16 -1.83
CA GLY A 582 24.89 -50.53 -1.36
C GLY A 582 26.01 -51.40 -1.88
N ASN A 583 26.43 -52.36 -1.06
CA ASN A 583 27.37 -53.41 -1.49
C ASN A 583 26.74 -54.78 -1.28
N GLY A 584 27.57 -55.83 -1.30
CA GLY A 584 27.05 -57.15 -1.05
C GLY A 584 26.18 -57.67 -2.18
N TYR A 585 25.13 -58.39 -1.83
CA TYR A 585 24.23 -59.00 -2.79
C TYR A 585 23.03 -58.11 -3.03
N LYS A 586 22.42 -58.26 -4.21
CA LYS A 586 21.16 -57.58 -4.50
C LYS A 586 20.14 -57.85 -3.40
N ASP A 587 19.40 -56.80 -3.03
CA ASP A 587 18.56 -56.89 -1.83
C ASP A 587 17.53 -55.79 -1.87
N GLU A 588 16.36 -56.07 -1.30
CA GLU A 588 15.26 -55.11 -1.29
C GLU A 588 15.54 -53.93 -0.38
N THR A 589 16.44 -54.08 0.60
CA THR A 589 16.82 -52.95 1.44
C THR A 589 17.82 -52.04 0.75
N LYS A 590 18.53 -52.53 -0.26
CA LYS A 590 19.49 -51.73 -1.02
C LYS A 590 18.92 -51.32 -2.37
N LYS A 591 17.70 -50.79 -2.33
CA LYS A 591 16.96 -50.33 -3.50
C LYS A 591 16.42 -48.94 -3.17
N PHE A 592 16.62 -47.99 -4.08
CA PHE A 592 16.38 -46.59 -3.76
C PHE A 592 15.59 -45.89 -4.86
N ILE A 593 14.76 -44.93 -4.44
CA ILE A 593 13.99 -44.06 -5.31
C ILE A 593 14.80 -42.81 -5.62
N THR A 594 14.79 -42.40 -6.89
CA THR A 594 15.38 -41.15 -7.32
C THR A 594 14.34 -40.30 -8.05
N LEU A 595 14.33 -39.00 -7.80
CA LEU A 595 13.38 -38.08 -8.39
C LEU A 595 14.05 -37.19 -9.42
N GLY A 596 13.39 -37.01 -10.56
CA GLY A 596 13.90 -36.15 -11.61
C GLY A 596 15.02 -36.73 -12.43
N GLY A 597 15.14 -38.05 -12.47
CA GLY A 597 16.24 -38.70 -13.13
C GLY A 597 17.11 -39.46 -12.15
N ALA A 598 18.36 -39.70 -12.57
CA ALA A 598 19.31 -40.39 -11.72
C ALA A 598 20.72 -40.18 -12.23
N ARG A 599 21.68 -40.24 -11.30
CA ARG A 599 23.09 -40.27 -11.61
C ARG A 599 23.71 -41.44 -10.86
N TYR A 600 24.55 -42.21 -11.54
CA TYR A 600 25.09 -43.45 -11.00
C TYR A 600 26.59 -43.33 -10.83
N ASP A 601 27.11 -43.89 -9.73
CA ASP A 601 28.54 -43.85 -9.44
C ASP A 601 28.93 -45.10 -8.69
N GLN A 602 30.22 -45.37 -8.63
CA GLN A 602 30.74 -46.55 -7.94
C GLN A 602 31.89 -46.18 -7.02
N SER A 603 31.95 -46.86 -5.89
CA SER A 603 33.13 -46.90 -5.03
C SER A 603 33.69 -48.31 -5.15
N GLY A 604 34.76 -48.45 -5.94
CA GLY A 604 35.21 -49.76 -6.32
C GLY A 604 34.34 -50.33 -7.43
N ASP A 605 34.50 -51.63 -7.66
CA ASP A 605 33.72 -52.32 -8.69
C ASP A 605 32.33 -52.61 -8.15
N GLY A 606 31.42 -51.64 -8.33
CA GLY A 606 30.04 -51.79 -7.93
C GLY A 606 29.19 -52.43 -9.02
N TYR A 607 27.88 -52.43 -8.78
CA TYR A 607 26.95 -53.06 -9.69
C TYR A 607 25.55 -52.51 -9.44
N PHE A 608 24.76 -52.42 -10.51
CA PHE A 608 23.43 -51.83 -10.46
C PHE A 608 22.42 -52.74 -11.13
N THR A 609 21.19 -52.69 -10.64
CA THR A 609 20.02 -53.16 -11.37
C THR A 609 18.98 -52.04 -11.32
N TYR A 610 18.69 -51.43 -12.46
CA TYR A 610 18.02 -50.13 -12.43
C TYR A 610 16.91 -50.06 -13.47
N ALA A 611 15.89 -49.28 -13.14
CA ALA A 611 14.78 -48.99 -14.04
C ALA A 611 14.40 -47.52 -13.91
N TYR A 613 11.19 -44.58 -14.84
CA TYR A 613 9.79 -44.38 -15.17
C TYR A 613 9.51 -42.89 -15.33
N GLN A 614 8.38 -42.58 -15.96
CA GLN A 614 7.99 -41.19 -16.22
C GLN A 614 6.53 -40.99 -15.84
N ALA A 615 6.25 -39.91 -15.13
CA ALA A 615 4.87 -39.50 -14.87
C ALA A 615 4.25 -38.93 -16.13
N ILE A 616 3.16 -39.54 -16.58
CA ILE A 616 2.48 -39.11 -17.79
C ILE A 616 1.79 -37.77 -17.58
N GLN B 14 78.45 -41.16 -76.87
CA GLN B 14 77.00 -41.33 -76.77
C GLN B 14 76.56 -41.68 -75.35
N GLY B 15 75.46 -41.08 -74.92
CA GLY B 15 74.75 -41.56 -73.76
C GLY B 15 73.78 -42.63 -74.20
N GLU B 16 72.61 -42.19 -74.69
CA GLU B 16 71.61 -43.07 -75.26
C GLU B 16 71.59 -42.91 -76.78
N PRO B 17 71.11 -43.92 -77.51
CA PRO B 17 71.14 -43.84 -78.98
C PRO B 17 70.27 -42.72 -79.52
N LEU B 18 70.56 -42.32 -80.76
CA LEU B 18 69.92 -41.16 -81.35
C LEU B 18 68.41 -41.35 -81.51
N ASN B 19 67.99 -42.55 -81.91
CA ASN B 19 66.57 -42.81 -82.10
C ASN B 19 65.79 -42.63 -80.81
N PHE B 20 66.40 -42.93 -79.66
CA PHE B 20 65.76 -42.63 -78.38
C PHE B 20 65.50 -41.14 -78.23
N LEU B 21 66.47 -40.31 -78.61
CA LEU B 21 66.29 -38.87 -78.52
C LEU B 21 65.19 -38.40 -79.44
N SER B 22 65.14 -38.95 -80.66
CA SER B 22 64.06 -38.62 -81.58
C SER B 22 62.70 -39.05 -81.03
N TYR B 23 62.65 -40.21 -80.36
CA TYR B 23 61.41 -40.66 -79.73
C TYR B 23 60.96 -39.68 -78.66
N LEU B 24 61.90 -39.21 -77.83
CA LEU B 24 61.55 -38.24 -76.80
C LEU B 24 61.05 -36.94 -77.43
N GLN B 25 61.67 -36.53 -78.54
CA GLN B 25 61.23 -35.32 -79.24
C GLN B 25 59.81 -35.48 -79.76
N ASP B 26 59.52 -36.62 -80.39
CA ASP B 26 58.18 -36.83 -80.91
C ASP B 26 57.15 -36.97 -79.79
N ILE B 27 57.53 -37.55 -78.65
CA ILE B 27 56.61 -37.61 -77.52
C ILE B 27 56.29 -36.19 -77.05
N LYS B 28 57.32 -35.34 -76.93
CA LYS B 28 57.09 -33.96 -76.55
C LYS B 28 56.15 -33.25 -77.53
N LEU B 29 56.40 -33.43 -78.84
CA LEU B 29 55.63 -32.68 -79.82
C LEU B 29 54.19 -33.20 -79.98
N ASN B 30 53.96 -34.50 -79.79
CA ASN B 30 52.69 -35.10 -80.15
C ASN B 30 51.89 -35.63 -78.96
N GLY B 31 52.40 -35.56 -77.73
CA GLY B 31 51.67 -36.13 -76.61
C GLY B 31 51.35 -37.59 -76.83
N LEU B 32 50.13 -37.97 -76.49
CA LEU B 32 49.67 -39.35 -76.66
C LEU B 32 49.44 -39.72 -78.12
N ASP B 33 49.43 -38.75 -79.03
CA ASP B 33 49.27 -39.03 -80.45
C ASP B 33 50.57 -39.44 -81.13
N SER B 34 51.66 -39.54 -80.38
CA SER B 34 52.94 -39.93 -80.96
C SER B 34 52.89 -41.35 -81.49
N TYR B 35 53.60 -41.59 -82.60
CA TYR B 35 53.72 -42.95 -83.12
C TYR B 35 54.38 -43.87 -82.11
N VAL B 36 55.22 -43.32 -81.22
CA VAL B 36 55.87 -44.13 -80.20
C VAL B 36 54.84 -44.78 -79.29
N LEU B 37 53.76 -44.06 -78.99
CA LEU B 37 52.76 -44.52 -78.02
C LEU B 37 51.58 -45.22 -78.67
N PHE B 38 51.63 -45.49 -79.97
CA PHE B 38 50.60 -46.31 -80.60
C PHE B 38 50.82 -47.76 -80.23
N ILE B 39 49.72 -48.45 -79.90
CA ILE B 39 49.81 -49.84 -79.44
C ILE B 39 50.52 -50.71 -80.47
N GLY B 40 50.30 -50.45 -81.76
CA GLY B 40 50.95 -51.21 -82.81
C GLY B 40 52.46 -51.13 -82.79
N ASN B 41 53.03 -50.12 -82.13
CA ASN B 41 54.46 -49.96 -82.02
C ASN B 41 54.96 -50.25 -80.61
N ALA B 42 54.17 -50.99 -79.81
CA ALA B 42 54.54 -51.27 -78.43
C ALA B 42 55.96 -51.77 -78.31
N ARG B 43 56.39 -52.60 -79.27
CA ARG B 43 57.72 -53.19 -79.27
C ARG B 43 58.80 -52.15 -79.03
N ILE B 44 58.75 -51.04 -79.77
CA ILE B 44 59.79 -50.01 -79.58
C ILE B 44 59.55 -49.29 -78.25
N TRP B 45 58.28 -49.00 -77.94
CA TRP B 45 57.94 -48.33 -76.69
C TRP B 45 58.55 -49.07 -75.50
N GLU B 46 58.32 -50.38 -75.44
CA GLU B 46 58.94 -51.19 -74.40
C GLU B 46 60.46 -51.00 -74.40
N GLU B 47 61.10 -51.21 -75.56
CA GLU B 47 62.54 -51.08 -75.63
C GLU B 47 62.99 -49.73 -75.08
N LEU B 48 62.18 -48.71 -75.27
CA LEU B 48 62.53 -47.40 -74.72
C LEU B 48 62.51 -47.44 -73.20
N TYR B 49 61.34 -47.76 -72.61
CA TYR B 49 61.22 -47.56 -71.16
C TYR B 49 61.98 -48.61 -70.37
N LEU B 50 62.39 -49.71 -71.01
CA LEU B 50 63.28 -50.66 -70.35
C LEU B 50 64.72 -50.17 -70.34
N ASN B 51 65.13 -49.41 -71.36
CA ASN B 51 66.54 -49.07 -71.53
C ASN B 51 66.88 -47.59 -71.33
N SER B 52 65.89 -46.70 -71.38
CA SER B 52 66.16 -45.27 -71.30
C SER B 52 66.09 -44.77 -69.87
N LEU B 53 67.07 -43.95 -69.48
CA LEU B 53 66.95 -43.10 -68.30
C LEU B 53 66.45 -41.70 -68.65
N TYR B 54 66.83 -41.18 -69.82
CA TYR B 54 66.37 -39.86 -70.25
C TYR B 54 64.85 -39.78 -70.21
N LEU B 55 64.17 -40.87 -70.60
CA LEU B 55 62.71 -40.89 -70.57
C LEU B 55 62.17 -40.56 -69.19
N PHE B 56 62.81 -41.07 -68.14
CA PHE B 56 62.31 -40.88 -66.78
C PHE B 56 62.81 -39.60 -66.12
N SER B 57 63.77 -38.91 -66.73
CA SER B 57 64.27 -37.64 -66.19
C SER B 57 63.85 -36.45 -67.03
N ASP B 58 63.05 -36.67 -68.08
CA ASP B 58 62.53 -35.59 -68.91
C ASP B 58 61.19 -35.15 -68.33
N ARG B 59 61.24 -34.16 -67.43
CA ARG B 59 60.01 -33.69 -66.78
C ARG B 59 59.04 -33.09 -67.78
N GLY B 60 59.53 -32.50 -68.86
CA GLY B 60 58.67 -31.84 -69.82
C GLY B 60 57.67 -32.75 -70.50
N ILE B 61 57.87 -34.07 -70.42
CA ILE B 61 56.94 -35.03 -70.98
C ILE B 61 56.37 -35.96 -69.90
N ARG B 62 56.67 -35.67 -68.63
CA ARG B 62 56.35 -36.61 -67.55
C ARG B 62 54.87 -36.98 -67.55
N GLU B 63 53.99 -35.97 -67.57
CA GLU B 63 52.56 -36.23 -67.55
C GLU B 63 52.15 -37.17 -68.67
N THR B 64 52.73 -36.98 -69.87
CA THR B 64 52.43 -37.90 -70.96
C THR B 64 52.90 -39.31 -70.61
N VAL B 65 54.16 -39.43 -70.18
CA VAL B 65 54.74 -40.75 -69.95
C VAL B 65 53.93 -41.52 -68.91
N TYR B 66 53.64 -40.88 -67.77
CA TYR B 66 52.83 -41.53 -66.75
C TYR B 66 51.49 -41.99 -67.31
N THR B 67 50.85 -41.17 -68.15
CA THR B 67 49.58 -41.58 -68.73
C THR B 67 49.77 -42.74 -69.70
N ALA B 68 50.89 -42.75 -70.43
CA ALA B 68 51.09 -43.75 -71.47
C ALA B 68 51.27 -45.15 -70.90
N PHE B 69 51.79 -45.24 -69.67
CA PHE B 69 52.06 -46.55 -69.06
C PHE B 69 50.79 -47.36 -68.86
N SER B 70 50.65 -48.45 -69.61
CA SER B 70 49.58 -49.39 -69.35
C SER B 70 49.98 -50.31 -68.19
N GLU B 71 49.01 -51.07 -67.71
CA GLU B 71 49.27 -52.07 -66.68
C GLU B 71 50.35 -53.04 -67.14
N THR B 72 50.26 -53.48 -68.40
CA THR B 72 51.26 -54.36 -68.97
C THR B 72 52.63 -53.69 -69.01
N ASP B 73 52.67 -52.39 -69.33
CA ASP B 73 53.96 -51.67 -69.34
C ASP B 73 54.61 -51.67 -67.97
N ILE B 74 53.82 -51.42 -66.91
CA ILE B 74 54.38 -51.43 -65.56
C ILE B 74 54.86 -52.83 -65.20
N ASP B 75 54.08 -53.86 -65.55
CA ASP B 75 54.52 -55.22 -65.32
C ASP B 75 55.84 -55.50 -66.03
N ASN B 76 55.98 -55.03 -67.27
CA ASN B 76 57.23 -55.21 -68.01
C ASN B 76 58.38 -54.51 -67.31
N LEU B 77 58.16 -53.28 -66.84
CA LEU B 77 59.19 -52.58 -66.08
C LEU B 77 59.65 -53.41 -64.89
N PHE B 78 58.70 -53.82 -64.04
CA PHE B 78 59.07 -54.59 -62.84
C PHE B 78 59.78 -55.89 -63.19
N ASN B 79 59.29 -56.60 -64.22
CA ASN B 79 59.84 -57.92 -64.52
C ASN B 79 61.20 -57.86 -65.20
N LYS B 80 61.41 -56.87 -66.08
CA LYS B 80 62.53 -56.91 -67.03
C LYS B 80 63.58 -55.84 -66.82
N SER B 81 63.21 -54.65 -66.33
CA SER B 81 64.17 -53.56 -66.23
C SER B 81 65.30 -53.90 -65.25
N THR B 82 66.53 -53.78 -65.73
CA THR B 82 67.71 -53.99 -64.91
C THR B 82 68.12 -52.74 -64.15
N LYS B 83 67.33 -51.67 -64.23
CA LYS B 83 67.65 -50.42 -63.58
C LYS B 83 66.38 -49.71 -63.16
N LEU B 84 65.42 -50.47 -62.63
CA LEU B 84 64.17 -49.88 -62.14
C LEU B 84 64.43 -48.85 -61.05
N GLY B 85 65.43 -49.10 -60.20
CA GLY B 85 65.74 -48.15 -59.15
C GLY B 85 66.20 -46.80 -59.68
N GLU B 86 67.14 -46.83 -60.63
CA GLU B 86 67.62 -45.58 -61.24
C GLU B 86 66.47 -44.84 -61.93
N GLN B 87 65.59 -45.58 -62.59
CA GLN B 87 64.48 -44.96 -63.30
C GLN B 87 63.47 -44.34 -62.34
N LEU B 88 63.20 -45.02 -61.22
CA LEU B 88 62.32 -44.45 -60.20
C LEU B 88 62.96 -43.21 -59.57
N ASN B 89 64.26 -43.26 -59.30
CA ASN B 89 64.94 -42.11 -58.72
C ASN B 89 64.89 -40.91 -59.67
N ALA B 90 65.09 -41.15 -60.97
CA ALA B 90 64.98 -40.07 -61.94
C ALA B 90 63.54 -39.57 -62.06
N PHE B 91 62.56 -40.48 -62.01
CA PHE B 91 61.17 -40.12 -62.23
C PHE B 91 60.62 -39.29 -61.08
N TYR B 92 61.16 -39.47 -59.87
CA TYR B 92 60.73 -38.70 -58.71
C TYR B 92 61.83 -37.77 -58.21
N ARG B 93 62.88 -37.59 -58.99
CA ARG B 93 64.02 -36.72 -58.69
C ARG B 93 64.46 -36.85 -57.24
N THR B 94 64.86 -38.08 -56.91
CA THR B 94 65.23 -38.45 -55.55
C THR B 94 66.33 -39.50 -55.63
N ASP B 95 66.71 -40.00 -54.45
CA ASP B 95 67.73 -41.05 -54.35
C ASP B 95 67.32 -42.15 -53.38
N ILE B 96 66.05 -42.21 -52.99
CA ILE B 96 65.63 -43.08 -51.89
C ILE B 96 65.48 -44.54 -52.30
N PHE B 97 65.39 -44.82 -53.59
CA PHE B 97 65.20 -46.20 -54.06
C PHE B 97 66.53 -46.86 -54.35
N SER B 98 66.63 -48.14 -54.02
CA SER B 98 67.86 -48.87 -54.31
C SER B 98 67.98 -49.13 -55.80
N LEU B 99 69.21 -49.30 -56.26
CA LEU B 99 69.50 -49.43 -57.68
C LEU B 99 69.42 -50.88 -58.11
N GLY B 100 69.27 -51.07 -59.42
CA GLY B 100 69.14 -52.39 -60.00
C GLY B 100 67.70 -52.75 -60.32
N ASN B 101 67.45 -54.06 -60.36
CA ASN B 101 66.16 -54.56 -60.79
C ASN B 101 65.13 -54.46 -59.66
N ALA B 102 63.93 -54.98 -59.93
CA ALA B 102 62.83 -54.88 -58.98
C ALA B 102 63.14 -55.57 -57.66
N ASP B 103 63.95 -56.63 -57.69
CA ASP B 103 64.27 -57.34 -56.45
C ASP B 103 65.05 -56.46 -55.49
N ASN B 104 66.05 -55.74 -56.00
CA ASN B 104 66.79 -54.81 -55.16
C ASN B 104 65.88 -53.71 -54.62
N VAL B 105 64.94 -53.24 -55.43
CA VAL B 105 64.05 -52.17 -55.00
C VAL B 105 63.12 -52.65 -53.89
N VAL B 106 62.53 -53.83 -54.07
CA VAL B 106 61.63 -54.37 -53.05
C VAL B 106 62.39 -54.66 -51.77
N LYS B 107 63.63 -55.13 -51.88
CA LYS B 107 64.39 -55.51 -50.69
C LYS B 107 64.64 -54.31 -49.77
N GLU B 108 64.75 -53.10 -50.32
CA GLU B 108 65.05 -51.92 -49.51
C GLU B 108 63.87 -50.98 -49.38
N THR B 110 60.62 -49.12 -47.97
CA THR B 110 59.99 -48.80 -46.69
C THR B 110 58.61 -48.20 -46.95
N ILE B 111 57.82 -48.09 -45.88
CA ILE B 111 56.51 -47.47 -46.00
C ILE B 111 56.63 -46.02 -46.43
N GLU B 112 57.61 -45.32 -45.85
CA GLU B 112 57.86 -43.92 -46.22
C GLU B 112 58.13 -43.80 -47.72
N HIS B 113 59.09 -44.59 -48.23
CA HIS B 113 59.43 -44.51 -49.64
C HIS B 113 58.29 -44.98 -50.52
N TYR B 114 57.54 -46.00 -50.07
CA TYR B 114 56.38 -46.47 -50.83
C TYR B 114 55.34 -45.37 -50.98
N ASN B 115 55.13 -44.57 -49.92
CA ASN B 115 54.11 -43.54 -49.96
C ASN B 115 54.42 -42.45 -50.99
N SER B 116 55.69 -42.27 -51.35
CA SER B 116 56.06 -41.30 -52.37
C SER B 116 55.71 -41.76 -53.78
N LEU B 117 55.35 -43.02 -53.97
CA LEU B 117 55.04 -43.52 -55.30
C LEU B 117 53.63 -43.12 -55.73
N GLU B 118 53.46 -42.94 -57.04
CA GLU B 118 52.15 -42.72 -57.62
C GLU B 118 51.39 -44.05 -57.78
N GLU B 119 50.11 -43.93 -58.13
CA GLU B 119 49.20 -45.07 -58.07
C GLU B 119 49.68 -46.24 -58.93
N LYS B 120 50.12 -45.94 -60.16
CA LYS B 120 50.47 -47.01 -61.09
C LYS B 120 51.63 -47.84 -60.57
N PHE B 121 52.60 -47.20 -59.91
CA PHE B 121 53.75 -47.95 -59.42
C PHE B 121 53.44 -48.70 -58.13
N LYS B 122 52.54 -48.17 -57.30
CA LYS B 122 52.02 -48.93 -56.17
C LYS B 122 51.35 -50.22 -56.64
N ALA B 123 50.46 -50.09 -57.63
CA ALA B 123 49.80 -51.27 -58.19
C ALA B 123 50.81 -52.23 -58.82
N GLY B 124 51.84 -51.69 -59.48
CA GLY B 124 52.89 -52.54 -60.02
C GLY B 124 53.62 -53.32 -58.94
N TYR B 125 53.96 -52.65 -57.84
CA TYR B 125 54.56 -53.33 -56.70
C TYR B 125 53.67 -54.47 -56.21
N ASP B 126 52.38 -54.19 -56.03
CA ASP B 126 51.44 -55.22 -55.59
C ASP B 126 51.45 -56.42 -56.53
N ARG B 127 51.29 -56.17 -57.83
CA ARG B 127 51.21 -57.27 -58.80
C ARG B 127 52.51 -58.06 -58.87
N TYR B 128 53.65 -57.36 -58.81
CA TYR B 128 54.94 -58.04 -58.88
C TYR B 128 55.14 -58.93 -57.66
N VAL B 129 54.82 -58.42 -56.46
CA VAL B 129 54.97 -59.22 -55.26
C VAL B 129 54.04 -60.42 -55.29
N THR B 130 52.82 -60.24 -55.83
CA THR B 130 51.91 -61.38 -55.97
C THR B 130 52.48 -62.44 -56.90
N ARG B 131 53.02 -62.02 -58.05
CA ARG B 131 53.64 -62.97 -58.98
C ARG B 131 54.78 -63.74 -58.32
N GLU B 132 55.65 -63.01 -57.62
CA GLU B 132 56.80 -63.65 -56.99
C GLU B 132 56.37 -64.62 -55.89
N GLN B 133 55.30 -64.28 -55.15
CA GLN B 133 54.80 -65.20 -54.15
C GLN B 133 54.17 -66.42 -54.80
N GLU B 134 53.49 -66.25 -55.94
CA GLU B 134 52.83 -67.35 -56.60
C GLU B 134 53.79 -68.23 -57.39
N LYS B 135 55.04 -67.83 -57.53
CA LYS B 135 56.04 -68.76 -58.07
C LYS B 135 56.39 -69.81 -57.04
N SER B 136 57.09 -69.42 -55.97
CA SER B 136 57.34 -70.33 -54.85
C SER B 136 56.15 -70.33 -53.89
N THR B 137 56.42 -70.45 -52.60
CA THR B 137 55.40 -70.30 -51.57
C THR B 137 55.56 -68.95 -50.88
N ILE B 138 54.44 -68.43 -50.37
CA ILE B 138 54.45 -67.11 -49.73
C ILE B 138 55.40 -67.09 -48.53
N GLY B 139 55.35 -68.12 -47.70
CA GLY B 139 56.20 -68.16 -46.53
C GLY B 139 57.68 -68.19 -46.88
N ALA B 140 58.06 -69.09 -47.79
CA ALA B 140 59.45 -69.18 -48.21
C ALA B 140 59.89 -67.88 -48.90
N TRP B 141 58.99 -67.25 -49.65
CA TRP B 141 59.35 -66.01 -50.32
C TRP B 141 59.65 -64.92 -49.30
N PHE B 142 58.75 -64.72 -48.33
CA PHE B 142 59.01 -63.77 -47.26
C PHE B 142 60.32 -64.10 -46.54
N ASN B 143 60.54 -65.36 -46.22
CA ASN B 143 61.70 -65.75 -45.43
C ASN B 143 63.00 -65.46 -46.17
N SER B 144 63.09 -65.86 -47.44
CA SER B 144 64.35 -65.74 -48.17
C SER B 144 64.57 -64.32 -48.69
N THR B 145 63.51 -63.66 -49.15
CA THR B 145 63.65 -62.32 -49.73
C THR B 145 64.21 -61.33 -48.72
N PHE B 146 63.70 -61.36 -47.49
CA PHE B 146 64.10 -60.39 -46.46
C PHE B 146 65.02 -60.99 -45.41
N SER B 147 65.47 -62.23 -45.60
CA SER B 147 66.40 -62.89 -44.67
C SER B 147 65.88 -62.84 -43.24
N LEU B 148 64.60 -63.20 -43.07
CA LEU B 148 63.99 -63.19 -41.75
C LEU B 148 64.50 -64.33 -40.86
N ASP B 149 65.14 -65.34 -41.44
CA ASP B 149 65.73 -66.46 -40.71
C ASP B 149 64.72 -67.09 -39.76
N ASN B 150 63.59 -67.52 -40.32
CA ASN B 150 62.50 -68.11 -39.55
C ASN B 150 61.99 -69.32 -40.33
N THR B 151 62.26 -70.52 -39.81
CA THR B 151 61.87 -71.74 -40.50
C THR B 151 60.39 -72.06 -40.30
N ASP B 152 59.79 -71.61 -39.19
CA ASP B 152 58.34 -71.73 -39.04
C ASP B 152 57.65 -71.11 -40.26
N LEU B 153 58.03 -69.87 -40.58
CA LEU B 153 57.50 -69.18 -41.76
C LEU B 153 57.80 -69.95 -43.04
N GLU B 154 58.96 -70.61 -43.12
CA GLU B 154 59.40 -71.30 -44.32
C GLU B 154 58.32 -72.19 -44.93
N ASN B 155 57.64 -72.98 -44.10
CA ASN B 155 56.74 -74.01 -44.60
C ASN B 155 55.28 -73.56 -44.64
N LEU B 156 55.00 -72.30 -44.35
CA LEU B 156 53.62 -71.80 -44.42
C LEU B 156 53.28 -71.44 -45.85
N THR B 157 52.11 -71.87 -46.31
CA THR B 157 51.74 -71.79 -47.72
C THR B 157 50.63 -70.79 -48.02
N THR B 158 49.94 -70.27 -47.00
CA THR B 158 48.92 -69.25 -47.21
C THR B 158 49.12 -68.13 -46.20
N ILE B 159 48.51 -66.98 -46.50
CA ILE B 159 48.57 -65.84 -45.59
C ILE B 159 47.86 -66.16 -44.27
N GLU B 160 46.80 -66.96 -44.33
CA GLU B 160 46.10 -67.34 -43.11
C GLU B 160 46.98 -68.16 -42.18
N GLU B 161 47.76 -69.10 -42.75
CA GLU B 161 48.69 -69.88 -41.95
C GLU B 161 49.74 -68.99 -41.31
N ILE B 162 50.13 -67.90 -41.98
CA ILE B 162 51.11 -66.98 -41.41
C ILE B 162 50.48 -66.18 -40.27
N LEU B 163 49.25 -65.70 -40.47
CA LEU B 163 48.57 -64.93 -39.43
C LEU B 163 48.19 -65.79 -38.23
N ALA B 164 48.07 -67.10 -38.41
CA ALA B 164 47.85 -67.98 -37.27
C ALA B 164 49.10 -68.11 -36.41
N ASN B 165 50.27 -67.88 -36.99
CA ASN B 165 51.54 -68.02 -36.29
C ASN B 165 51.99 -66.63 -35.86
N VAL B 166 52.04 -66.40 -34.55
CA VAL B 166 52.40 -65.08 -34.03
C VAL B 166 53.86 -64.78 -34.32
N GLU B 167 54.73 -65.78 -34.13
CA GLU B 167 56.17 -65.59 -34.33
C GLU B 167 56.47 -65.13 -35.75
N ALA B 168 55.88 -65.80 -36.75
CA ALA B 168 56.15 -65.44 -38.14
C ALA B 168 55.60 -64.06 -38.48
N THR B 169 54.37 -63.76 -38.03
CA THR B 169 53.82 -62.43 -38.23
C THR B 169 54.72 -61.34 -37.68
N ASN B 170 55.21 -61.52 -36.45
CA ASN B 170 56.10 -60.51 -35.87
C ASN B 170 57.44 -60.47 -36.59
N ALA B 171 57.93 -61.61 -37.07
CA ALA B 171 59.13 -61.62 -37.89
C ALA B 171 58.95 -60.74 -39.12
N ILE B 172 57.77 -60.81 -39.75
CA ILE B 172 57.50 -59.98 -40.91
C ILE B 172 57.37 -58.51 -40.51
N LEU B 173 56.56 -58.22 -39.48
CA LEU B 173 56.24 -56.84 -39.13
C LEU B 173 57.47 -56.08 -38.63
N ASN B 174 58.39 -56.75 -37.94
CA ASN B 174 59.59 -56.11 -37.43
C ASN B 174 60.67 -55.93 -38.48
N ASN B 175 60.34 -56.21 -39.75
CA ASN B 175 61.22 -55.92 -40.88
C ASN B 175 60.57 -54.80 -41.68
N SER B 176 61.31 -53.68 -41.82
CA SER B 176 60.74 -52.50 -42.47
C SER B 176 60.29 -52.80 -43.90
N ASN B 177 61.02 -53.66 -44.61
CA ASN B 177 60.70 -53.96 -46.00
C ASN B 177 59.62 -55.05 -46.11
N ALA B 178 59.73 -56.10 -45.30
CA ALA B 178 58.74 -57.17 -45.30
C ALA B 178 57.36 -56.65 -44.92
N ILE B 179 57.27 -55.67 -44.03
CA ILE B 179 55.96 -55.13 -43.67
C ILE B 179 55.33 -54.42 -44.86
N VAL B 180 56.15 -53.71 -45.65
CA VAL B 180 55.64 -53.11 -46.89
C VAL B 180 55.10 -54.18 -47.81
N ALA B 181 55.88 -55.26 -47.98
CA ALA B 181 55.40 -56.38 -48.80
C ALA B 181 54.08 -56.93 -48.30
N LEU B 182 53.95 -57.10 -46.98
CA LEU B 182 52.74 -57.68 -46.40
C LEU B 182 51.54 -56.75 -46.54
N THR B 183 51.71 -55.47 -46.20
CA THR B 183 50.57 -54.57 -46.10
C THR B 183 50.07 -54.10 -47.47
N CYS B 185 50.03 -55.49 -50.36
CA CYS B 185 49.48 -56.52 -51.22
C CYS B 185 48.04 -56.75 -50.77
N LYS B 186 47.09 -56.30 -51.62
CA LYS B 186 45.68 -56.14 -51.24
C LYS B 186 45.11 -57.43 -50.64
N SER B 187 45.34 -58.58 -51.30
CA SER B 187 44.79 -59.84 -50.80
C SER B 187 45.36 -60.16 -49.42
N SER B 188 46.69 -60.11 -49.29
CA SER B 188 47.33 -60.29 -47.99
C SER B 188 46.73 -59.35 -46.96
N ASP B 190 43.93 -57.88 -47.04
CA ASP B 190 42.53 -58.21 -46.75
C ASP B 190 42.42 -59.27 -45.68
N ALA B 191 43.36 -60.21 -45.70
CA ALA B 191 43.34 -61.23 -44.66
C ALA B 191 43.69 -60.60 -43.33
N VAL B 192 44.64 -59.68 -43.34
CA VAL B 192 45.13 -59.09 -42.10
C VAL B 192 44.02 -58.32 -41.39
N VAL B 193 43.29 -57.48 -42.13
CA VAL B 193 42.13 -56.81 -41.54
C VAL B 193 41.08 -57.81 -41.10
N ALA B 194 40.92 -58.92 -41.83
CA ALA B 194 39.88 -59.87 -41.48
C ALA B 194 40.24 -60.65 -40.23
N SER B 195 41.53 -60.84 -39.95
CA SER B 195 41.93 -61.60 -38.79
C SER B 195 41.86 -60.74 -37.54
N SER B 196 41.27 -61.28 -36.48
CA SER B 196 41.18 -60.55 -35.21
C SER B 196 42.52 -60.50 -34.51
N ASN B 197 43.36 -61.52 -34.71
CA ASN B 197 44.66 -61.58 -34.08
C ASN B 197 45.68 -60.69 -34.78
N ALA B 198 45.71 -60.74 -36.11
CA ALA B 198 46.68 -59.94 -36.86
C ALA B 198 46.60 -58.47 -36.48
N ASP B 200 45.56 -57.14 -33.75
CA ASP B 200 46.17 -56.99 -32.44
C ASP B 200 47.68 -56.83 -32.58
N LEU B 201 48.33 -57.78 -33.27
CA LEU B 201 49.76 -57.70 -33.47
C LEU B 201 50.14 -56.39 -34.15
N LEU B 202 49.37 -55.99 -35.17
CA LEU B 202 49.66 -54.73 -35.84
C LEU B 202 49.58 -53.58 -34.85
N GLY B 203 48.57 -53.60 -33.97
CA GLY B 203 48.47 -52.56 -32.97
C GLY B 203 49.72 -52.52 -32.12
N GLN B 204 50.22 -53.69 -31.71
CA GLN B 204 51.40 -53.71 -30.85
C GLN B 204 52.58 -53.14 -31.61
N TYR B 205 52.65 -53.43 -32.92
CA TYR B 205 53.71 -52.89 -33.75
C TYR B 205 53.75 -51.39 -33.59
N ILE B 206 52.58 -50.75 -33.64
CA ILE B 206 52.53 -49.29 -33.57
C ILE B 206 53.17 -48.84 -32.27
N LEU B 207 52.83 -49.51 -31.16
CA LEU B 207 53.36 -49.12 -29.86
C LEU B 207 54.89 -49.20 -29.85
N ARG B 208 55.44 -50.20 -30.55
CA ARG B 208 56.90 -50.31 -30.64
C ARG B 208 57.53 -49.21 -31.48
N VAL B 209 56.83 -48.68 -32.48
CA VAL B 209 57.42 -47.67 -33.35
C VAL B 209 57.12 -46.25 -32.88
N THR B 210 56.12 -46.07 -32.01
CA THR B 210 55.66 -44.76 -31.54
C THR B 210 56.78 -43.80 -31.14
N THR B 211 57.96 -44.31 -30.77
CA THR B 211 59.07 -43.44 -30.42
C THR B 211 60.08 -43.30 -31.54
N GLU B 212 59.77 -43.82 -32.73
CA GLU B 212 60.58 -43.66 -33.92
C GLU B 212 59.75 -42.77 -34.83
N SER B 213 59.84 -41.46 -34.59
CA SER B 213 58.94 -40.48 -35.22
C SER B 213 58.81 -40.64 -36.73
N PRO B 214 59.88 -40.76 -37.52
CA PRO B 214 59.67 -40.95 -38.96
C PRO B 214 58.84 -42.17 -39.29
N VAL B 215 59.05 -43.28 -38.58
CA VAL B 215 58.32 -44.51 -38.87
C VAL B 215 56.83 -44.33 -38.61
N ILE B 216 56.48 -43.79 -37.44
CA ILE B 216 55.07 -43.65 -37.11
C ILE B 216 54.40 -42.63 -38.03
N ARG B 217 55.09 -41.52 -38.35
CA ARG B 217 54.51 -40.57 -39.28
C ARG B 217 54.27 -41.21 -40.65
N ALA B 218 55.25 -41.96 -41.15
CA ALA B 218 55.06 -42.63 -42.43
C ALA B 218 53.91 -43.62 -42.38
N ILE B 219 53.73 -44.31 -41.25
CA ILE B 219 52.59 -45.21 -41.10
C ILE B 219 51.29 -44.44 -41.20
N LEU B 220 51.20 -43.31 -40.51
CA LEU B 220 49.96 -42.54 -40.53
C LEU B 220 49.74 -41.84 -41.87
N LYS B 221 50.80 -41.63 -42.65
CA LYS B 221 50.71 -41.07 -43.99
C LYS B 221 50.23 -42.08 -45.01
N ASN B 222 50.10 -43.35 -44.61
CA ASN B 222 49.70 -44.44 -45.52
C ASN B 222 48.22 -44.69 -45.30
N ASN B 223 47.41 -44.36 -46.31
CA ASN B 223 45.96 -44.38 -46.17
C ASN B 223 45.44 -45.77 -45.81
N VAL B 224 46.01 -46.82 -46.41
CA VAL B 224 45.49 -48.17 -46.18
C VAL B 224 45.72 -48.58 -44.73
N ILE B 225 46.98 -48.48 -44.27
CA ILE B 225 47.30 -48.86 -42.90
C ILE B 225 46.61 -47.96 -41.91
N ARG B 226 46.60 -46.64 -42.17
CA ARG B 226 45.89 -45.69 -41.31
C ARG B 226 44.43 -46.09 -41.14
N ASP B 227 43.71 -46.26 -42.25
CA ASP B 227 42.28 -46.58 -42.18
C ASP B 227 42.04 -47.92 -41.48
N ALA B 228 42.85 -48.93 -41.79
CA ALA B 228 42.68 -50.22 -41.14
C ALA B 228 42.93 -50.13 -39.63
N ILE B 229 43.97 -49.41 -39.23
CA ILE B 229 44.32 -49.29 -37.82
C ILE B 229 43.25 -48.54 -37.04
N ILE B 230 42.86 -47.36 -37.55
CA ILE B 230 41.94 -46.52 -36.78
C ILE B 230 40.57 -47.15 -36.64
N ASN B 231 40.14 -47.95 -37.62
CA ASN B 231 38.82 -48.57 -37.59
C ASN B 231 38.83 -49.99 -37.04
N SER B 232 39.93 -50.43 -36.43
CA SER B 232 40.05 -51.77 -35.88
C SER B 232 39.84 -51.71 -34.37
N ASP B 233 38.88 -52.49 -33.87
CA ASP B 233 38.64 -52.54 -32.42
C ASP B 233 39.87 -53.03 -31.68
N GLU B 234 40.52 -54.08 -32.20
CA GLU B 234 41.70 -54.63 -31.53
C GLU B 234 42.85 -53.63 -31.53
N ALA B 235 43.23 -53.14 -32.71
CA ALA B 235 44.41 -52.27 -32.82
C ALA B 235 44.27 -51.05 -31.92
N THR B 237 42.56 -50.70 -29.32
CA THR B 237 42.69 -51.14 -27.94
C THR B 237 44.13 -51.06 -27.46
N GLN B 238 45.06 -51.53 -28.29
CA GLN B 238 46.48 -51.35 -27.97
C GLN B 238 46.85 -49.88 -27.96
N ILE B 239 46.51 -49.17 -29.05
CA ILE B 239 47.02 -47.81 -29.25
C ILE B 239 46.51 -46.87 -28.16
N SER B 240 45.25 -47.05 -27.76
CA SER B 240 44.67 -46.18 -26.74
C SER B 240 45.45 -46.26 -25.44
N SER B 241 46.12 -47.40 -25.17
CA SER B 241 46.85 -47.54 -23.92
C SER B 241 48.09 -46.64 -23.86
N ASN B 242 48.61 -46.23 -25.01
CA ASN B 242 49.79 -45.36 -25.08
C ASN B 242 49.32 -43.98 -25.53
N GLU B 243 49.35 -43.02 -24.61
CA GLU B 243 48.90 -41.67 -24.94
C GLU B 243 49.78 -41.03 -26.01
N ASN B 244 51.05 -41.42 -26.07
CA ASN B 244 51.95 -40.82 -27.07
C ASN B 244 51.65 -41.33 -28.47
N SER B 245 51.13 -42.55 -28.59
CA SER B 245 50.67 -43.03 -29.89
C SER B 245 49.47 -42.22 -30.36
N VAL B 246 48.50 -42.02 -29.46
CA VAL B 246 47.32 -41.21 -29.79
C VAL B 246 47.75 -39.81 -30.19
N GLU B 248 50.31 -38.96 -31.79
CA GLU B 248 50.77 -38.93 -33.17
C GLU B 248 49.60 -38.94 -34.15
N ILE B 249 48.46 -39.52 -33.76
CA ILE B 249 47.30 -39.51 -34.63
C ILE B 249 46.72 -38.11 -34.77
N PHE B 250 46.62 -37.39 -33.64
CA PHE B 250 46.11 -36.02 -33.67
C PHE B 250 47.12 -35.04 -34.27
N ASN B 251 48.35 -35.47 -34.53
CA ASN B 251 49.32 -34.66 -35.23
C ASN B 251 49.19 -34.77 -36.74
N ASP B 252 48.23 -35.57 -37.22
CA ASP B 252 48.02 -35.81 -38.64
C ASP B 252 46.56 -35.54 -38.95
N LEU B 253 46.31 -34.60 -39.88
CA LEU B 253 44.95 -34.13 -40.12
C LEU B 253 44.03 -35.24 -40.61
N GLU B 254 44.47 -35.99 -41.62
CA GLU B 254 43.60 -37.00 -42.22
C GLU B 254 43.33 -38.14 -41.24
N ALA B 255 44.34 -38.51 -40.44
CA ALA B 255 44.14 -39.53 -39.42
C ALA B 255 43.12 -39.07 -38.39
N THR B 256 43.20 -37.80 -37.97
CA THR B 256 42.20 -37.25 -37.07
C THR B 256 40.81 -37.29 -37.69
N LYS B 257 40.71 -36.95 -38.99
CA LYS B 257 39.42 -36.96 -39.66
C LYS B 257 38.84 -38.36 -39.69
N VAL B 258 39.67 -39.38 -39.87
CA VAL B 258 39.19 -40.75 -39.82
C VAL B 258 38.76 -41.11 -38.40
N LEU B 259 39.57 -40.72 -37.40
CA LEU B 259 39.30 -41.09 -36.02
C LEU B 259 37.98 -40.54 -35.53
N VAL B 260 37.72 -39.24 -35.77
CA VAL B 260 36.57 -38.58 -35.18
C VAL B 260 35.27 -39.00 -35.85
N GLN B 261 35.35 -39.93 -36.79
CA GLN B 261 34.15 -40.50 -37.43
C GLN B 261 33.87 -41.92 -36.96
N ASN B 262 34.61 -42.42 -35.98
CA ASN B 262 34.44 -43.77 -35.45
C ASN B 262 34.13 -43.69 -33.97
N GLN B 263 32.87 -43.95 -33.62
CA GLN B 263 32.44 -43.91 -32.22
C GLN B 263 33.28 -44.84 -31.34
N ASN B 264 33.48 -46.08 -31.79
CA ASN B 264 34.19 -47.06 -30.99
C ASN B 264 35.61 -46.61 -30.68
N SER B 265 36.31 -46.06 -31.68
CA SER B 265 37.68 -45.61 -31.46
C SER B 265 37.74 -44.42 -30.53
N ILE B 266 36.75 -43.52 -30.60
CA ILE B 266 36.67 -42.41 -29.66
C ILE B 266 36.56 -42.94 -28.24
N ASN B 267 35.64 -43.88 -28.01
CA ASN B 267 35.52 -44.48 -26.69
C ASN B 267 36.83 -45.13 -26.25
N LYS B 268 37.48 -45.85 -27.17
CA LYS B 268 38.75 -46.51 -26.86
C LYS B 268 39.78 -45.50 -26.36
N ILE B 269 39.97 -44.40 -27.10
CA ILE B 269 40.97 -43.42 -26.67
C ILE B 269 40.52 -42.75 -25.38
N LEU B 270 39.22 -42.69 -25.11
CA LEU B 270 38.77 -42.13 -23.84
C LEU B 270 38.94 -43.10 -22.67
N THR B 271 39.29 -44.36 -22.94
CA THR B 271 39.63 -45.24 -21.82
C THR B 271 40.96 -44.89 -21.16
N ASN B 272 41.75 -43.98 -21.74
CA ASN B 272 43.04 -43.58 -21.18
C ASN B 272 42.88 -42.29 -20.42
N ASN B 273 43.24 -42.31 -19.13
CA ASN B 273 43.01 -41.14 -18.29
C ASN B 273 43.88 -39.95 -18.69
N VAL B 274 45.10 -40.21 -19.19
CA VAL B 274 45.94 -39.12 -19.64
C VAL B 274 45.36 -38.45 -20.87
N THR B 275 44.87 -39.26 -21.82
CA THR B 275 44.23 -38.72 -23.01
C THR B 275 43.04 -37.83 -22.64
N VAL B 276 42.20 -38.30 -21.72
CA VAL B 276 41.01 -37.56 -21.33
C VAL B 276 41.38 -36.27 -20.60
N GLU B 277 42.35 -36.35 -19.69
CA GLU B 277 42.65 -35.22 -18.81
C GLU B 277 43.53 -34.17 -19.48
N LYS B 278 44.44 -34.55 -20.37
CA LYS B 278 45.42 -33.60 -20.88
C LYS B 278 45.35 -33.41 -22.39
N ILE B 279 45.25 -34.48 -23.17
CA ILE B 279 45.38 -34.37 -24.62
C ILE B 279 44.13 -33.74 -25.23
N ILE B 280 42.95 -34.29 -24.92
CA ILE B 280 41.71 -33.78 -25.51
C ILE B 280 41.46 -32.31 -25.13
N PRO B 281 41.58 -31.90 -23.86
CA PRO B 281 41.37 -30.46 -23.57
C PRO B 281 42.37 -29.56 -24.26
N ASN B 282 43.62 -30.00 -24.41
CA ASN B 282 44.60 -29.21 -25.15
C ASN B 282 44.19 -29.08 -26.62
N LEU B 283 43.73 -30.18 -27.22
CA LEU B 283 43.24 -30.11 -28.59
C LEU B 283 42.05 -29.17 -28.72
N LEU B 284 41.23 -29.06 -27.66
CA LEU B 284 40.08 -28.15 -27.71
C LEU B 284 40.47 -26.71 -27.45
N GLU B 285 41.32 -26.46 -26.45
CA GLU B 285 41.71 -25.09 -26.10
C GLU B 285 42.39 -24.43 -27.27
N LYS B 287 42.54 -24.02 -30.51
CA LYS B 287 42.05 -23.23 -31.64
C LYS B 287 42.02 -21.75 -31.30
N TYR B 288 41.61 -21.42 -30.08
CA TYR B 288 41.60 -20.03 -29.63
C TYR B 288 43.02 -19.44 -29.64
N ASN B 289 43.95 -20.12 -28.97
CA ASN B 289 45.34 -19.67 -28.93
C ASN B 289 45.93 -19.58 -30.34
N LEU B 290 45.62 -20.56 -31.19
CA LEU B 290 46.16 -20.56 -32.54
C LEU B 290 45.61 -19.41 -33.36
N GLN B 291 44.31 -19.12 -33.24
CA GLN B 291 43.74 -17.99 -33.96
C GLN B 291 44.34 -16.66 -33.49
N THR B 292 44.56 -16.52 -32.19
CA THR B 292 45.21 -15.31 -31.69
C THR B 292 46.63 -15.17 -32.24
N SER B 293 47.40 -16.26 -32.19
CA SER B 293 48.74 -16.26 -32.75
C SER B 293 48.72 -15.93 -34.24
N LEU B 294 47.70 -16.41 -34.95
CA LEU B 294 47.57 -16.11 -36.37
C LEU B 294 47.25 -14.65 -36.61
N ASN B 295 46.45 -14.04 -35.72
CA ASN B 295 46.24 -12.60 -35.80
C ASN B 295 47.57 -11.85 -35.65
N TYR B 296 48.39 -12.27 -34.69
CA TYR B 296 49.71 -11.63 -34.55
C TYR B 296 50.57 -11.85 -35.79
N ILE B 297 50.50 -13.04 -36.38
CA ILE B 297 51.25 -13.33 -37.61
C ILE B 297 50.83 -12.38 -38.73
N ASN B 298 49.52 -12.16 -38.89
CA ASN B 298 49.05 -11.31 -39.96
C ASN B 298 49.33 -9.84 -39.69
N THR B 299 49.43 -9.45 -38.42
CA THR B 299 49.92 -8.11 -38.11
C THR B 299 51.39 -7.98 -38.49
N ILE B 300 52.19 -9.01 -38.20
CA ILE B 300 53.60 -9.00 -38.57
C ILE B 300 53.77 -8.90 -40.08
N LYS B 301 52.86 -9.51 -40.85
CA LYS B 301 52.93 -9.39 -42.30
C LYS B 301 52.89 -7.93 -42.73
N SER B 302 51.92 -7.17 -42.22
CA SER B 302 51.80 -5.76 -42.57
C SER B 302 53.00 -4.96 -42.06
N ASN B 303 53.49 -5.28 -40.86
CA ASN B 303 54.65 -4.57 -40.34
C ASN B 303 55.88 -4.80 -41.19
N ILE B 304 56.06 -6.03 -41.68
CA ILE B 304 57.18 -6.34 -42.57
C ILE B 304 57.03 -5.57 -43.86
N ALA B 305 55.82 -5.56 -44.43
CA ALA B 305 55.60 -4.81 -45.66
C ALA B 305 55.95 -3.34 -45.49
N SER B 306 55.52 -2.73 -44.38
CA SER B 306 55.78 -1.30 -44.17
C SER B 306 57.26 -1.03 -43.94
N GLY B 307 57.88 -1.77 -43.02
CA GLY B 307 59.30 -1.58 -42.76
C GLY B 307 60.15 -1.77 -44.01
N LYS B 308 59.76 -2.70 -44.89
CA LYS B 308 60.48 -2.88 -46.14
C LYS B 308 60.21 -1.72 -47.09
N GLY B 309 58.95 -1.25 -47.15
CA GLY B 309 58.64 -0.10 -47.99
C GLY B 309 59.44 1.13 -47.63
N GLN B 310 59.73 1.31 -46.34
CA GLN B 310 60.61 2.41 -45.94
C GLN B 310 61.98 2.29 -46.61
N ILE B 311 62.51 1.07 -46.71
CA ILE B 311 63.82 0.88 -47.32
C ILE B 311 63.74 1.01 -48.83
N ALA B 313 61.95 2.93 -50.59
CA ALA B 313 61.78 4.30 -51.02
C ALA B 313 63.11 4.99 -51.35
N ILE B 314 64.22 4.46 -50.85
CA ILE B 314 65.54 5.03 -51.11
C ILE B 314 66.10 4.34 -52.34
N THR B 315 66.02 5.01 -53.49
CA THR B 315 66.34 4.40 -54.77
C THR B 315 67.64 4.97 -55.33
N TYR B 316 68.16 4.27 -56.35
CA TYR B 316 69.41 4.64 -57.01
C TYR B 316 69.36 4.00 -58.40
N ASN B 317 69.09 4.84 -59.41
CA ASN B 317 68.84 4.35 -60.77
C ASN B 317 67.68 3.36 -60.79
N GLU B 318 66.60 3.69 -60.07
CA GLU B 318 65.37 2.90 -60.00
C GLU B 318 65.59 1.49 -59.45
N GLU B 319 66.74 1.23 -58.84
CA GLU B 319 67.01 0.02 -58.08
C GLU B 319 67.21 0.41 -56.62
N ILE B 320 67.38 -0.59 -55.76
CA ILE B 320 67.64 -0.32 -54.36
C ILE B 320 69.00 0.34 -54.20
N PHE B 321 69.10 1.30 -53.29
CA PHE B 321 70.36 1.91 -52.94
C PHE B 321 71.31 0.83 -52.43
N PRO B 322 72.43 0.56 -53.12
CA PRO B 322 73.25 -0.62 -52.78
C PRO B 322 73.59 -0.75 -51.32
N ILE B 323 73.87 0.37 -50.63
CA ILE B 323 74.21 0.34 -49.22
C ILE B 323 73.10 -0.30 -48.39
N LEU B 324 71.87 -0.32 -48.91
CA LEU B 324 70.74 -0.88 -48.19
C LEU B 324 70.28 -2.24 -48.73
N LYS B 325 71.03 -2.82 -49.68
CA LYS B 325 70.56 -4.06 -50.30
C LYS B 325 70.28 -5.13 -49.25
N ASN B 326 71.19 -5.28 -48.28
CA ASN B 326 71.01 -6.30 -47.25
C ASN B 326 69.71 -6.06 -46.49
N ALA B 327 69.41 -4.79 -46.18
CA ALA B 327 68.18 -4.48 -45.46
C ALA B 327 66.96 -5.01 -46.19
N VAL B 328 66.99 -5.04 -47.53
CA VAL B 328 65.90 -5.63 -48.27
C VAL B 328 65.89 -7.14 -48.10
N LYS B 329 67.06 -7.77 -48.31
CA LYS B 329 67.14 -9.23 -48.23
C LYS B 329 66.67 -9.72 -46.88
N ASN B 330 67.15 -9.10 -45.80
CA ASN B 330 66.70 -9.44 -44.46
C ASN B 330 65.18 -9.39 -44.37
N TYR B 331 64.59 -8.30 -44.87
CA TYR B 331 63.13 -8.17 -44.80
C TYR B 331 62.44 -9.27 -45.58
N ASP B 332 63.06 -9.76 -46.66
CA ASP B 332 62.50 -10.89 -47.37
C ASP B 332 62.64 -12.17 -46.54
N GLY B 333 63.78 -12.33 -45.87
CA GLY B 333 63.96 -13.49 -45.02
C GLY B 333 62.88 -13.61 -43.97
N GLU B 335 59.99 -12.45 -44.16
CA GLU B 335 58.73 -12.80 -44.80
C GLU B 335 58.67 -14.29 -45.12
N THR B 336 59.81 -14.91 -45.41
CA THR B 336 59.83 -16.35 -45.65
C THR B 336 59.45 -17.09 -44.38
N THR B 337 60.23 -16.91 -43.31
CA THR B 337 59.98 -17.62 -42.06
C THR B 337 58.55 -17.38 -41.58
N ARG B 338 58.10 -16.12 -41.60
CA ARG B 338 56.74 -15.80 -41.20
C ARG B 338 55.74 -16.64 -41.98
N ASN B 339 55.88 -16.67 -43.31
CA ASN B 339 54.96 -17.46 -44.12
C ASN B 339 54.98 -18.91 -43.65
N ILE B 340 56.18 -19.46 -43.43
CA ILE B 340 56.28 -20.82 -42.91
C ILE B 340 55.44 -20.96 -41.67
N SER B 341 55.70 -20.10 -40.68
CA SER B 341 54.94 -20.11 -39.43
C SER B 341 53.45 -20.17 -39.73
N GLN B 342 52.99 -19.25 -40.59
CA GLN B 342 51.57 -19.16 -40.86
C GLN B 342 51.02 -20.50 -41.31
N ARG B 343 51.66 -21.10 -42.32
CA ARG B 343 51.19 -22.39 -42.83
C ARG B 343 51.05 -23.38 -41.69
N ASP B 344 52.10 -23.53 -40.89
CA ASP B 344 52.08 -24.50 -39.80
C ASP B 344 50.89 -24.25 -38.89
N ILE B 345 50.69 -23.00 -38.48
CA ILE B 345 49.59 -22.69 -37.58
C ILE B 345 48.26 -23.01 -38.25
N GLU B 346 48.12 -22.62 -39.52
CA GLU B 346 46.87 -22.89 -40.22
C GLU B 346 46.60 -24.38 -40.31
N GLU B 347 47.66 -25.20 -40.30
CA GLU B 347 47.44 -26.65 -40.29
C GLU B 347 46.84 -27.09 -38.98
N LYS B 348 47.40 -26.64 -37.86
CA LYS B 348 46.95 -27.11 -36.56
C LYS B 348 45.50 -26.73 -36.30
N ILE B 349 45.11 -25.51 -36.69
CA ILE B 349 43.72 -25.09 -36.59
C ILE B 349 42.82 -26.08 -37.30
N LYS B 350 43.23 -26.49 -38.50
CA LYS B 350 42.44 -27.47 -39.26
C LYS B 350 42.17 -28.71 -38.42
N ILE B 351 43.20 -29.19 -37.71
CA ILE B 351 43.03 -30.36 -36.85
C ILE B 351 41.93 -30.09 -35.84
N SER B 352 42.02 -28.96 -35.13
CA SER B 352 40.97 -28.58 -34.19
C SER B 352 39.61 -28.57 -34.87
N ASP B 353 39.55 -27.99 -36.08
CA ASP B 353 38.27 -27.90 -36.77
C ASP B 353 37.74 -29.28 -37.12
N ALA B 354 38.62 -30.24 -37.41
CA ALA B 354 38.16 -31.59 -37.68
C ALA B 354 37.49 -32.19 -36.45
N ILE B 355 37.97 -31.84 -35.27
CA ILE B 355 37.39 -32.36 -34.03
C ILE B 355 36.09 -31.63 -33.70
N LEU B 356 36.11 -30.30 -33.76
CA LEU B 356 34.94 -29.51 -33.38
C LEU B 356 33.76 -29.74 -34.32
N GLU B 357 34.02 -30.11 -35.58
CA GLU B 357 32.97 -30.32 -36.56
C GLU B 357 32.41 -31.73 -36.55
N SER B 358 32.94 -32.62 -35.71
CA SER B 358 32.48 -34.00 -35.64
C SER B 358 31.44 -34.12 -34.52
N SER B 359 30.19 -34.35 -34.91
CA SER B 359 29.13 -34.52 -33.91
C SER B 359 29.37 -35.75 -33.06
N ILE B 360 29.88 -36.83 -33.67
CA ILE B 360 30.22 -38.03 -32.91
C ILE B 360 31.19 -37.70 -31.79
N ALA B 361 32.29 -37.01 -32.12
CA ALA B 361 33.31 -36.71 -31.12
C ALA B 361 32.81 -35.70 -30.11
N ALA B 363 29.51 -34.76 -29.18
CA ALA B 363 28.47 -35.31 -28.31
C ALA B 363 29.10 -36.15 -27.19
N THR B 364 29.98 -37.08 -27.57
CA THR B 364 30.66 -37.90 -26.57
C THR B 364 31.38 -37.03 -25.56
N PHE B 365 32.18 -36.08 -26.03
CA PHE B 365 32.90 -35.19 -25.11
C PHE B 365 31.93 -34.38 -24.25
N ALA B 366 30.75 -34.08 -24.80
CA ALA B 366 29.78 -33.30 -24.03
C ALA B 366 29.19 -34.08 -22.87
N ASN B 367 29.31 -35.41 -22.89
CA ASN B 367 28.79 -36.24 -21.82
C ASN B 367 29.91 -36.90 -21.00
N ASN B 368 31.12 -36.36 -21.09
CA ASN B 368 32.25 -36.79 -20.27
C ASN B 368 32.51 -35.69 -19.26
N SER B 369 32.42 -36.03 -17.96
CA SER B 369 32.43 -35.00 -16.93
C SER B 369 33.81 -34.39 -16.74
N ILE B 370 34.87 -35.16 -16.94
CA ILE B 370 36.22 -34.60 -16.84
C ILE B 370 36.44 -33.53 -17.91
N ILE B 371 36.05 -33.84 -19.15
CA ILE B 371 36.24 -32.89 -20.24
C ILE B 371 35.37 -31.65 -20.05
N VAL B 372 34.14 -31.83 -19.57
CA VAL B 372 33.26 -30.68 -19.35
C VAL B 372 33.81 -29.81 -18.22
N ASN B 373 34.35 -30.42 -17.17
CA ASN B 373 34.97 -29.65 -16.11
C ASN B 373 36.20 -28.89 -16.62
N LYS B 374 36.96 -29.50 -17.53
CA LYS B 374 38.05 -28.78 -18.17
C LYS B 374 37.54 -27.60 -18.98
N VAL B 375 36.44 -27.81 -19.72
CA VAL B 375 35.81 -26.71 -20.45
C VAL B 375 35.45 -25.57 -19.51
N GLY B 376 34.98 -25.91 -18.31
CA GLY B 376 34.63 -24.89 -17.34
C GLY B 376 35.82 -24.20 -16.72
N ASP B 377 36.93 -24.92 -16.55
CA ASP B 377 38.08 -24.41 -15.80
C ASP B 377 39.12 -23.71 -16.67
N ARG B 378 39.26 -24.11 -17.93
CA ARG B 378 40.32 -23.61 -18.79
C ARG B 378 39.81 -22.48 -19.67
N VAL B 379 40.38 -21.29 -19.50
CA VAL B 379 40.16 -20.20 -20.44
C VAL B 379 40.53 -20.64 -21.84
N GLY B 380 39.61 -20.42 -22.80
CA GLY B 380 39.88 -20.65 -24.21
C GLY B 380 39.11 -21.82 -24.80
N ILE B 381 38.83 -22.85 -24.00
CA ILE B 381 38.17 -24.03 -24.53
C ILE B 381 36.74 -23.69 -24.95
N ILE B 382 36.01 -22.94 -24.14
CA ILE B 382 34.63 -22.62 -24.46
C ILE B 382 34.56 -21.68 -25.66
N GLU B 383 35.58 -20.84 -25.85
CA GLU B 383 35.64 -20.00 -27.04
C GLU B 383 35.74 -20.86 -28.30
N SER B 384 36.66 -21.83 -28.28
CA SER B 384 36.78 -22.78 -29.38
C SER B 384 35.47 -23.53 -29.62
N ILE B 385 34.80 -23.95 -28.55
CA ILE B 385 33.54 -24.65 -28.69
C ILE B 385 32.51 -23.75 -29.37
N PHE B 386 32.49 -22.46 -29.01
CA PHE B 386 31.59 -21.51 -29.65
C PHE B 386 31.95 -21.25 -31.10
N SER B 387 33.20 -21.51 -31.50
CA SER B 387 33.63 -21.19 -32.86
C SER B 387 33.01 -22.08 -33.93
N LYS B 388 32.31 -23.15 -33.55
CA LYS B 388 31.71 -24.05 -34.54
C LYS B 388 30.30 -24.43 -34.13
N THR B 389 29.42 -24.56 -35.11
CA THR B 389 28.01 -24.90 -34.84
C THR B 389 27.89 -26.26 -34.17
N VAL B 390 28.55 -27.28 -34.72
CA VAL B 390 28.43 -28.63 -34.18
C VAL B 390 28.86 -28.68 -32.73
N SER B 391 30.05 -28.18 -32.43
CA SER B 391 30.55 -28.21 -31.06
C SER B 391 29.71 -27.36 -30.13
N LEU B 392 29.23 -26.21 -30.61
CA LEU B 392 28.37 -25.36 -29.80
C LEU B 392 27.08 -26.08 -29.41
N ASN B 393 26.37 -26.63 -30.39
CA ASN B 393 25.12 -27.31 -30.11
C ASN B 393 25.33 -28.55 -29.25
N ALA B 394 26.44 -29.26 -29.46
CA ALA B 394 26.71 -30.47 -28.68
C ALA B 394 26.79 -30.16 -27.18
N PHE B 395 27.46 -29.07 -26.82
CA PHE B 395 27.65 -28.75 -25.41
C PHE B 395 26.48 -27.98 -24.81
N LYS B 397 23.33 -28.12 -25.63
CA LYS B 397 22.14 -28.95 -25.55
C LYS B 397 22.35 -30.23 -24.75
N SER B 398 23.54 -30.44 -24.20
CA SER B 398 23.80 -31.55 -23.29
C SER B 398 23.40 -31.12 -21.88
N THR B 399 22.36 -31.75 -21.33
CA THR B 399 21.95 -31.43 -19.97
C THR B 399 23.03 -31.77 -18.95
N THR B 400 23.83 -32.81 -19.23
CA THR B 400 24.99 -33.11 -18.39
C THR B 400 25.99 -31.95 -18.42
N ALA B 401 26.35 -31.50 -19.61
CA ALA B 401 27.32 -30.43 -19.74
C ALA B 401 26.84 -29.16 -19.07
N ILE B 402 25.58 -28.79 -19.28
CA ILE B 402 25.03 -27.60 -18.64
C ILE B 402 24.97 -27.78 -17.13
N ASN B 403 24.60 -28.98 -16.67
CA ASN B 403 24.55 -29.26 -15.25
C ASN B 403 25.91 -29.07 -14.58
N ILE B 404 26.99 -29.32 -15.33
CA ILE B 404 28.31 -29.04 -14.78
C ILE B 404 28.67 -27.56 -14.93
N LEU B 405 28.41 -26.98 -16.10
CA LEU B 405 28.89 -25.65 -16.43
C LEU B 405 28.16 -24.55 -15.67
N VAL B 406 26.95 -24.82 -15.16
CA VAL B 406 26.20 -23.81 -14.44
C VAL B 406 26.93 -23.36 -13.18
N ASN B 407 27.91 -24.16 -12.72
CA ASN B 407 28.71 -23.83 -11.55
C ASN B 407 30.04 -23.17 -11.91
N LYS B 408 30.31 -22.94 -13.18
CA LYS B 408 31.56 -22.34 -13.65
C LYS B 408 31.24 -20.91 -14.06
N THR B 409 31.49 -19.97 -13.15
CA THR B 409 31.00 -18.60 -13.32
C THR B 409 31.56 -17.94 -14.58
N THR B 410 32.87 -18.09 -14.82
CA THR B 410 33.47 -17.46 -15.99
C THR B 410 32.91 -18.05 -17.29
N ALA B 411 32.92 -19.38 -17.40
CA ALA B 411 32.39 -20.04 -18.59
C ALA B 411 30.91 -19.70 -18.79
N PHE B 412 30.13 -19.70 -17.71
CA PHE B 412 28.71 -19.41 -17.85
C PHE B 412 28.46 -17.95 -18.20
N THR B 413 29.30 -17.03 -17.70
CA THR B 413 29.21 -15.64 -18.13
C THR B 413 29.48 -15.52 -19.62
N LYS B 414 30.48 -16.25 -20.12
CA LYS B 414 30.73 -16.25 -21.56
C LYS B 414 29.53 -16.81 -22.32
N ILE B 415 28.90 -17.85 -21.78
CA ILE B 415 27.69 -18.39 -22.40
C ILE B 415 26.59 -17.33 -22.45
N ALA B 416 26.39 -16.62 -21.34
CA ALA B 416 25.34 -15.62 -21.27
C ALA B 416 25.60 -14.45 -22.21
N ASN B 417 26.88 -14.14 -22.48
CA ASN B 417 27.18 -13.03 -23.38
C ASN B 417 27.14 -13.44 -24.85
N ASN B 418 27.30 -14.73 -25.15
CA ASN B 418 27.19 -15.22 -26.52
C ASN B 418 25.73 -15.55 -26.80
N SER B 419 25.07 -14.69 -27.58
CA SER B 419 23.64 -14.87 -27.85
C SER B 419 23.34 -16.21 -28.47
N THR B 420 24.19 -16.67 -29.40
CA THR B 420 23.93 -17.94 -30.07
C THR B 420 23.98 -19.11 -29.10
N ALA B 421 25.03 -19.16 -28.28
CA ALA B 421 25.15 -20.25 -27.31
C ALA B 421 24.02 -20.20 -26.28
N PHE B 422 23.69 -19.00 -25.80
CA PHE B 422 22.60 -18.85 -24.85
C PHE B 422 21.28 -19.37 -25.41
N ASN B 423 20.94 -18.92 -26.63
CA ASN B 423 19.71 -19.37 -27.26
C ASN B 423 19.71 -20.88 -27.50
N ALA B 424 20.86 -21.43 -27.91
CA ALA B 424 20.97 -22.87 -28.08
C ALA B 424 20.74 -23.61 -26.77
N LEU B 426 18.95 -22.59 -24.23
CA LEU B 426 17.56 -22.47 -23.79
C LEU B 426 16.58 -23.30 -24.62
N THR B 427 17.04 -23.94 -25.70
CA THR B 427 16.15 -24.83 -26.44
C THR B 427 15.79 -26.10 -25.69
N ILE B 428 16.52 -26.42 -24.62
CA ILE B 428 16.29 -27.61 -23.81
C ILE B 428 15.65 -27.17 -22.49
N SER B 429 14.41 -27.62 -22.25
CA SER B 429 13.67 -27.22 -21.06
C SER B 429 14.41 -27.54 -19.77
N GLU B 430 14.89 -28.78 -19.66
CA GLU B 430 15.58 -29.19 -18.46
C GLU B 430 16.77 -28.30 -18.16
N ASN B 431 17.40 -27.73 -19.19
CA ASN B 431 18.44 -26.74 -18.97
C ASN B 431 17.89 -25.51 -18.27
N ASN B 432 16.68 -25.07 -18.63
CA ASN B 432 16.04 -23.97 -17.90
C ASN B 432 15.88 -24.33 -16.43
N VAL B 433 15.46 -25.57 -16.15
CA VAL B 433 15.31 -25.98 -14.75
C VAL B 433 16.66 -25.96 -14.04
N THR B 434 17.69 -26.51 -14.69
CA THR B 434 19.03 -26.53 -14.10
C THR B 434 19.52 -25.12 -13.78
N ILE B 435 19.32 -24.18 -14.70
CA ILE B 435 19.75 -22.81 -14.48
C ILE B 435 18.99 -22.18 -13.32
N ALA B 436 17.66 -22.35 -13.31
CA ALA B 436 16.83 -21.68 -12.32
C ALA B 436 17.27 -21.98 -10.88
N ASN B 437 17.75 -23.19 -10.63
CA ASN B 437 18.10 -23.62 -9.28
C ASN B 437 19.53 -23.26 -8.89
N ASN B 438 20.25 -22.51 -9.72
CA ASN B 438 21.63 -22.10 -9.43
C ASN B 438 21.65 -20.61 -9.16
N THR B 439 22.03 -20.24 -7.93
CA THR B 439 21.99 -18.84 -7.52
C THR B 439 22.98 -17.99 -8.31
N THR B 440 24.21 -18.48 -8.49
CA THR B 440 25.22 -17.72 -9.22
C THR B 440 24.77 -17.44 -10.64
N ALA B 441 24.43 -18.49 -11.39
CA ALA B 441 24.03 -18.34 -12.79
C ALA B 441 22.88 -17.35 -12.93
N GLY B 443 22.07 -15.07 -10.93
CA GLY B 443 22.61 -13.75 -10.65
C GLY B 443 23.27 -13.12 -11.86
N ILE B 444 23.98 -13.94 -12.64
CA ILE B 444 24.61 -13.45 -13.86
C ILE B 444 23.55 -13.05 -14.88
N ILE B 445 22.58 -13.92 -15.12
CA ILE B 445 21.57 -13.67 -16.14
C ILE B 445 20.71 -12.47 -15.78
N ALA B 446 20.30 -12.36 -14.50
CA ALA B 446 19.39 -11.30 -14.10
C ALA B 446 20.02 -9.93 -14.26
N ASN B 447 21.35 -9.82 -14.19
CA ASN B 447 22.06 -8.56 -14.36
C ASN B 447 22.71 -8.44 -15.73
N ASN B 448 22.17 -9.14 -16.73
CA ASN B 448 22.65 -9.08 -18.12
C ASN B 448 21.46 -8.69 -18.97
N ALA B 449 21.45 -7.44 -19.45
CA ALA B 449 20.29 -6.90 -20.15
C ALA B 449 19.96 -7.71 -21.40
N GLN B 450 20.99 -8.16 -22.12
CA GLN B 450 20.75 -8.96 -23.31
C GLN B 450 20.11 -10.29 -22.96
N ALA B 451 20.73 -11.03 -22.04
CA ALA B 451 20.21 -12.35 -21.66
C ALA B 451 18.78 -12.25 -21.14
N SER B 453 16.69 -10.10 -21.82
CA SER B 453 15.81 -9.80 -22.93
C SER B 453 15.43 -11.08 -23.68
N THR B 454 16.38 -11.98 -23.87
CA THR B 454 16.08 -13.26 -24.49
C THR B 454 15.13 -14.09 -23.63
N VAL B 455 15.38 -14.11 -22.31
CA VAL B 455 14.56 -14.90 -21.41
C VAL B 455 13.12 -14.38 -21.39
N ALA B 456 12.97 -13.06 -21.27
CA ALA B 456 11.64 -12.47 -21.14
C ALA B 456 10.76 -12.73 -22.36
N ASN B 457 11.34 -12.98 -23.51
CA ASN B 457 10.59 -13.26 -24.73
C ASN B 457 10.57 -14.75 -25.07
N ASN B 458 11.07 -15.59 -24.17
CA ASN B 458 11.08 -17.04 -24.35
C ASN B 458 10.10 -17.62 -23.34
N ASP B 459 8.95 -18.10 -23.83
CA ASP B 459 7.88 -18.56 -22.94
C ASP B 459 8.38 -19.61 -21.95
N THR B 460 9.09 -20.63 -22.44
CA THR B 460 9.51 -21.72 -21.57
C THR B 460 10.46 -21.22 -20.49
N SER B 461 11.47 -20.43 -20.87
CA SER B 461 12.47 -19.98 -19.92
C SER B 461 11.86 -19.11 -18.84
N ILE B 462 11.08 -18.10 -19.23
CA ILE B 462 10.50 -17.19 -18.25
C ILE B 462 9.47 -17.91 -17.39
N SER B 463 8.72 -18.86 -17.98
CA SER B 463 7.74 -19.62 -17.22
C SER B 463 8.43 -20.47 -16.14
N VAL B 464 9.55 -21.10 -16.49
CA VAL B 464 10.30 -21.85 -15.49
C VAL B 464 10.87 -20.91 -14.43
N PHE B 465 11.41 -19.76 -14.84
CA PHE B 465 12.10 -18.88 -13.91
C PHE B 465 11.14 -18.29 -12.89
N VAL B 466 10.00 -17.74 -13.34
CA VAL B 466 9.10 -17.05 -12.43
C VAL B 466 8.34 -17.99 -11.50
N ASN B 467 8.33 -19.30 -11.80
CA ASN B 467 7.71 -20.29 -10.94
C ASN B 467 8.72 -21.05 -10.09
N ASN B 468 9.96 -20.57 -10.02
CA ASN B 468 11.02 -21.19 -9.23
C ASN B 468 11.42 -20.21 -8.14
N THR B 469 11.34 -20.66 -6.88
CA THR B 469 11.53 -19.74 -5.75
C THR B 469 12.93 -19.14 -5.74
N THR B 470 13.93 -19.89 -6.19
CA THR B 470 15.29 -19.36 -6.23
C THR B 470 15.43 -18.29 -7.30
N ALA B 471 15.21 -18.66 -8.57
CA ALA B 471 15.34 -17.72 -9.66
C ALA B 471 14.46 -16.49 -9.45
N GLY B 473 13.35 -15.37 -6.77
CA GLY B 473 13.90 -14.61 -5.66
C GLY B 473 15.00 -13.66 -6.11
N ILE B 474 15.84 -14.11 -7.04
CA ILE B 474 16.92 -13.27 -7.54
C ILE B 474 16.37 -12.21 -8.48
N ILE B 475 15.46 -12.59 -9.38
CA ILE B 475 14.86 -11.64 -10.31
C ILE B 475 14.24 -10.46 -9.58
N ALA B 476 13.54 -10.72 -8.48
CA ALA B 476 12.89 -9.65 -7.74
C ALA B 476 13.90 -8.65 -7.15
N ASN B 477 15.16 -9.06 -7.00
CA ASN B 477 16.20 -8.17 -6.49
C ASN B 477 17.06 -7.56 -7.59
N SER B 478 16.73 -7.81 -8.86
CA SER B 478 17.49 -7.30 -9.99
C SER B 478 16.63 -6.25 -10.70
N SER B 479 17.07 -4.99 -10.65
CA SER B 479 16.31 -3.93 -11.30
C SER B 479 16.33 -4.07 -12.82
N THR B 480 17.40 -4.64 -13.37
CA THR B 480 17.42 -4.94 -14.80
C THR B 480 16.31 -5.92 -15.16
N ALA B 481 16.34 -7.11 -14.57
CA ALA B 481 15.39 -8.17 -14.91
C ALA B 481 13.95 -7.67 -14.81
N THR B 483 12.75 -4.73 -14.84
CA THR B 483 12.47 -3.79 -15.93
C THR B 483 12.04 -4.53 -17.18
N LYS B 484 12.90 -5.42 -17.68
CA LYS B 484 12.57 -6.19 -18.88
C LYS B 484 11.21 -6.85 -18.71
N ILE B 485 11.04 -7.57 -17.60
CA ILE B 485 9.81 -8.32 -17.39
C ILE B 485 8.61 -7.39 -17.34
N THR B 486 8.75 -6.23 -16.68
CA THR B 486 7.60 -5.35 -16.57
C THR B 486 7.29 -4.64 -17.86
N LEU B 487 8.15 -4.75 -18.87
CA LEU B 487 7.90 -4.13 -20.18
C LEU B 487 7.54 -5.15 -21.25
N THR B 488 7.45 -6.43 -20.90
CA THR B 488 7.15 -7.50 -21.84
C THR B 488 5.83 -8.15 -21.45
N GLY B 489 4.88 -8.16 -22.39
CA GLY B 489 3.57 -8.74 -22.11
C GLY B 489 3.66 -10.20 -21.69
N LEU B 490 4.39 -11.00 -22.45
CA LEU B 490 4.53 -12.43 -22.15
C LEU B 490 5.09 -12.65 -20.75
N ALA B 491 6.24 -12.04 -20.45
CA ALA B 491 6.89 -12.26 -19.17
C ALA B 491 6.03 -11.77 -18.02
N LEU B 492 5.42 -10.58 -18.16
CA LEU B 492 4.57 -10.06 -17.10
C LEU B 492 3.36 -10.94 -16.87
N ASN B 493 2.76 -11.46 -17.95
CA ASN B 493 1.67 -12.42 -17.84
C ASN B 493 2.11 -13.64 -17.02
N ARG B 494 3.20 -14.28 -17.44
CA ARG B 494 3.65 -15.49 -16.76
C ARG B 494 3.99 -15.22 -15.30
N VAL B 496 2.72 -12.81 -13.35
CA VAL B 496 1.48 -12.56 -12.63
C VAL B 496 0.79 -13.88 -12.28
N LYS B 497 0.80 -14.82 -13.22
CA LYS B 497 0.14 -16.11 -12.95
C LYS B 497 0.86 -16.90 -11.87
N SER B 498 2.17 -16.71 -11.74
CA SER B 498 2.97 -17.47 -10.79
C SER B 498 2.61 -17.09 -9.36
N ASN B 499 2.22 -18.09 -8.55
CA ASN B 499 2.01 -17.84 -7.13
C ASN B 499 3.32 -17.58 -6.41
N THR B 500 4.40 -18.24 -6.83
CA THR B 500 5.72 -17.95 -6.28
C THR B 500 6.07 -16.48 -6.46
N ALA B 501 5.90 -15.97 -7.69
CA ALA B 501 6.23 -14.58 -7.97
C ALA B 501 5.32 -13.64 -7.20
N LYS B 502 4.02 -13.94 -7.15
CA LYS B 502 3.10 -13.09 -6.40
C LYS B 502 3.51 -13.01 -4.93
N SER B 503 3.84 -14.16 -4.33
CA SER B 503 4.26 -14.16 -2.92
C SER B 503 5.53 -13.32 -2.73
N ILE B 504 6.55 -13.58 -3.54
CA ILE B 504 7.81 -12.87 -3.39
C ILE B 504 7.62 -11.37 -3.56
N LEU B 505 6.88 -10.97 -4.59
CA LEU B 505 6.69 -9.54 -4.86
C LEU B 505 5.83 -8.88 -3.80
N ILE B 506 4.84 -9.58 -3.26
CA ILE B 506 3.99 -8.99 -2.24
C ILE B 506 4.75 -8.80 -0.93
N SER B 507 5.70 -9.69 -0.62
CA SER B 507 6.57 -9.41 0.53
C SER B 507 7.55 -8.28 0.26
N LYS B 508 7.78 -7.93 -1.00
CA LYS B 508 8.64 -6.80 -1.37
C LYS B 508 7.81 -5.73 -2.07
N ASN B 509 6.75 -5.25 -1.39
CA ASN B 509 5.75 -4.41 -2.05
C ASN B 509 6.36 -3.16 -2.67
N SER B 510 7.34 -2.53 -1.99
CA SER B 510 7.92 -1.31 -2.52
C SER B 510 8.65 -1.57 -3.84
N THR B 511 9.37 -2.68 -3.92
CA THR B 511 10.00 -3.08 -5.18
C THR B 511 8.95 -3.24 -6.28
N LEU B 512 7.83 -3.87 -5.95
CA LEU B 512 6.73 -4.01 -6.92
C LEU B 512 6.24 -2.65 -7.40
N GLN B 513 5.92 -1.76 -6.45
CA GLN B 513 5.35 -0.47 -6.81
C GLN B 513 6.33 0.42 -7.56
N THR B 514 7.63 0.16 -7.44
CA THR B 514 8.60 0.87 -8.26
C THR B 514 8.26 0.79 -9.75
N TYR B 515 7.67 -0.32 -10.19
CA TYR B 515 7.42 -0.58 -11.60
C TYR B 515 5.93 -0.47 -11.96
N LYS B 516 5.18 0.34 -11.19
CA LYS B 516 3.74 0.43 -11.40
C LYS B 516 3.41 0.97 -12.78
N ASN B 517 4.19 1.93 -13.27
CA ASN B 517 3.90 2.53 -14.58
C ASN B 517 4.22 1.55 -15.72
N ASN B 518 5.36 0.88 -15.63
CA ASN B 518 5.67 -0.20 -16.58
C ASN B 518 4.54 -1.23 -16.60
N ILE B 519 4.06 -1.62 -15.42
CA ILE B 519 3.04 -2.66 -15.35
C ILE B 519 1.73 -2.18 -15.98
N GLN B 520 1.29 -0.97 -15.63
CA GLN B 520 0.08 -0.41 -16.20
C GLN B 520 0.17 -0.32 -17.73
N ASN B 521 1.29 0.22 -18.23
CA ASN B 521 1.45 0.37 -19.67
C ASN B 521 1.46 -0.98 -20.38
N THR B 522 2.18 -1.96 -19.82
CA THR B 522 2.26 -3.27 -20.46
C THR B 522 0.91 -3.97 -20.44
N ILE B 523 0.16 -3.83 -19.35
CA ILE B 523 -1.15 -4.47 -19.26
C ILE B 523 -2.11 -3.85 -20.28
N GLN B 524 -2.22 -2.52 -20.28
CA GLN B 524 -3.17 -1.87 -21.17
C GLN B 524 -2.77 -1.99 -22.63
N GLY B 525 -1.47 -2.04 -22.92
CA GLY B 525 -1.01 -2.14 -24.29
C GLY B 525 -1.10 -3.53 -24.90
N SER B 526 -0.75 -4.55 -24.12
CA SER B 526 -0.62 -5.91 -24.65
C SER B 526 -1.94 -6.66 -24.44
N THR B 527 -2.87 -6.43 -25.38
CA THR B 527 -4.16 -7.12 -25.34
C THR B 527 -4.02 -8.59 -25.69
N ALA B 528 -2.91 -9.00 -26.30
CA ALA B 528 -2.67 -10.42 -26.55
C ALA B 528 -2.54 -11.21 -25.25
N TYR B 529 -2.02 -10.57 -24.19
CA TYR B 529 -1.71 -11.27 -22.95
C TYR B 529 -2.52 -10.80 -21.75
N PHE B 530 -3.28 -9.72 -21.86
CA PHE B 530 -4.10 -9.24 -20.76
C PHE B 530 -5.46 -8.79 -21.27
N ARG B 531 -6.49 -9.04 -20.45
CA ARG B 531 -7.84 -8.58 -20.74
C ARG B 531 -8.36 -7.80 -19.54
N THR B 532 -9.31 -6.91 -19.80
CA THR B 532 -9.90 -6.08 -18.76
C THR B 532 -11.07 -6.81 -18.11
N ILE B 533 -11.02 -6.96 -16.80
CA ILE B 533 -12.15 -7.48 -16.04
C ILE B 533 -13.09 -6.36 -15.62
N THR B 534 -12.52 -5.23 -15.17
CA THR B 534 -13.29 -4.07 -14.75
C THR B 534 -12.58 -2.83 -15.22
N GLY B 535 -13.22 -2.06 -16.11
CA GLY B 535 -12.69 -0.75 -16.45
C GLY B 535 -12.67 0.18 -15.25
N PHE B 536 -11.85 1.23 -15.36
CA PHE B 536 -11.71 2.17 -14.26
C PHE B 536 -13.06 2.71 -13.84
N ALA B 537 -13.30 2.72 -12.53
CA ALA B 537 -14.57 3.16 -11.99
C ALA B 537 -14.35 3.82 -10.64
N ASP B 538 -15.16 4.84 -10.35
CA ASP B 538 -15.11 5.55 -9.09
C ASP B 538 -15.95 4.82 -8.05
N ALA B 539 -15.59 5.00 -6.78
CA ALA B 539 -16.27 4.29 -5.70
C ALA B 539 -16.12 5.07 -4.40
N ASP B 540 -17.26 5.44 -3.80
CA ASP B 540 -17.26 6.05 -2.49
C ASP B 540 -17.11 5.00 -1.39
N ASP B 541 -17.89 3.94 -1.46
CA ASP B 541 -17.82 2.83 -0.51
C ASP B 541 -16.93 1.73 -1.05
N ASN B 542 -16.50 0.86 -0.14
CA ASN B 542 -15.58 -0.23 -0.46
C ASN B 542 -16.14 -1.12 -1.57
N PRO B 543 -15.46 -1.24 -2.69
CA PRO B 543 -15.85 -2.24 -3.70
C PRO B 543 -15.71 -3.64 -3.13
N PRO B 544 -16.43 -4.62 -3.67
CA PRO B 544 -16.30 -5.99 -3.16
C PRO B 544 -14.93 -6.57 -3.52
N GLN B 545 -14.29 -7.18 -2.53
CA GLN B 545 -12.99 -7.79 -2.77
C GLN B 545 -13.13 -8.94 -3.75
N THR B 546 -12.10 -9.13 -4.57
CA THR B 546 -12.03 -10.25 -5.51
C THR B 546 -10.69 -10.95 -5.35
N ILE B 547 -10.71 -12.27 -5.35
CA ILE B 547 -9.51 -13.08 -5.21
C ILE B 547 -9.44 -14.01 -6.41
N ASN B 548 -8.39 -13.85 -7.21
CA ASN B 548 -8.13 -14.73 -8.35
C ASN B 548 -6.66 -14.61 -8.68
N SER B 549 -5.95 -15.74 -8.70
CA SER B 549 -4.50 -15.74 -8.82
C SER B 549 -4.01 -15.31 -10.21
N THR B 550 -4.92 -15.00 -11.14
CA THR B 550 -4.53 -14.47 -12.44
C THR B 550 -4.89 -13.00 -12.61
N TYR B 551 -5.34 -12.34 -11.55
CA TYR B 551 -5.81 -10.96 -11.63
C TYR B 551 -4.70 -9.96 -11.29
N VAL B 552 -4.77 -8.79 -11.92
CA VAL B 552 -3.94 -7.64 -11.58
C VAL B 552 -4.84 -6.43 -11.45
N GLY B 553 -4.76 -5.74 -10.32
CA GLY B 553 -5.56 -4.56 -10.07
C GLY B 553 -4.72 -3.29 -10.05
N ILE B 554 -5.32 -2.20 -10.52
CA ILE B 554 -4.72 -0.87 -10.45
C ILE B 554 -5.70 0.02 -9.70
N THR B 555 -5.24 0.63 -8.61
CA THR B 555 -6.17 1.29 -7.68
C THR B 555 -5.62 2.65 -7.27
N TYR B 556 -6.36 3.71 -7.60
CA TYR B 556 -6.14 5.04 -7.06
C TYR B 556 -6.89 5.16 -5.73
N CYS B 557 -6.16 5.54 -4.69
CA CYS B 557 -6.72 5.72 -3.35
C CYS B 557 -6.59 7.19 -2.96
N TYR B 558 -7.69 7.80 -2.52
CA TYR B 558 -7.64 9.19 -2.11
C TYR B 558 -8.83 9.49 -1.20
N GLY B 559 -9.01 10.78 -0.88
CA GLY B 559 -10.10 11.18 -0.03
C GLY B 559 -11.34 11.64 -0.79
N TYR B 560 -12.47 11.58 -0.09
CA TYR B 560 -13.72 12.11 -0.62
C TYR B 560 -13.65 13.63 -0.72
N LYS B 561 -13.95 14.16 -1.91
CA LYS B 561 -13.82 15.61 -2.20
C LYS B 561 -12.45 16.14 -1.82
N GLY B 562 -11.43 15.30 -1.87
CA GLY B 562 -10.08 15.74 -1.57
C GLY B 562 -9.81 15.93 -0.08
N ASN B 563 -10.61 15.33 0.78
CA ASN B 563 -10.38 15.46 2.22
C ASN B 563 -9.14 14.67 2.63
N SER B 564 -8.87 14.66 3.93
CA SER B 564 -7.68 14.03 4.48
C SER B 564 -7.90 12.60 4.93
N TYR B 565 -8.97 11.95 4.48
CA TYR B 565 -9.25 10.58 4.85
C TYR B 565 -8.75 9.62 3.77
N TYR B 566 -8.46 8.39 4.18
CA TYR B 566 -7.62 7.47 3.42
C TYR B 566 -8.43 6.37 2.77
N GLY B 567 -8.11 6.07 1.51
CA GLY B 567 -8.42 4.80 0.90
C GLY B 567 -7.20 3.90 0.99
N ILE B 568 -7.44 2.60 1.22
CA ILE B 568 -6.38 1.62 1.40
C ILE B 568 -6.69 0.41 0.53
N VAL B 569 -5.67 -0.12 -0.14
CA VAL B 569 -5.82 -1.28 -1.00
C VAL B 569 -4.77 -2.33 -0.64
N TYR B 570 -5.22 -3.59 -0.57
CA TYR B 570 -4.43 -4.75 -0.22
C TYR B 570 -4.47 -5.75 -1.37
N HIS B 571 -3.41 -6.56 -1.47
CA HIS B 571 -3.31 -7.56 -2.53
C HIS B 571 -4.35 -8.65 -2.36
N GLY B 572 -4.81 -9.19 -3.49
CA GLY B 572 -5.77 -10.29 -3.44
C GLY B 572 -5.15 -11.59 -3.01
N TYR B 573 -3.91 -11.85 -3.43
CA TYR B 573 -3.24 -13.10 -3.09
C TYR B 573 -2.94 -13.21 -1.60
N ASN B 574 -2.91 -12.07 -0.90
CA ASN B 574 -2.79 -12.08 0.57
C ASN B 574 -3.45 -10.78 1.04
N THR B 575 -4.72 -10.88 1.44
CA THR B 575 -5.53 -9.70 1.75
C THR B 575 -5.11 -8.99 3.03
N SER B 576 -4.05 -9.45 3.71
CA SER B 576 -3.53 -8.78 4.88
C SER B 576 -2.33 -7.89 4.58
N ILE B 577 -1.78 -7.96 3.37
CA ILE B 577 -0.61 -7.17 3.00
C ILE B 577 -1.08 -5.94 2.23
N GLU B 578 -0.79 -4.76 2.77
CA GLU B 578 -1.19 -3.52 2.13
C GLU B 578 -0.37 -3.27 0.87
N ALA B 579 -1.06 -3.00 -0.23
CA ALA B 579 -0.38 -2.52 -1.43
C ALA B 579 -0.19 -1.01 -1.41
N GLY B 580 -1.14 -0.27 -0.85
CA GLY B 580 -0.94 1.17 -0.74
C GLY B 580 -2.13 1.85 -0.09
N ARG B 581 -1.96 3.15 0.14
CA ARG B 581 -3.03 3.98 0.67
C ARG B 581 -2.83 5.41 0.20
N GLY B 582 -3.89 6.21 0.34
CA GLY B 582 -3.82 7.61 -0.03
C GLY B 582 -4.99 8.46 0.41
N ASN B 583 -4.71 9.74 0.67
CA ASN B 583 -5.76 10.74 0.90
C ASN B 583 -5.64 11.88 -0.09
N GLY B 584 -6.28 13.01 0.19
CA GLY B 584 -6.16 14.16 -0.69
C GLY B 584 -6.87 13.93 -2.00
N TYR B 585 -6.28 14.45 -3.08
CA TYR B 585 -6.86 14.36 -4.42
C TYR B 585 -6.28 13.18 -5.17
N LYS B 586 -7.05 12.69 -6.14
CA LYS B 586 -6.57 11.65 -7.04
C LYS B 586 -5.23 12.06 -7.65
N ASP B 587 -4.31 11.12 -7.75
CA ASP B 587 -2.94 11.45 -8.09
C ASP B 587 -2.20 10.20 -8.56
N GLU B 588 -1.26 10.40 -9.49
CA GLU B 588 -0.50 9.29 -10.03
C GLU B 588 0.46 8.68 -9.03
N THR B 589 0.85 9.42 -7.99
CA THR B 589 1.67 8.85 -6.94
C THR B 589 0.87 8.02 -5.95
N LYS B 590 -0.44 8.23 -5.89
CA LYS B 590 -1.33 7.46 -5.02
C LYS B 590 -2.12 6.43 -5.82
N LYS B 591 -1.40 5.68 -6.64
CA LYS B 591 -1.95 4.62 -7.48
C LYS B 591 -1.08 3.38 -7.29
N PHE B 592 -1.72 2.23 -7.07
CA PHE B 592 -0.99 1.06 -6.62
C PHE B 592 -1.41 -0.19 -7.39
N ILE B 593 -0.44 -1.08 -7.58
CA ILE B 593 -0.62 -2.39 -8.22
C ILE B 593 -0.96 -3.41 -7.14
N THR B 594 -1.95 -4.26 -7.43
CA THR B 594 -2.29 -5.39 -6.57
C THR B 594 -2.24 -6.68 -7.39
N LEU B 595 -1.69 -7.74 -6.79
CA LEU B 595 -1.52 -9.03 -7.45
C LEU B 595 -2.50 -10.04 -6.87
N GLY B 596 -3.12 -10.81 -7.76
CA GLY B 596 -4.04 -11.86 -7.33
C GLY B 596 -5.39 -11.37 -6.88
N GLY B 597 -5.80 -10.18 -7.30
CA GLY B 597 -7.04 -9.59 -6.84
C GLY B 597 -6.78 -8.32 -6.06
N ALA B 598 -7.77 -7.95 -5.23
CA ALA B 598 -7.64 -6.77 -4.40
C ALA B 598 -8.67 -6.81 -3.29
N ARG B 599 -8.33 -6.16 -2.18
CA ARG B 599 -9.26 -5.88 -1.09
C ARG B 599 -9.17 -4.40 -0.76
N TYR B 600 -10.34 -3.77 -0.58
CA TYR B 600 -10.43 -2.32 -0.42
C TYR B 600 -10.94 -1.99 0.98
N ASP B 601 -10.37 -0.93 1.56
CA ASP B 601 -10.74 -0.51 2.91
C ASP B 601 -10.64 1.00 3.00
N GLN B 602 -11.25 1.57 4.03
CA GLN B 602 -11.22 3.01 4.23
C GLN B 602 -10.87 3.35 5.67
N SER B 603 -10.13 4.44 5.83
CA SER B 603 -9.94 5.12 7.10
C SER B 603 -10.67 6.45 6.97
N GLY B 604 -11.86 6.53 7.55
CA GLY B 604 -12.74 7.64 7.29
C GLY B 604 -13.42 7.47 5.94
N ASP B 605 -14.02 8.56 5.47
CA ASP B 605 -14.70 8.56 4.18
C ASP B 605 -13.65 8.67 3.09
N GLY B 606 -13.13 7.52 2.66
CA GLY B 606 -12.18 7.46 1.56
C GLY B 606 -12.85 7.37 0.22
N TYR B 607 -12.04 7.13 -0.81
CA TYR B 607 -12.54 7.09 -2.17
C TYR B 607 -11.54 6.37 -3.06
N PHE B 608 -12.07 5.65 -4.05
CA PHE B 608 -11.26 4.83 -4.94
C PHE B 608 -11.60 5.12 -6.40
N THR B 609 -10.60 4.96 -7.25
CA THR B 609 -10.81 4.81 -8.69
C THR B 609 -10.01 3.60 -9.12
N TYR B 610 -10.69 2.54 -9.54
CA TYR B 610 -10.05 1.23 -9.60
C TYR B 610 -10.41 0.50 -10.88
N ALA B 611 -9.46 -0.33 -11.34
CA ALA B 611 -9.65 -1.21 -12.48
C ALA B 611 -9.00 -2.55 -12.18
N TYR B 613 -7.62 -6.32 -14.07
CA TYR B 613 -7.22 -6.99 -15.31
C TYR B 613 -6.88 -8.44 -15.01
N GLN B 614 -6.81 -9.25 -16.06
CA GLN B 614 -6.51 -10.67 -15.93
C GLN B 614 -5.47 -11.08 -16.96
N ALA B 615 -4.46 -11.83 -16.51
CA ALA B 615 -3.50 -12.44 -17.42
C ALA B 615 -4.14 -13.59 -18.17
N ILE B 616 -4.18 -13.50 -19.49
CA ILE B 616 -4.80 -14.52 -20.33
C ILE B 616 -3.97 -15.80 -20.31
N GLY C 15 47.33 -4.43 34.62
CA GLY C 15 46.13 -3.63 34.51
C GLY C 15 46.01 -2.88 33.20
N GLU C 16 45.92 -1.56 33.29
CA GLU C 16 45.84 -0.68 32.13
C GLU C 16 47.17 0.05 31.92
N PRO C 17 47.44 0.50 30.70
CA PRO C 17 48.72 1.16 30.43
C PRO C 17 48.89 2.46 31.21
N LEU C 18 50.15 2.88 31.33
CA LEU C 18 50.49 4.02 32.19
C LEU C 18 49.88 5.31 31.67
N ASN C 19 49.88 5.52 30.35
CA ASN C 19 49.33 6.74 29.79
C ASN C 19 47.84 6.88 30.11
N PHE C 20 47.12 5.75 30.21
CA PHE C 20 45.74 5.81 30.66
C PHE C 20 45.65 6.39 32.08
N LEU C 21 46.54 5.96 32.96
CA LEU C 21 46.54 6.47 34.33
C LEU C 21 46.85 7.96 34.35
N SER C 22 47.81 8.39 33.53
CA SER C 22 48.11 9.82 33.43
C SER C 22 46.91 10.60 32.90
N TYR C 23 46.19 10.02 31.93
CA TYR C 23 44.99 10.67 31.41
C TYR C 23 43.93 10.84 32.49
N LEU C 24 43.71 9.79 33.29
CA LEU C 24 42.73 9.88 34.37
C LEU C 24 43.15 10.91 35.40
N GLN C 25 44.45 10.98 35.69
CA GLN C 25 44.94 11.97 36.64
C GLN C 25 44.74 13.39 36.12
N ASP C 26 45.04 13.63 34.84
CA ASP C 26 44.84 14.95 34.28
C ASP C 26 43.36 15.31 34.20
N ILE C 27 42.50 14.32 33.94
CA ILE C 27 41.06 14.59 33.95
C ILE C 27 40.63 15.03 35.34
N LYS C 28 41.10 14.33 36.37
CA LYS C 28 40.79 14.73 37.74
C LYS C 28 41.27 16.14 38.03
N LEU C 29 42.50 16.46 37.62
CA LEU C 29 43.07 17.75 37.98
C LEU C 29 42.45 18.91 37.20
N ASN C 30 42.05 18.70 35.95
CA ASN C 30 41.67 19.79 35.06
C ASN C 30 40.20 19.81 34.66
N GLY C 31 39.39 18.84 35.09
CA GLY C 31 38.00 18.82 34.65
C GLY C 31 37.90 18.79 33.14
N LEU C 32 36.96 19.61 32.61
CA LEU C 32 36.75 19.70 31.18
C LEU C 32 37.87 20.44 30.45
N ASP C 33 38.77 21.10 31.19
CA ASP C 33 39.90 21.80 30.59
C ASP C 33 41.07 20.87 30.29
N SER C 34 40.95 19.58 30.56
CA SER C 34 42.04 18.65 30.32
C SER C 34 42.34 18.55 28.83
N TYR C 35 43.63 18.37 28.49
CA TYR C 35 44.00 18.13 27.10
C TYR C 35 43.35 16.86 26.56
N VAL C 36 43.05 15.91 27.43
CA VAL C 36 42.41 14.66 27.00
C VAL C 36 41.05 14.96 26.37
N LEU C 37 40.33 15.93 26.91
CA LEU C 37 38.96 16.21 26.49
C LEU C 37 38.87 17.32 25.44
N PHE C 38 40.00 17.78 24.91
CA PHE C 38 39.98 18.70 23.79
C PHE C 38 39.65 17.92 22.52
N ILE C 39 38.77 18.49 21.69
CA ILE C 39 38.32 17.79 20.49
C ILE C 39 39.50 17.39 19.61
N GLY C 40 40.54 18.24 19.54
CA GLY C 40 41.70 17.94 18.74
C GLY C 40 42.43 16.67 19.13
N ASN C 41 42.21 16.18 20.35
CA ASN C 41 42.82 14.95 20.83
C ASN C 41 41.84 13.80 20.93
N ALA C 42 40.70 13.91 20.21
CA ALA C 42 39.65 12.88 20.31
C ALA C 42 40.20 11.47 20.17
N ARG C 43 41.20 11.29 19.30
CA ARG C 43 41.75 9.95 19.05
C ARG C 43 42.16 9.27 20.36
N ILE C 44 42.88 9.99 21.23
CA ILE C 44 43.29 9.34 22.48
C ILE C 44 42.09 9.20 23.40
N TRP C 45 41.20 10.19 23.42
CA TRP C 45 40.01 10.12 24.25
C TRP C 45 39.22 8.85 23.92
N GLU C 46 38.97 8.63 22.64
CA GLU C 46 38.33 7.38 22.20
C GLU C 46 39.11 6.18 22.72
N GLU C 47 40.42 6.15 22.46
CA GLU C 47 41.25 5.02 22.90
C GLU C 47 41.04 4.76 24.38
N LEU C 48 40.83 5.82 25.16
CA LEU C 48 40.60 5.63 26.58
C LEU C 48 39.26 4.94 26.82
N TYR C 49 38.17 5.55 26.37
CA TYR C 49 36.86 5.06 26.80
C TYR C 49 36.48 3.75 26.13
N LEU C 50 37.16 3.38 25.04
CA LEU C 50 36.95 2.06 24.46
C LEU C 50 37.67 0.97 25.26
N ASN C 51 38.81 1.29 25.87
CA ASN C 51 39.66 0.26 26.45
C ASN C 51 39.75 0.31 27.97
N SER C 52 39.39 1.42 28.60
CA SER C 52 39.55 1.56 30.04
C SER C 52 38.30 1.13 30.79
N LEU C 53 38.48 0.35 31.85
CA LEU C 53 37.47 0.16 32.87
C LEU C 53 37.65 1.16 34.01
N TYR C 54 38.90 1.50 34.33
CA TYR C 54 39.17 2.48 35.38
C TYR C 54 38.43 3.79 35.14
N LEU C 55 38.33 4.22 33.89
CA LEU C 55 37.62 5.44 33.57
C LEU C 55 36.17 5.39 34.06
N PHE C 56 35.53 4.24 33.95
CA PHE C 56 34.12 4.10 34.31
C PHE C 56 33.92 3.76 35.78
N SER C 57 34.99 3.42 36.51
CA SER C 57 34.90 3.13 37.93
C SER C 57 35.53 4.21 38.79
N ASP C 58 36.02 5.28 38.18
CA ASP C 58 36.59 6.41 38.91
C ASP C 58 35.47 7.41 39.17
N ARG C 59 34.80 7.24 40.32
CA ARG C 59 33.67 8.10 40.64
C ARG C 59 34.10 9.56 40.82
N GLY C 60 35.33 9.79 41.27
CA GLY C 60 35.82 11.14 41.51
C GLY C 60 35.85 12.02 40.28
N ILE C 61 35.76 11.44 39.10
CA ILE C 61 35.71 12.20 37.84
C ILE C 61 34.41 11.96 37.08
N ARG C 62 33.46 11.23 37.70
CA ARG C 62 32.30 10.74 36.95
C ARG C 62 31.56 11.88 36.27
N GLU C 63 31.22 12.94 37.02
CA GLU C 63 30.48 14.06 36.44
C GLU C 63 31.20 14.61 35.22
N THR C 64 32.52 14.74 35.27
CA THR C 64 33.25 15.20 34.11
C THR C 64 33.08 14.24 32.94
N VAL C 65 33.29 12.94 33.19
CA VAL C 65 33.26 11.96 32.11
C VAL C 65 31.92 11.98 31.41
N TYR C 66 30.83 11.89 32.20
CA TYR C 66 29.49 11.95 31.62
C TYR C 66 29.29 13.20 30.78
N THR C 67 29.79 14.35 31.26
CA THR C 67 29.64 15.57 30.48
C THR C 67 30.46 15.51 29.20
N ALA C 68 31.64 14.87 29.25
CA ALA C 68 32.54 14.88 28.10
C ALA C 68 31.99 14.06 26.93
N PHE C 69 31.16 13.04 27.21
CA PHE C 69 30.65 12.16 26.17
C PHE C 69 29.76 12.89 25.17
N SER C 70 30.24 13.01 23.93
CA SER C 70 29.41 13.48 22.83
C SER C 70 28.56 12.35 22.28
N GLU C 71 27.62 12.71 21.41
CA GLU C 71 26.82 11.68 20.73
C GLU C 71 27.71 10.70 19.98
N THR C 72 28.73 11.22 19.29
CA THR C 72 29.67 10.36 18.58
C THR C 72 30.42 9.44 19.53
N ASP C 73 30.81 9.94 20.70
CA ASP C 73 31.51 9.11 21.67
C ASP C 73 30.64 7.93 22.11
N ILE C 74 29.36 8.18 22.40
CA ILE C 74 28.45 7.11 22.80
C ILE C 74 28.26 6.12 21.67
N ASP C 75 28.09 6.63 20.44
CA ASP C 75 28.00 5.74 19.28
C ASP C 75 29.24 4.87 19.15
N ASN C 76 30.43 5.45 19.35
CA ASN C 76 31.67 4.69 19.29
C ASN C 76 31.71 3.62 20.36
N LEU C 77 31.29 3.96 21.59
CA LEU C 77 31.19 2.96 22.65
C LEU C 77 30.33 1.78 22.22
N PHE C 78 29.10 2.06 21.81
CA PHE C 78 28.19 0.99 21.43
C PHE C 78 28.73 0.16 20.26
N ASN C 79 29.33 0.83 19.27
CA ASN C 79 29.74 0.12 18.06
C ASN C 79 31.00 -0.71 18.28
N LYS C 80 31.95 -0.21 19.08
CA LYS C 80 33.30 -0.76 19.10
C LYS C 80 33.71 -1.41 20.40
N SER C 81 33.19 -0.96 21.55
CA SER C 81 33.65 -1.48 22.82
C SER C 81 33.33 -2.97 22.96
N THR C 82 34.35 -3.76 23.28
CA THR C 82 34.19 -5.19 23.52
C THR C 82 33.81 -5.49 24.96
N LYS C 83 33.56 -4.47 25.77
CA LYS C 83 33.23 -4.64 27.18
C LYS C 83 32.28 -3.54 27.64
N LEU C 84 31.29 -3.21 26.79
CA LEU C 84 30.30 -2.22 27.16
C LEU C 84 29.56 -2.61 28.43
N GLY C 85 29.29 -3.90 28.62
CA GLY C 85 28.58 -4.34 29.81
C GLY C 85 29.37 -4.08 31.08
N GLU C 86 30.65 -4.45 31.09
CA GLU C 86 31.50 -4.19 32.26
C GLU C 86 31.60 -2.70 32.54
N GLN C 87 31.69 -1.89 31.49
CA GLN C 87 31.81 -0.45 31.68
C GLN C 87 30.53 0.16 32.23
N LEU C 88 29.37 -0.31 31.76
CA LEU C 88 28.11 0.16 32.30
C LEU C 88 27.95 -0.27 33.76
N ASN C 89 28.32 -1.51 34.07
CA ASN C 89 28.23 -1.99 35.45
C ASN C 89 29.11 -1.17 36.38
N ALA C 90 30.32 -0.84 35.93
CA ALA C 90 31.20 0.01 36.73
C ALA C 90 30.65 1.43 36.85
N PHE C 91 30.10 1.96 35.75
CA PHE C 91 29.65 3.35 35.73
C PHE C 91 28.43 3.57 36.61
N TYR C 92 27.61 2.53 36.82
CA TYR C 92 26.44 2.62 37.68
C TYR C 92 26.56 1.78 38.93
N ARG C 93 27.77 1.30 39.23
CA ARG C 93 28.08 0.51 40.43
C ARG C 93 27.01 -0.56 40.66
N THR C 94 26.86 -1.42 39.65
CA THR C 94 25.81 -2.43 39.66
C THR C 94 26.31 -3.67 38.92
N ASP C 95 25.41 -4.65 38.78
CA ASP C 95 25.73 -5.88 38.07
C ASP C 95 24.62 -6.31 37.12
N ILE C 96 23.66 -5.43 36.82
CA ILE C 96 22.46 -5.86 36.10
C ILE C 96 22.68 -6.02 34.61
N PHE C 97 23.75 -5.46 34.05
CA PHE C 97 24.01 -5.54 32.63
C PHE C 97 24.90 -6.73 32.31
N SER C 98 24.61 -7.39 31.19
CA SER C 98 25.41 -8.54 30.77
C SER C 98 26.76 -8.07 30.24
N LEU C 99 27.72 -8.99 30.27
CA LEU C 99 29.09 -8.65 29.92
C LEU C 99 29.30 -8.78 28.42
N GLY C 100 30.36 -8.12 27.93
CA GLY C 100 30.68 -8.15 26.52
C GLY C 100 30.25 -6.89 25.78
N ASN C 101 30.08 -7.06 24.47
CA ASN C 101 29.81 -5.94 23.57
C ASN C 101 28.34 -5.53 23.63
N ALA C 102 27.97 -4.57 22.78
CA ALA C 102 26.62 -4.04 22.79
C ALA C 102 25.57 -5.10 22.47
N ASP C 103 25.92 -6.10 21.65
CA ASP C 103 24.95 -7.14 21.33
C ASP C 103 24.58 -7.96 22.56
N ASN C 104 25.57 -8.32 23.37
CA ASN C 104 25.29 -9.05 24.61
C ASN C 104 24.45 -8.21 25.56
N VAL C 105 24.71 -6.90 25.61
CA VAL C 105 23.95 -6.02 26.51
C VAL C 105 22.51 -5.91 26.05
N VAL C 106 22.31 -5.71 24.74
CA VAL C 106 20.96 -5.61 24.19
C VAL C 106 20.20 -6.91 24.37
N LYS C 107 20.89 -8.04 24.28
CA LYS C 107 20.22 -9.34 24.36
C LYS C 107 19.48 -9.52 25.68
N GLU C 108 20.01 -8.96 26.77
CA GLU C 108 19.42 -9.15 28.10
C GLU C 108 18.75 -7.88 28.62
N THR C 110 16.19 -5.09 29.69
CA THR C 110 14.79 -4.96 30.05
C THR C 110 14.43 -3.48 30.18
N ILE C 111 13.13 -3.20 30.28
CA ILE C 111 12.68 -1.82 30.47
C ILE C 111 13.19 -1.27 31.80
N GLU C 112 13.15 -2.10 32.85
CA GLU C 112 13.67 -1.69 34.15
C GLU C 112 15.12 -1.25 34.05
N HIS C 113 15.98 -2.12 33.49
CA HIS C 113 17.39 -1.80 33.39
C HIS C 113 17.63 -0.61 32.45
N TYR C 114 16.84 -0.51 31.39
CA TYR C 114 16.97 0.62 30.47
C TYR C 114 16.67 1.94 31.18
N ASN C 115 15.62 1.97 31.99
CA ASN C 115 15.26 3.21 32.69
C ASN C 115 16.27 3.60 33.75
N SER C 116 17.07 2.65 34.26
CA SER C 116 18.11 3.00 35.22
C SER C 116 19.27 3.74 34.58
N LEU C 117 19.33 3.79 33.25
CA LEU C 117 20.40 4.49 32.55
C LEU C 117 20.13 5.99 32.52
N GLU C 118 21.21 6.76 32.43
CA GLU C 118 21.09 8.19 32.23
C GLU C 118 20.77 8.48 30.77
N GLU C 119 20.43 9.74 30.50
CA GLU C 119 19.87 10.11 29.20
C GLU C 119 20.79 9.73 28.04
N LYS C 120 22.08 10.00 28.18
CA LYS C 120 23.01 9.78 27.06
C LYS C 120 23.07 8.31 26.69
N PHE C 121 23.01 7.41 27.67
CA PHE C 121 23.10 5.98 27.36
C PHE C 121 21.78 5.42 26.88
N LYS C 122 20.65 5.96 27.35
CA LYS C 122 19.37 5.62 26.74
C LYS C 122 19.38 5.98 25.25
N ALA C 123 19.80 7.20 24.94
CA ALA C 123 19.89 7.62 23.54
C ALA C 123 20.87 6.76 22.75
N GLY C 124 21.98 6.36 23.38
CA GLY C 124 22.92 5.46 22.71
C GLY C 124 22.29 4.12 22.37
N TYR C 125 21.55 3.53 23.32
CA TYR C 125 20.82 2.30 23.05
C TYR C 125 19.87 2.49 21.87
N ASP C 126 19.08 3.57 21.91
CA ASP C 126 18.12 3.86 20.84
C ASP C 126 18.82 3.90 19.49
N ARG C 127 19.88 4.71 19.39
CA ARG C 127 20.56 4.89 18.11
C ARG C 127 21.21 3.60 17.64
N TYR C 128 21.79 2.82 18.56
CA TYR C 128 22.44 1.58 18.16
C TYR C 128 21.43 0.57 17.61
N VAL C 129 20.32 0.38 18.33
CA VAL C 129 19.33 -0.58 17.83
C VAL C 129 18.71 -0.07 16.53
N THR C 130 18.53 1.24 16.39
CA THR C 130 18.02 1.79 15.14
C THR C 130 18.98 1.51 13.99
N ARG C 131 20.28 1.75 14.21
CA ARG C 131 21.27 1.47 13.17
C ARG C 131 21.24 0.00 12.76
N GLU C 132 21.19 -0.90 13.75
CA GLU C 132 21.23 -2.32 13.42
C GLU C 132 19.97 -2.77 12.70
N GLN C 133 18.81 -2.25 13.08
CA GLN C 133 17.57 -2.65 12.44
C GLN C 133 17.42 -2.05 11.04
N GLU C 134 17.89 -0.83 10.84
CA GLU C 134 17.73 -0.17 9.54
C GLU C 134 18.72 -0.64 8.49
N LYS C 135 19.69 -1.48 8.86
CA LYS C 135 20.53 -2.14 7.88
C LYS C 135 19.75 -3.26 7.19
N SER C 136 20.37 -3.84 6.16
CA SER C 136 19.78 -5.00 5.49
C SER C 136 20.06 -6.30 6.22
N THR C 137 20.76 -6.25 7.36
CA THR C 137 20.99 -7.40 8.21
C THR C 137 20.11 -7.39 9.45
N ILE C 138 18.95 -6.74 9.38
CA ILE C 138 18.05 -6.67 10.53
C ILE C 138 17.64 -8.07 10.97
N GLY C 139 17.28 -8.93 10.01
CA GLY C 139 16.87 -10.27 10.36
C GLY C 139 17.98 -11.07 11.02
N ALA C 140 19.17 -11.05 10.43
CA ALA C 140 20.32 -11.74 11.02
C ALA C 140 20.67 -11.16 12.38
N TRP C 141 20.57 -9.84 12.54
CA TRP C 141 20.88 -9.21 13.81
C TRP C 141 19.92 -9.66 14.90
N PHE C 142 18.61 -9.59 14.63
CA PHE C 142 17.62 -10.11 15.58
C PHE C 142 17.89 -11.57 15.89
N ASN C 143 18.17 -12.38 14.85
CA ASN C 143 18.32 -13.82 15.04
C ASN C 143 19.51 -14.15 15.92
N SER C 144 20.66 -13.54 15.66
CA SER C 144 21.88 -13.90 16.38
C SER C 144 21.94 -13.22 17.75
N THR C 145 21.50 -11.95 17.82
CA THR C 145 21.59 -11.21 19.07
C THR C 145 20.76 -11.87 20.17
N PHE C 146 19.55 -12.29 19.84
CA PHE C 146 18.63 -12.86 20.83
C PHE C 146 18.51 -14.38 20.72
N SER C 147 19.34 -15.03 19.89
CA SER C 147 19.35 -16.48 19.74
C SER C 147 17.96 -17.02 19.45
N LEU C 148 17.29 -16.39 18.47
CA LEU C 148 15.95 -16.82 18.09
C LEU C 148 15.94 -18.13 17.31
N ASP C 149 17.06 -18.50 16.69
CA ASP C 149 17.19 -19.78 15.98
C ASP C 149 16.08 -19.96 14.94
N ASN C 150 16.02 -19.02 14.01
CA ASN C 150 14.98 -18.99 12.98
C ASN C 150 15.63 -18.70 11.63
N THR C 151 15.59 -19.68 10.72
CA THR C 151 16.28 -19.53 9.45
C THR C 151 15.55 -18.61 8.47
N ASP C 152 14.22 -18.56 8.50
CA ASP C 152 13.50 -17.56 7.70
C ASP C 152 13.94 -16.14 8.07
N LEU C 153 13.91 -15.82 9.36
CA LEU C 153 14.30 -14.49 9.83
C LEU C 153 15.70 -14.11 9.36
N GLU C 154 16.61 -15.09 9.29
CA GLU C 154 18.01 -14.83 8.92
C GLU C 154 18.14 -13.96 7.68
N ASN C 155 17.38 -14.26 6.63
CA ASN C 155 17.58 -13.65 5.32
C ASN C 155 16.66 -12.46 5.05
N LEU C 156 15.86 -12.04 6.03
CA LEU C 156 14.97 -10.90 5.83
C LEU C 156 15.73 -9.60 6.06
N THR C 157 15.52 -8.64 5.15
CA THR C 157 16.33 -7.43 5.10
C THR C 157 15.61 -6.16 5.52
N THR C 158 14.29 -6.18 5.66
CA THR C 158 13.54 -5.03 6.15
C THR C 158 12.52 -5.49 7.20
N ILE C 159 12.04 -4.54 7.99
CA ILE C 159 11.01 -4.84 8.99
C ILE C 159 9.72 -5.27 8.31
N GLU C 160 9.41 -4.71 7.14
CA GLU C 160 8.21 -5.10 6.42
C GLU C 160 8.30 -6.56 5.98
N GLU C 161 9.46 -6.99 5.50
CA GLU C 161 9.65 -8.40 5.16
C GLU C 161 9.48 -9.30 6.37
N ILE C 162 9.84 -8.81 7.55
CA ILE C 162 9.66 -9.59 8.78
C ILE C 162 8.19 -9.68 9.14
N LEU C 163 7.46 -8.56 9.05
CA LEU C 163 6.04 -8.58 9.37
C LEU C 163 5.22 -9.35 8.34
N ALA C 164 5.73 -9.51 7.12
CA ALA C 164 5.06 -10.37 6.15
C ALA C 164 5.18 -11.84 6.54
N ASN C 165 6.21 -12.20 7.29
CA ASN C 165 6.45 -13.58 7.70
C ASN C 165 5.96 -13.73 9.14
N VAL C 166 4.92 -14.55 9.32
CA VAL C 166 4.33 -14.72 10.65
C VAL C 166 5.28 -15.46 11.58
N GLU C 167 5.96 -16.50 11.07
CA GLU C 167 6.89 -17.27 11.90
C GLU C 167 7.98 -16.38 12.47
N ALA C 168 8.60 -15.55 11.63
CA ALA C 168 9.68 -14.68 12.11
C ALA C 168 9.15 -13.63 13.08
N THR C 169 7.99 -13.04 12.77
CA THR C 169 7.38 -12.09 13.69
C THR C 169 7.17 -12.69 15.07
N ASN C 170 6.61 -13.90 15.13
CA ASN C 170 6.40 -14.53 16.43
C ASN C 170 7.72 -14.91 17.09
N ALA C 171 8.72 -15.31 16.30
CA ALA C 171 10.05 -15.56 16.85
C ALA C 171 10.58 -14.32 17.57
N ILE C 172 10.40 -13.14 16.98
CA ILE C 172 10.87 -11.91 17.60
C ILE C 172 10.02 -11.58 18.82
N LEU C 173 8.69 -11.57 18.66
CA LEU C 173 7.80 -11.08 19.70
C LEU C 173 7.83 -11.96 20.95
N ASN C 174 8.09 -13.25 20.82
CA ASN C 174 8.14 -14.10 22.00
C ASN C 174 9.42 -13.91 22.80
N ASN C 175 10.26 -12.94 22.43
CA ASN C 175 11.42 -12.53 23.22
C ASN C 175 11.16 -11.10 23.70
N SER C 176 11.05 -10.92 25.03
CA SER C 176 10.76 -9.60 25.58
C SER C 176 11.87 -8.60 25.29
N ASN C 177 13.13 -9.07 25.26
CA ASN C 177 14.25 -8.16 25.04
C ASN C 177 14.31 -7.75 23.58
N ALA C 178 14.05 -8.70 22.67
CA ALA C 178 13.92 -8.33 21.27
C ALA C 178 12.77 -7.34 21.07
N ILE C 179 11.72 -7.46 21.88
CA ILE C 179 10.62 -6.49 21.80
C ILE C 179 11.10 -5.11 22.25
N VAL C 180 11.89 -5.05 23.33
CA VAL C 180 12.45 -3.77 23.75
C VAL C 180 13.28 -3.15 22.63
N ALA C 181 14.16 -3.97 22.02
CA ALA C 181 14.94 -3.49 20.89
C ALA C 181 14.03 -2.98 19.77
N LEU C 182 12.94 -3.71 19.48
CA LEU C 182 12.02 -3.32 18.41
C LEU C 182 11.33 -2.01 18.73
N THR C 183 10.91 -1.82 19.99
CA THR C 183 10.09 -0.67 20.34
C THR C 183 10.91 0.62 20.38
N CYS C 185 13.13 1.56 18.28
CA CYS C 185 13.51 1.92 16.92
C CYS C 185 12.29 2.53 16.24
N LYS C 186 12.33 3.84 16.00
CA LYS C 186 11.14 4.57 15.59
C LYS C 186 10.50 3.96 14.33
N SER C 187 11.32 3.66 13.33
CA SER C 187 10.78 3.14 12.06
C SER C 187 10.16 1.77 12.25
N SER C 188 10.88 0.85 12.89
CA SER C 188 10.36 -0.49 13.14
C SER C 188 9.00 -0.43 13.82
N ASP C 190 6.98 2.05 13.86
CA ASP C 190 6.04 2.63 12.90
C ASP C 190 5.49 1.58 11.95
N ALA C 191 6.30 0.57 11.59
CA ALA C 191 5.79 -0.51 10.77
C ALA C 191 4.78 -1.35 11.52
N VAL C 192 5.04 -1.60 12.81
CA VAL C 192 4.16 -2.45 13.60
C VAL C 192 2.77 -1.84 13.69
N VAL C 193 2.71 -0.54 13.97
CA VAL C 193 1.44 0.19 13.96
C VAL C 193 0.81 0.14 12.57
N ALA C 194 1.64 0.18 11.51
CA ALA C 194 1.13 0.20 10.15
C ALA C 194 0.58 -1.15 9.70
N SER C 195 0.97 -2.24 10.35
CA SER C 195 0.60 -3.58 9.92
C SER C 195 -0.88 -3.82 10.16
N SER C 196 -1.50 -4.61 9.28
CA SER C 196 -2.94 -4.81 9.37
C SER C 196 -3.35 -5.53 10.65
N ASN C 197 -2.56 -6.49 11.12
CA ASN C 197 -2.82 -7.13 12.40
C ASN C 197 -2.15 -6.39 13.56
N ALA C 198 -2.04 -5.05 13.47
CA ALA C 198 -1.34 -4.28 14.50
C ALA C 198 -1.90 -4.54 15.88
N ASP C 200 -3.62 -6.97 17.40
CA ASP C 200 -3.15 -8.24 17.94
C ASP C 200 -1.72 -8.11 18.45
N LEU C 201 -0.81 -7.67 17.58
CA LEU C 201 0.59 -7.55 17.96
C LEU C 201 0.75 -6.69 19.19
N LEU C 202 0.05 -5.54 19.24
CA LEU C 202 0.12 -4.70 20.42
C LEU C 202 -0.51 -5.37 21.63
N GLY C 203 -1.69 -5.98 21.44
CA GLY C 203 -2.38 -6.58 22.57
C GLY C 203 -1.66 -7.78 23.18
N GLN C 204 -1.31 -8.75 22.34
CA GLN C 204 -0.78 -10.00 22.84
C GLN C 204 0.65 -9.90 23.36
N TYR C 205 1.50 -9.08 22.72
CA TYR C 205 2.91 -9.08 23.09
C TYR C 205 3.45 -7.72 23.53
N ILE C 206 3.34 -6.68 22.70
CA ILE C 206 4.09 -5.44 22.95
C ILE C 206 3.62 -4.73 24.22
N LEU C 207 2.31 -4.49 24.34
CA LEU C 207 1.82 -3.72 25.48
C LEU C 207 2.10 -4.42 26.81
N ARG C 208 2.12 -5.75 26.83
CA ARG C 208 2.45 -6.47 28.04
C ARG C 208 3.90 -6.23 28.46
N VAL C 209 4.78 -5.98 27.49
CA VAL C 209 6.18 -5.78 27.81
C VAL C 209 6.53 -4.31 27.97
N THR C 210 5.78 -3.39 27.35
CA THR C 210 6.14 -1.97 27.43
C THR C 210 5.05 -1.02 26.95
N THR C 211 4.68 -0.08 27.82
CA THR C 211 3.76 1.01 27.51
C THR C 211 4.48 2.35 27.40
N GLU C 212 5.81 2.33 27.34
CA GLU C 212 6.64 3.53 27.35
C GLU C 212 6.29 4.50 26.20
N SER C 213 6.83 5.71 26.35
CA SER C 213 6.52 6.84 25.48
C SER C 213 6.65 6.56 23.99
N PRO C 214 7.73 5.95 23.48
CA PRO C 214 7.79 5.70 22.03
C PRO C 214 6.62 4.89 21.51
N VAL C 215 6.17 3.90 22.27
CA VAL C 215 5.07 3.05 21.84
C VAL C 215 3.80 3.89 21.66
N ILE C 216 3.47 4.70 22.67
CA ILE C 216 2.27 5.51 22.63
C ILE C 216 2.37 6.55 21.52
N ARG C 217 3.54 7.15 21.36
CA ARG C 217 3.74 8.14 20.31
C ARG C 217 3.49 7.53 18.93
N ALA C 218 4.06 6.36 18.67
CA ALA C 218 3.83 5.70 17.38
C ALA C 218 2.37 5.32 17.20
N ILE C 219 1.71 4.89 18.27
CA ILE C 219 0.28 4.56 18.18
C ILE C 219 -0.53 5.78 17.79
N LEU C 220 -0.21 6.93 18.36
CA LEU C 220 -1.00 8.14 18.13
C LEU C 220 -0.87 8.67 16.70
N LYS C 221 0.15 8.24 15.96
CA LYS C 221 0.32 8.69 14.59
C LYS C 221 -0.63 8.02 13.61
N ASN C 222 -1.29 6.93 14.00
CA ASN C 222 -2.25 6.21 13.17
C ASN C 222 -3.64 6.37 13.77
N ASN C 223 -4.54 7.04 13.04
CA ASN C 223 -5.86 7.35 13.59
C ASN C 223 -6.63 6.09 13.97
N VAL C 224 -6.59 5.07 13.13
CA VAL C 224 -7.37 3.86 13.38
C VAL C 224 -6.84 3.13 14.61
N ILE C 225 -5.52 2.88 14.64
CA ILE C 225 -4.92 2.19 15.77
C ILE C 225 -5.07 3.01 17.05
N ARG C 226 -4.86 4.33 16.95
CA ARG C 226 -5.09 5.21 18.10
C ARG C 226 -6.49 5.02 18.67
N ASP C 227 -7.51 5.18 17.82
CA ASP C 227 -8.89 5.08 18.30
C ASP C 227 -9.19 3.70 18.87
N ALA C 228 -8.70 2.64 18.21
CA ALA C 228 -8.92 1.29 18.71
C ALA C 228 -8.27 1.09 20.07
N ILE C 229 -7.05 1.58 20.25
CA ILE C 229 -6.34 1.43 21.51
C ILE C 229 -7.06 2.17 22.62
N ILE C 230 -7.45 3.42 22.35
CA ILE C 230 -8.07 4.25 23.39
C ILE C 230 -9.42 3.67 23.81
N ASN C 231 -10.12 3.00 22.90
CA ASN C 231 -11.42 2.42 23.17
C ASN C 231 -11.34 0.95 23.54
N SER C 232 -10.14 0.43 23.82
CA SER C 232 -9.95 -0.97 24.15
C SER C 232 -9.85 -1.12 25.65
N ASP C 233 -10.71 -1.98 26.22
CA ASP C 233 -10.67 -2.24 27.66
C ASP C 233 -9.32 -2.84 28.06
N GLU C 234 -8.82 -3.79 27.25
CA GLU C 234 -7.56 -4.44 27.57
C GLU C 234 -6.40 -3.44 27.53
N ALA C 235 -6.21 -2.80 26.38
CA ALA C 235 -5.05 -1.93 26.18
C ALA C 235 -5.00 -0.84 27.25
N THR C 237 -6.21 -0.76 30.14
CA THR C 237 -5.90 -1.33 31.45
C THR C 237 -4.39 -1.34 31.68
N GLN C 238 -3.63 -1.77 30.67
CA GLN C 238 -2.18 -1.66 30.73
C GLN C 238 -1.74 -0.21 30.78
N ILE C 239 -2.21 0.60 29.83
CA ILE C 239 -1.69 1.96 29.67
C ILE C 239 -1.96 2.79 30.92
N SER C 240 -3.15 2.62 31.51
CA SER C 240 -3.50 3.38 32.71
C SER C 240 -2.53 3.12 33.85
N SER C 241 -1.88 1.95 33.89
CA SER C 241 -0.98 1.66 34.99
C SER C 241 0.29 2.49 34.94
N ASN C 242 0.63 3.03 33.76
CA ASN C 242 1.81 3.87 33.57
C ASN C 242 1.33 5.30 33.39
N GLU C 243 1.55 6.14 34.41
CA GLU C 243 1.11 7.53 34.33
C GLU C 243 1.82 8.28 33.22
N ASN C 244 3.06 7.90 32.90
CA ASN C 244 3.80 8.62 31.87
C ASN C 244 3.27 8.31 30.47
N SER C 245 2.71 7.11 30.28
CA SER C 245 2.02 6.82 29.02
C SER C 245 0.77 7.68 28.88
N VAL C 246 -0.03 7.75 29.94
CA VAL C 246 -1.23 8.59 29.94
C VAL C 246 -0.85 10.03 29.65
N GLU C 248 1.41 11.08 27.74
CA GLU C 248 1.61 11.24 26.30
C GLU C 248 0.28 11.37 25.57
N ILE C 249 -0.79 10.78 26.09
CA ILE C 249 -2.09 10.90 25.45
C ILE C 249 -2.63 12.32 25.61
N PHE C 250 -2.51 12.88 26.82
CA PHE C 250 -2.97 14.25 27.05
C PHE C 250 -2.05 15.29 26.42
N ASN C 251 -0.89 14.88 25.91
CA ASN C 251 -0.01 15.77 25.17
C ASN C 251 -0.40 15.86 23.70
N ASP C 252 -1.46 15.14 23.29
CA ASP C 252 -1.91 15.08 21.91
C ASP C 252 -3.40 15.39 21.89
N LEU C 253 -3.77 16.43 21.14
CA LEU C 253 -5.15 16.95 21.19
C LEU C 253 -6.16 15.91 20.73
N GLU C 254 -5.93 15.29 19.57
CA GLU C 254 -6.92 14.37 19.01
C GLU C 254 -7.06 13.12 19.87
N ALA C 255 -5.94 12.64 20.43
CA ALA C 255 -6.00 11.50 21.34
C ALA C 255 -6.82 11.84 22.58
N THR C 256 -6.62 13.04 23.13
CA THR C 256 -7.44 13.50 24.25
C THR C 256 -8.92 13.55 23.87
N LYS C 257 -9.22 14.04 22.67
CA LYS C 257 -10.61 14.11 22.22
C LYS C 257 -11.24 12.73 22.12
N VAL C 258 -10.47 11.75 21.68
CA VAL C 258 -10.98 10.38 21.63
C VAL C 258 -11.17 9.84 23.05
N LEU C 259 -10.19 10.09 23.92
CA LEU C 259 -10.23 9.54 25.28
C LEU C 259 -11.43 10.04 26.06
N VAL C 260 -11.68 11.35 26.02
CA VAL C 260 -12.70 11.96 26.89
C VAL C 260 -14.11 11.62 26.42
N GLN C 261 -14.24 10.81 25.38
CA GLN C 261 -15.53 10.34 24.92
C GLN C 261 -15.79 8.87 25.26
N ASN C 262 -14.91 8.25 26.05
CA ASN C 262 -15.06 6.85 26.44
C ASN C 262 -15.11 6.77 27.96
N GLN C 263 -16.31 6.48 28.48
CA GLN C 263 -16.49 6.36 29.93
C GLN C 263 -15.54 5.33 30.53
N ASN C 264 -15.46 4.16 29.90
CA ASN C 264 -14.65 3.07 30.45
C ASN C 264 -13.18 3.45 30.54
N SER C 265 -12.65 4.11 29.50
CA SER C 265 -11.24 4.47 29.50
C SER C 265 -10.96 5.55 30.55
N ILE C 266 -11.89 6.47 30.75
CA ILE C 266 -11.76 7.47 31.82
C ILE C 266 -11.67 6.78 33.17
N ASN C 267 -12.58 5.83 33.44
CA ASN C 267 -12.50 5.09 34.70
C ASN C 267 -11.16 4.37 34.82
N LYS C 268 -10.70 3.76 33.72
CA LYS C 268 -9.41 3.07 33.73
C LYS C 268 -8.28 4.01 34.15
N ILE C 269 -8.20 5.19 33.54
CA ILE C 269 -7.12 6.09 33.89
C ILE C 269 -7.30 6.60 35.31
N LEU C 270 -8.53 6.64 35.81
CA LEU C 270 -8.75 7.03 37.19
C LEU C 270 -8.42 5.92 38.18
N THR C 271 -8.17 4.70 37.71
CA THR C 271 -7.67 3.68 38.64
C THR C 271 -6.25 3.94 39.11
N ASN C 272 -5.53 4.90 38.50
CA ASN C 272 -4.17 5.25 38.91
C ASN C 272 -4.24 6.48 39.80
N ASN C 273 -3.78 6.35 41.04
CA ASN C 273 -3.90 7.46 41.99
C ASN C 273 -2.99 8.63 41.61
N VAL C 274 -1.86 8.36 40.96
CA VAL C 274 -0.99 9.45 40.51
C VAL C 274 -1.71 10.28 39.45
N THR C 275 -2.38 9.62 38.51
CA THR C 275 -3.17 10.34 37.50
C THR C 275 -4.26 11.18 38.16
N VAL C 276 -4.97 10.62 39.14
CA VAL C 276 -6.09 11.31 39.77
C VAL C 276 -5.61 12.51 40.58
N GLU C 277 -4.54 12.32 41.36
CA GLU C 277 -4.11 13.30 42.33
C GLU C 277 -3.23 14.40 41.71
N LYS C 278 -2.48 14.10 40.65
CA LYS C 278 -1.51 15.05 40.10
C LYS C 278 -1.83 15.46 38.66
N ILE C 279 -2.10 14.51 37.78
CA ILE C 279 -2.20 14.81 36.35
C ILE C 279 -3.52 15.54 36.05
N ILE C 280 -4.64 14.96 36.46
CA ILE C 280 -5.95 15.56 36.16
C ILE C 280 -6.10 16.96 36.74
N PRO C 281 -5.76 17.22 38.01
CA PRO C 281 -5.88 18.60 38.52
C PRO C 281 -5.00 19.58 37.77
N ASN C 282 -3.79 19.17 37.38
CA ASN C 282 -2.94 20.05 36.59
C ASN C 282 -3.56 20.35 35.23
N LEU C 283 -4.12 19.32 34.58
CA LEU C 283 -4.80 19.55 33.31
C LEU C 283 -5.99 20.49 33.48
N LEU C 284 -6.63 20.47 34.65
CA LEU C 284 -7.72 21.40 34.89
C LEU C 284 -7.21 22.79 35.26
N GLU C 285 -6.21 22.86 36.14
CA GLU C 285 -5.68 24.15 36.58
C GLU C 285 -5.05 24.94 35.44
N LYS C 287 -5.37 25.82 32.27
CA LYS C 287 -5.98 26.77 31.34
C LYS C 287 -5.90 28.20 31.87
N TYR C 288 -6.11 28.38 33.18
CA TYR C 288 -6.02 29.70 33.78
C TYR C 288 -4.61 30.27 33.64
N ASN C 289 -3.61 29.50 34.08
CA ASN C 289 -2.21 29.92 33.96
C ASN C 289 -1.83 30.14 32.50
N LEU C 290 -2.31 29.28 31.61
CA LEU C 290 -1.98 29.41 30.19
C LEU C 290 -2.58 30.67 29.60
N GLN C 291 -3.82 31.00 29.95
CA GLN C 291 -4.43 32.22 29.44
C GLN C 291 -3.69 33.47 29.96
N THR C 292 -3.26 33.44 31.23
CA THR C 292 -2.47 34.56 31.74
C THR C 292 -1.14 34.69 30.99
N SER C 293 -0.45 33.56 30.80
CA SER C 293 0.80 33.58 30.05
C SER C 293 0.59 34.08 28.63
N LEU C 294 -0.56 33.73 28.02
CA LEU C 294 -0.86 34.20 26.67
C LEU C 294 -1.12 35.70 26.64
N ASN C 295 -1.74 36.23 27.69
CA ASN C 295 -1.86 37.69 27.81
C ASN C 295 -0.50 38.34 27.84
N TYR C 296 0.43 37.78 28.61
CA TYR C 296 1.79 38.33 28.62
C TYR C 296 2.45 38.23 27.25
N ILE C 297 2.23 37.12 26.54
CA ILE C 297 2.78 36.95 25.19
C ILE C 297 2.25 38.04 24.26
N ASN C 298 0.95 38.33 24.34
CA ASN C 298 0.37 39.31 23.43
C ASN C 298 0.79 40.72 23.81
N THR C 299 1.11 40.96 25.09
CA THR C 299 1.74 42.22 25.45
C THR C 299 3.14 42.34 24.86
N ILE C 300 3.91 41.24 24.91
CA ILE C 300 5.24 41.23 24.34
C ILE C 300 5.22 41.51 22.85
N LYS C 301 4.17 41.04 22.15
CA LYS C 301 4.06 41.32 20.73
C LYS C 301 4.06 42.83 20.46
N SER C 302 3.21 43.57 21.17
CA SER C 302 3.14 45.02 20.98
C SER C 302 4.44 45.68 21.41
N ASN C 303 5.04 45.20 22.51
CA ASN C 303 6.30 45.79 22.95
C ASN C 303 7.41 45.61 21.92
N ILE C 304 7.45 44.43 21.28
CA ILE C 304 8.41 44.20 20.21
C ILE C 304 8.15 45.13 19.04
N ALA C 305 6.88 45.27 18.65
CA ALA C 305 6.53 46.17 17.57
C ALA C 305 7.00 47.59 17.85
N SER C 306 6.78 48.07 19.08
CA SER C 306 7.16 49.44 19.42
C SER C 306 8.67 49.61 19.45
N GLY C 307 9.37 48.73 20.17
CA GLY C 307 10.82 48.80 20.24
C GLY C 307 11.47 48.74 18.86
N LYS C 308 10.89 47.95 17.95
CA LYS C 308 11.41 47.91 16.58
C LYS C 308 11.08 49.19 15.84
N GLY C 309 9.87 49.73 16.04
CA GLY C 309 9.52 50.99 15.41
C GLY C 309 10.47 52.11 15.77
N GLN C 310 10.97 52.12 17.00
CA GLN C 310 11.98 53.10 17.38
C GLN C 310 13.22 52.98 16.49
N ILE C 311 13.62 51.76 16.14
CA ILE C 311 14.79 51.57 15.30
C ILE C 311 14.47 51.92 13.85
N ALA C 313 12.59 54.15 12.60
CA ALA C 313 12.45 55.58 12.33
C ALA C 313 13.76 56.23 11.90
N ILE C 314 14.90 55.60 12.18
CA ILE C 314 16.20 56.15 11.81
C ILE C 314 16.56 55.59 10.44
N THR C 315 16.35 56.39 9.40
CA THR C 315 16.49 55.95 8.03
C THR C 315 17.72 56.56 7.38
N TYR C 316 18.09 56.00 6.23
CA TYR C 316 19.27 56.45 5.48
C TYR C 316 19.07 56.00 4.04
N ASN C 317 18.74 56.95 3.17
CA ASN C 317 18.39 56.67 1.78
C ASN C 317 17.21 55.68 1.72
N GLU C 318 16.18 55.96 2.50
CA GLU C 318 14.94 55.19 2.53
C GLU C 318 15.14 53.74 2.97
N GLU C 319 16.31 53.41 3.50
CA GLU C 319 16.60 52.12 4.09
C GLU C 319 16.92 52.31 5.57
N ILE C 320 17.14 51.19 6.26
CA ILE C 320 17.57 51.26 7.66
C ILE C 320 18.99 51.82 7.72
N PHE C 321 19.24 52.63 8.74
CA PHE C 321 20.59 53.12 8.99
C PHE C 321 21.51 51.92 9.23
N PRO C 322 22.51 51.70 8.36
CA PRO C 322 23.27 50.43 8.42
C PRO C 322 23.78 50.06 9.81
N ILE C 323 24.21 51.04 10.60
CA ILE C 323 24.71 50.80 11.93
C ILE C 323 23.67 50.10 12.81
N LEU C 324 22.39 50.21 12.45
CA LEU C 324 21.32 49.64 13.24
C LEU C 324 20.72 48.38 12.61
N LYS C 325 21.31 47.86 11.53
CA LYS C 325 20.70 46.74 10.83
C LYS C 325 20.48 45.55 11.77
N ASN C 326 21.49 45.22 12.57
CA ASN C 326 21.35 44.10 13.50
C ASN C 326 20.19 44.33 14.46
N ALA C 327 20.03 45.56 14.94
CA ALA C 327 18.94 45.87 15.87
C ALA C 327 17.59 45.50 15.27
N VAL C 328 17.44 45.62 13.94
CA VAL C 328 16.20 45.18 13.31
C VAL C 328 16.12 43.66 13.32
N LYS C 329 17.19 43.00 12.86
CA LYS C 329 17.19 41.55 12.75
C LYS C 329 16.91 40.89 14.10
N ASN C 330 17.59 41.36 15.14
CA ASN C 330 17.33 40.88 16.49
C ASN C 330 15.85 40.99 16.84
N TYR C 331 15.25 42.16 16.56
CA TYR C 331 13.84 42.35 16.88
C TYR C 331 12.96 41.39 16.10
N ASP C 332 13.37 41.00 14.90
CA ASP C 332 12.62 39.98 14.18
C ASP C 332 12.80 38.62 14.82
N GLY C 333 14.03 38.31 15.27
CA GLY C 333 14.26 37.05 15.94
C GLY C 333 13.36 36.86 17.15
N GLU C 335 10.57 38.20 17.56
CA GLU C 335 9.21 37.99 17.07
C GLU C 335 9.00 36.56 16.61
N THR C 336 10.05 35.91 16.08
CA THR C 336 9.94 34.52 15.70
C THR C 336 9.70 33.64 16.91
N THR C 337 10.63 33.66 17.86
CA THR C 337 10.53 32.83 19.06
C THR C 337 9.20 33.08 19.77
N ARG C 338 8.85 34.35 19.96
CA ARG C 338 7.58 34.69 20.60
C ARG C 338 6.43 33.99 19.90
N ASN C 339 6.38 34.11 18.56
CA ASN C 339 5.30 33.46 17.81
C ASN C 339 5.27 31.97 18.12
N ILE C 340 6.45 31.33 18.12
CA ILE C 340 6.53 29.92 18.45
C ILE C 340 5.84 29.68 19.79
N SER C 341 6.30 30.41 20.81
CA SER C 341 5.71 30.29 22.14
C SER C 341 4.20 30.34 22.06
N GLN C 342 3.68 31.37 21.36
CA GLN C 342 2.24 31.56 21.30
C GLN C 342 1.55 30.30 20.81
N ARG C 343 1.97 29.79 19.65
CA ARG C 343 1.35 28.59 19.12
C ARG C 343 1.32 27.50 20.16
N ASP C 344 2.47 27.20 20.76
CA ASP C 344 2.53 26.12 21.72
C ASP C 344 1.49 26.32 22.81
N ILE C 345 1.44 27.53 23.39
CA ILE C 345 0.50 27.78 24.47
C ILE C 345 -0.93 27.60 23.97
N GLU C 346 -1.22 28.16 22.78
CA GLU C 346 -2.57 28.03 22.24
C GLU C 346 -2.95 26.58 22.02
N GLU C 347 -1.96 25.71 21.77
CA GLU C 347 -2.27 24.30 21.63
C GLU C 347 -2.72 23.71 22.97
N LYS C 348 -1.96 24.00 24.04
CA LYS C 348 -2.25 23.37 25.31
C LYS C 348 -3.62 23.77 25.83
N ILE C 349 -4.00 25.04 25.65
CA ILE C 349 -5.33 25.49 26.02
C ILE C 349 -6.38 24.64 25.34
N LYS C 350 -6.19 24.38 24.04
CA LYS C 350 -7.14 23.54 23.31
C LYS C 350 -7.32 22.21 24.00
N ILE C 351 -6.21 21.60 24.45
CA ILE C 351 -6.29 20.34 25.16
C ILE C 351 -7.19 20.49 26.38
N SER C 352 -6.92 21.51 27.19
CA SER C 352 -7.77 21.78 28.35
C SER C 352 -9.24 21.89 27.93
N ASP C 353 -9.50 22.63 26.85
CA ASP C 353 -10.89 22.82 26.45
C ASP C 353 -11.51 21.49 26.04
N ALA C 354 -10.73 20.63 25.39
CA ALA C 354 -11.26 19.33 24.99
C ALA C 354 -11.70 18.54 26.20
N ILE C 355 -11.00 18.72 27.33
CA ILE C 355 -11.41 18.06 28.56
C ILE C 355 -12.62 18.75 29.16
N LEU C 356 -12.59 20.08 29.23
CA LEU C 356 -13.68 20.81 29.87
C LEU C 356 -14.99 20.67 29.12
N GLU C 357 -14.95 20.46 27.81
CA GLU C 357 -16.16 20.38 27.00
C GLU C 357 -16.75 18.98 26.92
N SER C 358 -16.13 18.00 27.57
CA SER C 358 -16.61 16.62 27.57
C SER C 358 -17.46 16.39 28.81
N SER C 359 -18.78 16.22 28.62
CA SER C 359 -19.66 15.96 29.74
C SER C 359 -19.34 14.63 30.41
N ILE C 360 -18.98 13.62 29.61
CA ILE C 360 -18.57 12.34 30.16
C ILE C 360 -17.41 12.50 31.13
N ALA C 361 -16.37 13.22 30.69
CA ALA C 361 -15.17 13.37 31.51
C ALA C 361 -15.45 14.26 32.74
N ALA C 363 -18.51 15.07 34.30
CA ALA C 363 -19.41 14.42 35.24
C ALA C 363 -18.65 13.43 36.13
N THR C 364 -17.86 12.55 35.50
CA THR C 364 -17.06 11.61 36.27
C THR C 364 -16.16 12.35 37.26
N PHE C 365 -15.42 13.35 36.78
CA PHE C 365 -14.56 14.11 37.68
C PHE C 365 -15.36 14.80 38.76
N ALA C 366 -16.61 15.18 38.46
CA ALA C 366 -17.43 15.86 39.45
C ALA C 366 -17.87 14.93 40.57
N ASN C 367 -17.76 13.61 40.38
CA ASN C 367 -18.13 12.65 41.41
C ASN C 367 -16.91 11.94 41.99
N ASN C 368 -15.73 12.50 41.80
CA ASN C 368 -14.49 12.00 42.40
C ASN C 368 -14.09 12.98 43.49
N SER C 369 -14.00 12.49 44.73
CA SER C 369 -13.81 13.41 45.86
C SER C 369 -12.43 14.01 45.90
N ILE C 370 -11.40 13.27 45.44
CA ILE C 370 -10.05 13.82 45.39
C ILE C 370 -10.00 15.02 44.44
N ILE C 371 -10.58 14.85 43.25
CA ILE C 371 -10.55 15.92 42.25
C ILE C 371 -11.38 17.12 42.72
N VAL C 372 -12.53 16.87 43.36
CA VAL C 372 -13.35 17.97 43.84
C VAL C 372 -12.64 18.71 44.98
N ASN C 373 -11.94 17.98 45.85
CA ASN C 373 -11.14 18.63 46.89
C ASN C 373 -10.02 19.45 46.27
N LYS C 374 -9.42 18.97 45.18
CA LYS C 374 -8.46 19.79 44.45
C LYS C 374 -9.10 21.05 43.91
N VAL C 375 -10.30 20.93 43.35
CA VAL C 375 -11.04 22.10 42.87
C VAL C 375 -11.24 23.11 44.00
N GLY C 376 -11.51 22.62 45.20
CA GLY C 376 -11.70 23.51 46.34
C GLY C 376 -10.41 24.12 46.84
N ASP C 377 -9.30 23.39 46.76
CA ASP C 377 -8.05 23.81 47.39
C ASP C 377 -7.14 24.61 46.48
N ARG C 378 -7.17 24.35 45.17
CA ARG C 378 -6.22 24.94 44.23
C ARG C 378 -6.83 26.16 43.55
N VAL C 379 -6.24 27.32 43.77
CA VAL C 379 -6.57 28.50 42.98
C VAL C 379 -6.33 28.20 41.51
N GLY C 380 -7.31 28.53 40.67
CA GLY C 380 -7.19 28.42 39.23
C GLY C 380 -8.05 27.32 38.63
N ILE C 381 -8.28 26.23 39.36
CA ILE C 381 -9.07 25.14 38.83
C ILE C 381 -10.53 25.55 38.66
N ILE C 382 -11.08 26.24 39.66
CA ILE C 382 -12.50 26.59 39.60
C ILE C 382 -12.77 27.66 38.53
N GLU C 383 -11.81 28.55 38.28
CA GLU C 383 -11.96 29.49 37.17
C GLU C 383 -11.99 28.76 35.84
N SER C 384 -11.06 27.82 35.65
CA SER C 384 -11.07 27.00 34.44
C SER C 384 -12.39 26.27 34.26
N ILE C 385 -12.92 25.70 35.36
CA ILE C 385 -14.20 25.00 35.28
C ILE C 385 -15.32 25.97 34.89
N PHE C 386 -15.28 27.20 35.43
CA PHE C 386 -16.28 28.20 35.07
C PHE C 386 -16.15 28.66 33.63
N SER C 387 -14.97 28.48 33.02
CA SER C 387 -14.76 28.99 31.66
C SER C 387 -15.54 28.23 30.59
N LYS C 388 -16.18 27.12 30.92
CA LYS C 388 -16.94 26.35 29.94
C LYS C 388 -18.28 25.91 30.52
N THR C 389 -19.30 25.90 29.66
CA THR C 389 -20.65 25.54 30.08
C THR C 389 -20.71 24.10 30.58
N VAL C 390 -20.15 23.16 29.82
CA VAL C 390 -20.22 21.75 30.17
C VAL C 390 -19.57 21.51 31.53
N SER C 391 -18.34 21.98 31.70
CA SER C 391 -17.62 21.77 32.95
C SER C 391 -18.31 22.47 34.11
N LEU C 392 -18.86 23.67 33.87
CA LEU C 392 -19.57 24.39 34.91
C LEU C 392 -20.78 23.60 35.39
N ASN C 393 -21.63 23.18 34.45
CA ASN C 393 -22.85 22.46 34.82
C ASN C 393 -22.52 21.12 35.47
N ALA C 394 -21.47 20.45 35.01
CA ALA C 394 -21.11 19.16 35.59
C ALA C 394 -20.82 19.27 37.08
N PHE C 395 -20.08 20.31 37.48
CA PHE C 395 -19.70 20.44 38.88
C PHE C 395 -20.79 21.09 39.72
N LYS C 397 -24.00 20.92 39.28
CA LYS C 397 -25.15 20.03 39.38
C LYS C 397 -24.81 18.69 39.99
N SER C 398 -23.56 18.47 40.37
CA SER C 398 -23.16 17.27 41.10
C SER C 398 -23.41 17.53 42.59
N THR C 399 -24.36 16.80 43.18
CA THR C 399 -24.62 16.95 44.61
C THR C 399 -23.42 16.54 45.45
N THR C 400 -22.63 15.57 44.97
CA THR C 400 -21.38 15.21 45.63
C THR C 400 -20.42 16.40 45.64
N ALA C 401 -20.20 17.01 44.48
CA ALA C 401 -19.27 18.12 44.38
C ALA C 401 -19.70 19.28 45.27
N ILE C 402 -21.00 19.62 45.25
CA ILE C 402 -21.49 20.71 46.10
C ILE C 402 -21.36 20.34 47.57
N ASN C 403 -21.65 19.08 47.91
CA ASN C 403 -21.52 18.62 49.29
C ASN C 403 -20.09 18.78 49.79
N ILE C 404 -19.11 18.66 48.90
CA ILE C 404 -17.73 18.93 49.31
C ILE C 404 -17.43 20.42 49.32
N LEU C 405 -17.86 21.14 48.28
CA LEU C 405 -17.46 22.53 48.09
C LEU C 405 -18.10 23.50 49.07
N VAL C 406 -19.22 23.14 49.69
CA VAL C 406 -19.86 24.05 50.65
C VAL C 406 -18.96 24.32 51.85
N ASN C 407 -17.94 23.49 52.07
CA ASN C 407 -16.99 23.68 53.16
C ASN C 407 -15.72 24.40 52.73
N LYS C 408 -15.61 24.81 51.47
CA LYS C 408 -14.44 25.49 50.92
C LYS C 408 -14.78 26.96 50.76
N THR C 409 -14.36 27.77 51.74
CA THR C 409 -14.84 29.15 51.83
C THR C 409 -14.47 29.96 50.58
N THR C 410 -13.21 29.86 50.14
CA THR C 410 -12.78 30.62 48.97
C THR C 410 -13.51 30.17 47.70
N ALA C 411 -13.49 28.85 47.45
CA ALA C 411 -14.16 28.32 46.26
C ALA C 411 -15.65 28.62 46.28
N PHE C 412 -16.30 28.48 47.43
CA PHE C 412 -17.74 28.71 47.48
C PHE C 412 -18.06 30.20 47.34
N THR C 413 -17.20 31.07 47.87
CA THR C 413 -17.37 32.51 47.62
C THR C 413 -17.27 32.81 46.13
N LYS C 414 -16.31 32.16 45.45
CA LYS C 414 -16.20 32.32 44.00
C LYS C 414 -17.47 31.84 43.30
N ILE C 415 -18.03 30.73 43.77
CA ILE C 415 -19.30 30.24 43.21
C ILE C 415 -20.40 31.27 43.41
N ALA C 416 -20.49 31.83 44.62
CA ALA C 416 -21.53 32.80 44.93
C ALA C 416 -21.39 34.07 44.11
N ASN C 417 -20.16 34.44 43.74
CA ASN C 417 -19.95 35.64 42.94
C ASN C 417 -20.17 35.42 41.45
N ASN C 418 -20.06 34.18 40.98
CA ASN C 418 -20.32 33.86 39.58
C ASN C 418 -21.81 33.55 39.45
N SER C 419 -22.56 34.49 38.86
CA SER C 419 -24.01 34.34 38.74
C SER C 419 -24.39 33.07 38.00
N THR C 420 -23.66 32.74 36.93
CA THR C 420 -23.99 31.57 36.13
C THR C 420 -23.83 30.28 36.95
N ALA C 421 -22.70 30.14 37.63
CA ALA C 421 -22.46 28.95 38.43
C ALA C 421 -23.46 28.84 39.58
N PHE C 422 -23.76 29.96 40.24
CA PHE C 422 -24.74 29.96 41.31
C PHE C 422 -26.11 29.50 40.82
N ASN C 423 -26.58 30.10 39.72
CA ASN C 423 -27.88 29.71 39.16
C ASN C 423 -27.89 28.25 38.75
N ALA C 424 -26.80 27.76 38.15
CA ALA C 424 -26.72 26.35 37.80
C ALA C 424 -26.80 25.47 39.03
N LEU C 426 -28.27 26.11 41.86
CA LEU C 426 -29.60 26.14 42.47
C LEU C 426 -30.65 25.39 41.66
N THR C 427 -30.33 24.90 40.46
CA THR C 427 -31.30 24.12 39.70
C THR C 427 -31.56 22.75 40.33
N ILE C 428 -30.71 22.31 41.26
CA ILE C 428 -30.85 21.02 41.92
C ILE C 428 -31.34 21.26 43.34
N SER C 429 -32.53 20.76 43.65
CA SER C 429 -33.13 20.95 44.96
C SER C 429 -32.23 20.42 46.07
N GLU C 430 -31.71 19.19 45.90
CA GLU C 430 -30.85 18.60 46.92
C GLU C 430 -29.66 19.50 47.24
N ASN C 431 -29.18 20.25 46.25
CA ASN C 431 -28.14 21.24 46.52
C ASN C 431 -28.65 22.34 47.46
N ASN C 432 -29.89 22.78 47.27
CA ASN C 432 -30.48 23.74 48.20
C ASN C 432 -30.52 23.19 49.61
N VAL C 433 -30.89 21.91 49.75
CA VAL C 433 -30.92 21.30 51.08
C VAL C 433 -29.51 21.24 51.67
N THR C 434 -28.53 20.82 50.86
CA THR C 434 -27.16 20.76 51.31
C THR C 434 -26.66 22.12 51.79
N ILE C 435 -26.96 23.17 51.03
CA ILE C 435 -26.53 24.52 51.40
C ILE C 435 -27.19 24.96 52.70
N ALA C 436 -28.52 24.77 52.80
CA ALA C 436 -29.27 25.27 53.95
C ALA C 436 -28.70 24.78 55.27
N ASN C 437 -28.21 23.54 55.30
CA ASN C 437 -27.72 22.92 56.53
C ASN C 437 -26.24 23.21 56.79
N ASN C 438 -25.61 24.04 55.97
CA ASN C 438 -24.20 24.39 56.13
C ASN C 438 -24.09 25.83 56.58
N THR C 439 -23.55 26.04 57.79
CA THR C 439 -23.45 27.38 58.34
C THR C 439 -22.52 28.26 57.52
N THR C 440 -21.38 27.72 57.10
CA THR C 440 -20.42 28.50 56.31
C THR C 440 -21.05 29.01 55.02
N ALA C 441 -21.57 28.09 54.20
CA ALA C 441 -22.15 28.46 52.91
C ALA C 441 -23.24 29.50 53.08
N GLY C 443 -23.64 31.51 55.44
CA GLY C 443 -23.03 32.76 55.86
C GLY C 443 -22.52 33.57 54.68
N ILE C 444 -21.94 32.88 53.69
CA ILE C 444 -21.46 33.56 52.50
C ILE C 444 -22.62 34.11 51.68
N ILE C 445 -23.63 33.26 51.44
CA ILE C 445 -24.76 33.65 50.58
C ILE C 445 -25.55 34.80 51.22
N ALA C 446 -25.81 34.71 52.53
CA ALA C 446 -26.67 35.70 53.19
C ALA C 446 -26.04 37.09 53.16
N ASN C 447 -24.72 37.19 53.10
CA ASN C 447 -24.02 38.47 53.07
C ASN C 447 -23.52 38.81 51.67
N ASN C 448 -24.17 38.29 50.63
CA ASN C 448 -23.82 38.57 49.24
C ASN C 448 -25.09 39.08 48.56
N ALA C 449 -25.13 40.38 48.28
CA ALA C 449 -26.34 41.00 47.76
C ALA C 449 -26.79 40.38 46.45
N GLN C 450 -25.84 40.02 45.58
CA GLN C 450 -26.19 39.39 44.31
C GLN C 450 -26.81 38.02 44.54
N ALA C 451 -26.13 37.16 45.29
CA ALA C 451 -26.62 35.80 45.53
C ALA C 451 -28.00 35.83 46.19
N SER C 453 -30.12 38.03 45.99
CA SER C 453 -31.09 38.47 44.99
C SER C 453 -31.54 37.28 44.14
N THR C 454 -30.61 36.42 43.74
CA THR C 454 -30.99 35.21 43.00
C THR C 454 -31.84 34.29 43.86
N VAL C 455 -31.47 34.12 45.13
CA VAL C 455 -32.21 33.22 46.01
C VAL C 455 -33.64 33.71 46.20
N ALA C 456 -33.80 35.01 46.47
CA ALA C 456 -35.11 35.57 46.77
C ALA C 456 -36.09 35.42 45.60
N ASN C 457 -35.59 35.29 44.38
CA ASN C 457 -36.44 35.13 43.21
C ASN C 457 -36.50 33.68 42.72
N ASN C 458 -35.93 32.74 43.49
CA ASN C 458 -35.97 31.32 43.17
C ASN C 458 -36.87 30.66 44.21
N ASP C 459 -38.07 30.25 43.78
CA ASP C 459 -39.07 29.70 44.69
C ASP C 459 -38.50 28.55 45.52
N THR C 460 -37.85 27.58 44.86
CA THR C 460 -37.36 26.40 45.55
C THR C 460 -36.32 26.77 46.59
N SER C 461 -35.33 27.59 46.21
CA SER C 461 -34.24 27.93 47.11
C SER C 461 -34.75 28.66 48.35
N ILE C 462 -35.55 29.72 48.15
CA ILE C 462 -36.04 30.50 49.27
C ILE C 462 -37.00 29.69 50.13
N SER C 463 -37.79 28.82 49.50
CA SER C 463 -38.72 27.98 50.26
C SER C 463 -37.96 27.01 51.16
N VAL C 464 -36.88 26.41 50.64
CA VAL C 464 -36.06 25.54 51.49
C VAL C 464 -35.39 26.35 52.59
N PHE C 465 -34.88 27.53 52.26
CA PHE C 465 -34.09 28.30 53.23
C PHE C 465 -34.95 28.79 54.39
N VAL C 466 -36.11 29.38 54.10
CA VAL C 466 -36.92 29.97 55.16
C VAL C 466 -37.59 28.94 56.05
N ASN C 467 -37.65 27.68 55.62
CA ASN C 467 -38.22 26.61 56.42
C ASN C 467 -37.16 25.75 57.09
N ASN C 468 -35.90 26.19 57.09
CA ASN C 468 -34.79 25.47 57.71
C ASN C 468 -34.24 26.33 58.85
N THR C 469 -34.20 25.76 60.05
CA THR C 469 -33.87 26.55 61.23
C THR C 469 -32.45 27.12 61.16
N THR C 470 -31.53 26.39 60.52
CA THR C 470 -30.16 26.89 60.39
C THR C 470 -30.11 28.07 59.43
N ALA C 471 -30.47 27.86 58.17
CA ALA C 471 -30.43 28.92 57.17
C ALA C 471 -31.25 30.12 57.61
N GLY C 473 -32.06 30.88 60.53
CA GLY C 473 -31.37 31.49 61.65
C GLY C 473 -30.30 32.47 61.21
N ILE C 474 -29.58 32.13 60.14
CA ILE C 474 -28.53 33.02 59.63
C ILE C 474 -29.15 34.21 58.91
N ILE C 475 -30.16 33.95 58.07
CA ILE C 475 -30.82 35.02 57.33
C ILE C 475 -31.34 36.11 58.27
N ALA C 476 -31.94 35.71 59.39
CA ALA C 476 -32.48 36.68 60.34
C ALA C 476 -31.40 37.57 60.93
N ASN C 477 -30.14 37.15 60.90
CA ASN C 477 -29.04 37.96 61.42
C ASN C 477 -28.28 38.69 60.33
N SER C 478 -28.73 38.60 59.07
CA SER C 478 -28.07 39.23 57.94
C SER C 478 -28.96 40.37 57.43
N SER C 479 -28.49 41.61 57.56
CA SER C 479 -29.26 42.74 57.10
C SER C 479 -29.37 42.77 55.58
N THR C 480 -28.36 42.24 54.88
CA THR C 480 -28.45 42.10 53.43
C THR C 480 -29.62 41.22 53.05
N ALA C 481 -29.58 39.95 53.48
CA ALA C 481 -30.59 38.97 53.10
C ALA C 481 -32.00 39.47 53.38
N THR C 483 -33.10 42.44 53.78
CA THR C 483 -33.43 43.51 52.84
C THR C 483 -33.99 42.92 51.54
N LYS C 484 -33.19 42.07 50.89
CA LYS C 484 -33.64 41.46 49.64
C LYS C 484 -34.97 40.78 49.82
N ILE C 485 -35.09 39.95 50.86
CA ILE C 485 -36.32 39.20 51.07
C ILE C 485 -37.48 40.15 51.30
N THR C 486 -37.25 41.22 52.05
CA THR C 486 -38.35 42.13 52.35
C THR C 486 -38.73 42.99 51.16
N LEU C 487 -37.95 42.95 50.08
CA LEU C 487 -38.27 43.70 48.87
C LEU C 487 -38.75 42.81 47.74
N THR C 488 -38.88 41.50 47.96
CA THR C 488 -39.30 40.55 46.95
C THR C 488 -40.61 39.91 47.38
N GLY C 489 -41.63 40.02 46.52
CA GLY C 489 -42.93 39.44 46.85
C GLY C 489 -42.86 37.94 47.11
N LEU C 490 -42.22 37.20 46.21
CA LEU C 490 -42.11 35.74 46.34
C LEU C 490 -41.45 35.35 47.66
N ALA C 491 -40.27 35.90 47.92
CA ALA C 491 -39.51 35.52 49.12
C ALA C 491 -40.27 35.91 50.39
N LEU C 492 -40.84 37.11 50.42
CA LEU C 492 -41.58 37.55 51.60
C LEU C 492 -42.81 36.67 51.82
N ASN C 493 -43.49 36.28 50.75
CA ASN C 493 -44.61 35.34 50.84
C ASN C 493 -44.16 34.04 51.50
N ARG C 494 -43.14 33.40 50.92
CA ARG C 494 -42.68 32.11 51.43
C ARG C 494 -42.21 32.22 52.88
N VAL C 496 -43.21 34.51 55.20
CA VAL C 496 -44.38 34.71 56.05
C VAL C 496 -45.08 33.39 56.31
N LYS C 497 -45.20 32.55 55.28
CA LYS C 497 -45.89 31.28 55.47
C LYS C 497 -45.12 30.34 56.39
N SER C 498 -43.80 30.46 56.45
CA SER C 498 -42.98 29.56 57.25
C SER C 498 -43.22 29.82 58.74
N ASN C 499 -43.58 28.77 59.47
CA ASN C 499 -43.70 28.88 60.93
C ASN C 499 -42.32 29.01 61.57
N THR C 500 -41.31 28.35 61.02
CA THR C 500 -39.94 28.53 61.51
C THR C 500 -39.53 30.00 61.44
N ALA C 501 -39.75 30.64 60.28
CA ALA C 501 -39.37 32.03 60.10
C ALA C 501 -40.19 32.94 61.01
N LYS C 502 -41.50 32.70 61.10
CA LYS C 502 -42.33 33.50 61.99
C LYS C 502 -41.85 33.41 63.43
N SER C 503 -41.54 32.20 63.89
CA SER C 503 -41.05 32.03 65.26
C SER C 503 -39.76 32.82 65.48
N ILE C 504 -38.79 32.64 64.58
CA ILE C 504 -37.50 33.33 64.73
C ILE C 504 -37.70 34.84 64.74
N LEU C 505 -38.51 35.36 63.82
CA LEU C 505 -38.66 36.80 63.70
C LEU C 505 -39.43 37.40 64.88
N ILE C 506 -40.45 36.70 65.38
CA ILE C 506 -41.16 37.26 66.52
C ILE C 506 -40.28 37.19 67.75
N SER C 507 -39.37 36.21 67.81
CA SER C 507 -38.35 36.27 68.86
C SER C 507 -37.35 37.39 68.62
N LYS C 508 -37.24 37.87 67.38
CA LYS C 508 -36.39 39.02 67.07
C LYS C 508 -37.21 40.20 66.53
N ASN C 509 -38.24 40.57 67.28
CA ASN C 509 -39.21 41.57 66.85
C ASN C 509 -38.58 42.89 66.43
N SER C 510 -37.55 43.35 67.12
CA SER C 510 -36.93 44.62 66.72
C SER C 510 -36.29 44.50 65.34
N THR C 511 -35.61 43.38 65.09
CA THR C 511 -35.08 43.12 63.75
C THR C 511 -36.21 43.09 62.73
N LEU C 512 -37.33 42.47 63.08
CA LEU C 512 -38.48 42.45 62.18
C LEU C 512 -38.95 43.87 61.85
N GLN C 513 -39.17 44.69 62.88
CA GLN C 513 -39.71 46.03 62.69
C GLN C 513 -38.75 46.95 61.95
N THR C 514 -37.44 46.64 61.97
CA THR C 514 -36.50 47.41 61.15
C THR C 514 -36.95 47.52 59.70
N TYR C 515 -37.60 46.49 59.17
CA TYR C 515 -37.94 46.38 57.76
C TYR C 515 -39.43 46.60 57.50
N LYS C 516 -40.09 47.38 58.37
CA LYS C 516 -41.54 47.57 58.26
C LYS C 516 -41.91 48.26 56.95
N ASN C 517 -41.10 49.21 56.49
CA ASN C 517 -41.44 49.94 55.28
C ASN C 517 -41.28 49.06 54.05
N ASN C 518 -40.16 48.33 53.98
CA ASN C 518 -39.98 47.33 52.93
C ASN C 518 -41.17 46.35 52.89
N ILE C 519 -41.59 45.88 54.06
CA ILE C 519 -42.65 44.87 54.12
C ILE C 519 -43.97 45.46 53.63
N GLN C 520 -44.32 46.66 54.12
CA GLN C 520 -45.55 47.31 53.68
C GLN C 520 -45.57 47.53 52.17
N ASN C 521 -44.47 48.07 51.64
CA ASN C 521 -44.40 48.35 50.21
C ASN C 521 -44.49 47.08 49.39
N THR C 522 -43.79 46.02 49.81
CA THR C 522 -43.80 44.77 49.06
C THR C 522 -45.18 44.11 49.10
N ILE C 523 -45.85 44.17 50.26
CA ILE C 523 -47.17 43.56 50.36
C ILE C 523 -48.17 44.31 49.49
N GLN C 524 -48.23 45.64 49.62
CA GLN C 524 -49.21 46.40 48.86
C GLN C 524 -48.92 46.39 47.37
N GLY C 525 -47.64 46.34 46.98
CA GLY C 525 -47.28 46.35 45.57
C GLY C 525 -47.47 45.04 44.84
N SER C 526 -47.10 43.93 45.47
CA SER C 526 -47.06 42.63 44.81
C SER C 526 -48.38 41.90 45.03
N THR C 527 -49.36 42.25 44.19
CA THR C 527 -50.66 41.59 44.27
C THR C 527 -50.62 40.15 43.77
N ALA C 528 -49.57 39.79 43.04
CA ALA C 528 -49.40 38.39 42.63
C ALA C 528 -49.21 37.47 43.83
N TYR C 529 -48.60 37.98 44.91
CA TYR C 529 -48.24 37.15 46.06
C TYR C 529 -48.95 37.50 47.35
N PHE C 530 -49.67 38.63 47.39
CA PHE C 530 -50.40 39.02 48.60
C PHE C 530 -51.77 39.55 48.22
N ARG C 531 -52.76 39.26 49.06
CA ARG C 531 -54.11 39.77 48.90
C ARG C 531 -54.52 40.47 50.18
N THR C 532 -55.47 41.40 50.05
CA THR C 532 -55.96 42.17 51.19
C THR C 532 -57.10 41.41 51.86
N ILE C 533 -56.96 41.16 53.16
CA ILE C 533 -58.06 40.61 53.94
C ILE C 533 -58.91 41.74 54.52
N THR C 534 -58.28 42.79 55.00
CA THR C 534 -58.97 43.95 55.56
C THR C 534 -58.21 45.20 55.14
N GLY C 535 -58.85 46.06 54.36
CA GLY C 535 -58.29 47.37 54.08
C GLY C 535 -58.15 48.20 55.34
N PHE C 536 -57.29 49.22 55.25
CA PHE C 536 -57.03 50.08 56.40
C PHE C 536 -58.33 50.64 56.96
N ALA C 537 -58.47 50.57 58.28
CA ALA C 537 -59.69 51.03 58.93
C ALA C 537 -59.33 51.57 60.31
N ASP C 538 -60.06 52.60 60.72
CA ASP C 538 -59.87 53.21 62.03
C ASP C 538 -60.68 52.45 63.07
N ALA C 539 -60.22 52.52 64.32
CA ALA C 539 -60.85 51.76 65.40
C ALA C 539 -60.58 52.45 66.72
N ASP C 540 -61.66 52.81 67.43
CA ASP C 540 -61.55 53.33 68.79
C ASP C 540 -61.37 52.19 69.79
N ASP C 541 -62.21 51.17 69.68
CA ASP C 541 -62.13 49.99 70.55
C ASP C 541 -61.35 48.88 69.86
N ASN C 542 -60.90 47.92 70.68
CA ASN C 542 -60.08 46.82 70.20
C ASN C 542 -60.78 46.02 69.11
N PRO C 543 -60.20 45.93 67.92
CA PRO C 543 -60.73 45.01 66.91
C PRO C 543 -60.60 43.57 67.38
N PRO C 544 -61.43 42.66 66.85
CA PRO C 544 -61.31 41.25 67.23
C PRO C 544 -60.04 40.64 66.69
N GLN C 545 -59.33 39.90 67.54
CA GLN C 545 -58.09 39.24 67.13
C GLN C 545 -58.38 38.20 66.05
N THR C 546 -57.42 38.05 65.13
CA THR C 546 -57.47 37.02 64.10
C THR C 546 -56.13 36.30 64.08
N ILE C 547 -56.17 34.97 63.99
CA ILE C 547 -54.98 34.14 63.95
C ILE C 547 -55.02 33.27 62.70
N ASN C 548 -54.02 33.44 61.85
CA ASN C 548 -53.87 32.62 60.64
C ASN C 548 -52.40 32.70 60.24
N SER C 549 -51.75 31.55 60.11
CA SER C 549 -50.31 31.51 59.89
C SER C 549 -49.88 32.02 58.53
N THR C 550 -50.82 32.44 57.68
CA THR C 550 -50.50 33.06 56.40
C THR C 550 -50.82 34.55 56.38
N TYR C 551 -51.19 35.13 57.52
CA TYR C 551 -51.61 36.52 57.58
C TYR C 551 -50.45 37.42 57.95
N VAL C 552 -50.48 38.65 57.42
CA VAL C 552 -49.56 39.71 57.80
C VAL C 552 -50.40 40.96 58.08
N GLY C 553 -50.21 41.54 59.26
CA GLY C 553 -50.94 42.73 59.66
C GLY C 553 -50.05 43.96 59.72
N ILE C 554 -50.63 45.10 59.38
CA ILE C 554 -49.97 46.40 59.50
C ILE C 554 -50.85 47.27 60.37
N THR C 555 -50.31 47.78 61.48
CA THR C 555 -51.13 48.43 62.49
C THR C 555 -50.48 49.71 62.96
N TYR C 556 -51.16 50.85 62.74
CA TYR C 556 -50.82 52.11 63.37
C TYR C 556 -51.47 52.18 64.74
N CYS C 557 -50.68 52.42 65.76
CA CYS C 557 -51.15 52.54 67.14
C CYS C 557 -50.88 53.95 67.63
N TYR C 558 -51.91 54.60 68.19
CA TYR C 558 -51.73 55.95 68.69
C TYR C 558 -52.84 56.24 69.70
N GLY C 559 -52.94 57.51 70.12
CA GLY C 559 -53.95 57.90 71.07
C GLY C 559 -55.22 58.44 70.41
N TYR C 560 -56.29 58.43 71.19
CA TYR C 560 -57.56 59.01 70.73
C TYR C 560 -57.40 60.52 70.59
N LYS C 561 -57.66 61.03 69.39
CA LYS C 561 -57.46 62.45 69.07
C LYS C 561 -56.10 62.96 69.51
N GLY C 562 -55.09 62.10 69.48
CA GLY C 562 -53.75 62.48 69.83
C GLY C 562 -53.41 62.59 71.30
N ASN C 563 -54.20 61.96 72.18
CA ASN C 563 -53.89 61.99 73.61
C ASN C 563 -52.66 61.12 73.89
N SER C 564 -52.32 60.99 75.17
CA SER C 564 -51.12 60.29 75.60
C SER C 564 -51.37 58.83 75.96
N TYR C 565 -52.50 58.26 75.53
CA TYR C 565 -52.83 56.87 75.81
C TYR C 565 -52.45 55.97 74.64
N TYR C 566 -52.21 54.70 74.94
CA TYR C 566 -51.50 53.80 74.05
C TYR C 566 -52.42 52.79 73.39
N GLY C 567 -52.21 52.59 72.09
CA GLY C 567 -52.65 51.39 71.40
C GLY C 567 -51.49 50.40 71.32
N ILE C 568 -51.81 49.11 71.46
CA ILE C 568 -50.82 48.05 71.51
C ILE C 568 -51.25 46.94 70.56
N VAL C 569 -50.29 46.41 69.81
CA VAL C 569 -50.55 45.31 68.88
C VAL C 569 -49.53 44.20 69.09
N TYR C 570 -50.03 42.96 69.08
CA TYR C 570 -49.29 41.73 69.30
C TYR C 570 -49.42 40.83 68.07
N HIS C 571 -48.40 39.98 67.87
CA HIS C 571 -48.40 39.06 66.74
C HIS C 571 -49.48 38.00 66.88
N GLY C 572 -50.01 37.57 65.74
CA GLY C 572 -51.01 36.51 65.75
C GLY C 572 -50.42 35.15 66.05
N TYR C 573 -49.22 34.87 65.54
CA TYR C 573 -48.60 33.56 65.74
C TYR C 573 -48.25 33.32 67.21
N ASN C 574 -48.13 34.39 68.00
CA ASN C 574 -47.97 34.27 69.45
C ASN C 574 -48.55 35.56 70.04
N THR C 575 -49.81 35.49 70.48
CA THR C 575 -50.54 36.69 70.88
C THR C 575 -50.03 37.28 72.19
N SER C 576 -48.98 36.72 72.79
CA SER C 576 -48.40 37.32 73.99
C SER C 576 -47.18 38.18 73.69
N ILE C 577 -46.67 38.15 72.46
CA ILE C 577 -45.48 38.90 72.09
C ILE C 577 -45.93 40.21 71.46
N GLU C 578 -45.54 41.32 72.09
CA GLU C 578 -45.91 42.64 71.60
C GLU C 578 -45.14 42.96 70.33
N ALA C 579 -45.86 43.35 69.28
CA ALA C 579 -45.21 43.87 68.09
C ALA C 579 -44.94 45.37 68.24
N GLY C 580 -45.83 46.09 68.90
CA GLY C 580 -45.55 47.50 69.12
C GLY C 580 -46.65 48.19 69.89
N ARG C 581 -46.40 49.46 70.21
CA ARG C 581 -47.39 50.30 70.86
C ARG C 581 -47.11 51.75 70.49
N GLY C 582 -48.11 52.60 70.74
CA GLY C 582 -47.96 54.02 70.45
C GLY C 582 -49.05 54.91 71.02
N ASN C 583 -48.68 56.15 71.36
CA ASN C 583 -49.65 57.17 71.73
C ASN C 583 -49.52 58.38 70.80
N GLY C 584 -50.08 59.51 71.21
CA GLY C 584 -49.97 60.71 70.40
C GLY C 584 -50.78 60.62 69.12
N TYR C 585 -50.23 61.20 68.05
CA TYR C 585 -50.89 61.25 66.76
C TYR C 585 -50.39 60.12 65.86
N LYS C 586 -51.23 59.76 64.90
CA LYS C 586 -50.85 58.78 63.88
C LYS C 586 -49.53 59.17 63.24
N ASP C 587 -48.66 58.18 63.02
CA ASP C 587 -47.28 58.46 62.66
C ASP C 587 -46.65 57.22 62.06
N GLU C 588 -45.72 57.44 61.12
CA GLU C 588 -45.06 56.32 60.45
C GLU C 588 -44.10 55.57 61.36
N THR C 589 -43.63 56.20 62.44
CA THR C 589 -42.79 55.50 63.40
C THR C 589 -43.61 54.65 64.36
N LYS C 590 -44.91 54.93 64.50
CA LYS C 590 -45.80 54.15 65.36
C LYS C 590 -46.68 53.23 64.53
N LYS C 591 -46.05 52.49 63.63
CA LYS C 591 -46.70 51.53 62.74
C LYS C 591 -45.90 50.24 62.80
N PHE C 592 -46.59 49.12 62.97
CA PHE C 592 -45.92 47.87 63.29
C PHE C 592 -46.45 46.72 62.43
N ILE C 593 -45.54 45.80 62.12
CA ILE C 593 -45.82 44.57 61.39
C ILE C 593 -46.14 43.47 62.39
N THR C 594 -47.17 42.68 62.09
CA THR C 594 -47.51 41.50 62.87
C THR C 594 -47.56 40.29 61.95
N LEU C 595 -47.03 39.16 62.43
CA LEU C 595 -46.95 37.93 61.67
C LEU C 595 -47.94 36.91 62.21
N GLY C 596 -48.63 36.23 61.30
CA GLY C 596 -49.57 35.20 61.69
C GLY C 596 -50.88 35.71 62.24
N GLY C 597 -51.25 36.95 61.92
CA GLY C 597 -52.46 37.54 62.49
C GLY C 597 -52.12 38.72 63.36
N ALA C 598 -53.03 39.07 64.28
CA ALA C 598 -52.79 40.18 65.19
C ALA C 598 -53.77 40.13 66.35
N ARG C 599 -53.34 40.68 67.49
CA ARG C 599 -54.19 40.91 68.64
C ARG C 599 -54.02 42.35 69.08
N TYR C 600 -55.15 43.01 69.39
CA TYR C 600 -55.15 44.44 69.67
C TYR C 600 -55.57 44.69 71.11
N ASP C 601 -54.91 45.67 71.75
CA ASP C 601 -55.21 46.01 73.14
C ASP C 601 -54.94 47.50 73.33
N GLN C 602 -55.46 48.04 74.44
CA GLN C 602 -55.28 49.45 74.74
C GLN C 602 -54.84 49.64 76.19
N SER C 603 -53.99 50.66 76.39
CA SER C 603 -53.70 51.21 77.70
C SER C 603 -54.33 52.61 77.72
N GLY C 604 -55.47 52.73 78.38
CA GLY C 604 -56.28 53.92 78.25
C GLY C 604 -57.06 53.92 76.96
N ASP C 605 -57.63 55.08 76.63
CA ASP C 605 -58.40 55.23 75.40
C ASP C 605 -57.42 55.39 74.24
N GLY C 606 -57.01 54.26 73.68
CA GLY C 606 -56.14 54.24 72.51
C GLY C 606 -56.91 54.30 71.21
N TYR C 607 -56.17 54.10 70.12
CA TYR C 607 -56.77 54.20 68.79
C TYR C 607 -55.88 53.47 67.80
N PHE C 608 -56.51 52.87 66.79
CA PHE C 608 -55.83 52.07 65.80
C PHE C 608 -56.23 52.49 64.39
N THR C 609 -55.29 52.33 63.46
CA THR C 609 -55.59 52.29 62.03
C THR C 609 -54.89 51.06 61.47
N TYR C 610 -55.67 50.07 61.04
CA TYR C 610 -55.11 48.73 60.85
C TYR C 610 -55.59 48.11 59.55
N ALA C 611 -54.72 47.27 58.98
CA ALA C 611 -55.02 46.49 57.80
C ALA C 611 -54.45 45.09 57.96
N TYR C 613 -53.40 41.45 55.70
CA TYR C 613 -53.09 40.86 54.40
C TYR C 613 -52.78 39.38 54.57
N GLN C 614 -52.82 38.65 53.45
CA GLN C 614 -52.57 37.23 53.44
C GLN C 614 -51.61 36.88 52.31
N ALA C 615 -50.61 36.05 52.63
CA ALA C 615 -49.72 35.51 51.60
C ALA C 615 -50.49 34.47 50.78
N ILE C 616 -50.59 34.71 49.48
CA ILE C 616 -51.31 33.81 48.58
C ILE C 616 -50.55 32.50 48.41
N GLN D 14 -48.70 54.55 -28.14
CA GLN D 14 -48.25 53.23 -28.57
C GLN D 14 -47.74 53.33 -30.00
N GLY D 15 -46.57 52.76 -30.25
CA GLY D 15 -45.84 53.10 -31.46
C GLY D 15 -44.96 54.31 -31.25
N GLU D 16 -43.83 54.32 -31.95
CA GLU D 16 -42.91 55.44 -31.84
C GLU D 16 -43.01 56.34 -33.07
N PRO D 17 -42.62 57.61 -32.95
CA PRO D 17 -42.76 58.53 -34.08
C PRO D 17 -41.92 58.13 -35.27
N LEU D 18 -42.30 58.66 -36.44
CA LEU D 18 -41.71 58.23 -37.70
C LEU D 18 -40.23 58.59 -37.79
N ASN D 19 -39.86 59.78 -37.32
CA ASN D 19 -38.46 60.19 -37.39
C ASN D 19 -37.57 59.26 -36.59
N PHE D 20 -38.08 58.68 -35.49
CA PHE D 20 -37.33 57.67 -34.77
C PHE D 20 -37.03 56.46 -35.66
N LEU D 21 -38.03 56.02 -36.43
CA LEU D 21 -37.84 54.89 -37.33
C LEU D 21 -36.82 55.22 -38.41
N SER D 22 -36.89 56.43 -38.96
CA SER D 22 -35.88 56.85 -39.94
C SER D 22 -34.49 56.90 -39.32
N TYR D 23 -34.39 57.35 -38.07
CA TYR D 23 -33.10 57.36 -37.38
C TYR D 23 -32.55 55.95 -37.23
N LEU D 24 -33.40 55.01 -36.82
CA LEU D 24 -32.95 53.62 -36.68
C LEU D 24 -32.51 53.05 -38.02
N GLN D 25 -33.23 53.41 -39.09
CA GLN D 25 -32.87 52.94 -40.42
C GLN D 25 -31.52 53.49 -40.84
N ASP D 26 -31.28 54.79 -40.61
CA ASP D 26 -29.99 55.36 -40.98
C ASP D 26 -28.87 54.80 -40.13
N ILE D 27 -29.14 54.50 -38.86
CA ILE D 27 -28.12 53.86 -38.03
C ILE D 27 -27.77 52.49 -38.60
N LYS D 28 -28.78 51.72 -38.99
CA LYS D 28 -28.52 50.42 -39.60
C LYS D 28 -27.69 50.57 -40.87
N LEU D 29 -28.05 51.53 -41.73
CA LEU D 29 -27.36 51.63 -43.02
C LEU D 29 -25.95 52.21 -42.90
N ASN D 30 -25.70 53.09 -41.94
CA ASN D 30 -24.45 53.85 -41.91
C ASN D 30 -23.56 53.54 -40.72
N GLY D 31 -23.96 52.68 -39.78
CA GLY D 31 -23.14 52.44 -38.61
C GLY D 31 -22.86 53.73 -37.86
N LEU D 32 -21.60 53.87 -37.43
CA LEU D 32 -21.16 55.06 -36.71
C LEU D 32 -21.06 56.29 -37.61
N ASP D 33 -21.15 56.11 -38.93
CA ASP D 33 -21.11 57.23 -39.86
C ASP D 33 -22.46 57.93 -40.02
N SER D 34 -23.48 57.48 -39.31
CA SER D 34 -24.80 58.09 -39.41
C SER D 34 -24.80 59.52 -38.90
N TYR D 35 -25.61 60.37 -39.53
CA TYR D 35 -25.78 61.73 -39.02
C TYR D 35 -26.36 61.73 -37.62
N VAL D 36 -27.11 60.69 -37.25
CA VAL D 36 -27.68 60.60 -35.91
C VAL D 36 -26.58 60.58 -34.86
N LEU D 37 -25.46 59.92 -35.16
CA LEU D 37 -24.40 59.70 -34.18
C LEU D 37 -23.28 60.74 -34.28
N PHE D 38 -23.47 61.79 -35.08
CA PHE D 38 -22.53 62.90 -35.08
C PHE D 38 -22.76 63.75 -33.83
N ILE D 39 -21.67 64.16 -33.19
CA ILE D 39 -21.76 64.91 -31.94
C ILE D 39 -22.61 66.16 -32.12
N GLY D 40 -22.49 66.82 -33.28
CA GLY D 40 -23.26 68.03 -33.55
C GLY D 40 -24.76 67.83 -33.52
N ASN D 41 -25.22 66.59 -33.64
CA ASN D 41 -26.65 66.28 -33.59
C ASN D 41 -27.05 65.57 -32.31
N ALA D 42 -26.21 65.67 -31.27
CA ALA D 42 -26.46 64.96 -30.02
C ALA D 42 -27.89 65.17 -29.52
N ARG D 43 -28.43 66.38 -29.71
CA ARG D 43 -29.77 66.70 -29.23
C ARG D 43 -30.80 65.67 -29.69
N ILE D 44 -30.78 65.30 -30.98
CA ILE D 44 -31.75 64.32 -31.43
C ILE D 44 -31.37 62.93 -30.92
N TRP D 45 -30.07 62.63 -30.90
CA TRP D 45 -29.60 61.33 -30.41
C TRP D 45 -30.11 61.09 -29.00
N GLU D 46 -29.93 62.08 -28.12
CA GLU D 46 -30.49 61.99 -26.78
C GLU D 46 -31.98 61.72 -26.83
N GLU D 47 -32.72 62.56 -27.56
CA GLU D 47 -34.17 62.39 -27.66
C GLU D 47 -34.52 60.97 -28.07
N LEU D 48 -33.68 60.35 -28.90
CA LEU D 48 -33.93 58.97 -29.29
C LEU D 48 -33.77 58.04 -28.10
N TYR D 49 -32.57 58.01 -27.50
CA TYR D 49 -32.31 56.96 -26.52
C TYR D 49 -33.03 57.19 -25.21
N LEU D 50 -33.53 58.40 -24.98
CA LEU D 50 -34.38 58.63 -23.81
C LEU D 50 -35.80 58.11 -24.03
N ASN D 51 -36.29 58.13 -25.27
CA ASN D 51 -37.70 57.85 -25.53
C ASN D 51 -37.97 56.56 -26.28
N SER D 52 -36.98 55.99 -26.96
CA SER D 52 -37.19 54.81 -27.79
C SER D 52 -36.91 53.53 -27.01
N LEU D 53 -37.80 52.55 -27.14
CA LEU D 53 -37.49 51.17 -26.81
C LEU D 53 -36.98 50.41 -28.03
N TYR D 54 -37.50 50.74 -29.22
CA TYR D 54 -37.08 50.08 -30.45
C TYR D 54 -35.56 50.13 -30.59
N LEU D 55 -34.95 51.26 -30.21
CA LEU D 55 -33.49 51.38 -30.27
C LEU D 55 -32.80 50.28 -29.46
N PHE D 56 -33.36 49.93 -28.30
CA PHE D 56 -32.74 48.94 -27.43
C PHE D 56 -33.16 47.52 -27.76
N SER D 57 -34.16 47.33 -28.62
CA SER D 57 -34.59 46.01 -29.03
C SER D 57 -34.24 45.70 -30.47
N ASP D 58 -33.54 46.61 -31.16
CA ASP D 58 -33.09 46.39 -32.52
C ASP D 58 -31.70 45.76 -32.45
N ARG D 59 -31.67 44.43 -32.42
CA ARG D 59 -30.40 43.70 -32.31
C ARG D 59 -29.49 43.97 -33.50
N GLY D 60 -30.07 44.22 -34.68
CA GLY D 60 -29.28 44.42 -35.88
C GLY D 60 -28.34 45.63 -35.83
N ILE D 61 -28.55 46.54 -34.88
CA ILE D 61 -27.70 47.70 -34.70
C ILE D 61 -27.03 47.72 -33.34
N ARG D 62 -27.18 46.64 -32.55
CA ARG D 62 -26.80 46.69 -31.14
C ARG D 62 -25.33 47.10 -30.97
N GLU D 63 -24.42 46.44 -31.69
CA GLU D 63 -23.01 46.77 -31.57
C GLU D 63 -22.75 48.25 -31.80
N THR D 64 -23.42 48.83 -32.80
CA THR D 64 -23.26 50.25 -33.05
C THR D 64 -23.75 51.07 -31.85
N VAL D 65 -24.96 50.76 -31.38
CA VAL D 65 -25.57 51.55 -30.30
C VAL D 65 -24.67 51.56 -29.08
N TYR D 66 -24.25 50.36 -28.63
CA TYR D 66 -23.36 50.27 -27.49
C TYR D 66 -22.09 51.09 -27.70
N THR D 67 -21.52 51.05 -28.91
CA THR D 67 -20.33 51.84 -29.17
C THR D 67 -20.64 53.34 -29.13
N ALA D 68 -21.83 53.72 -29.62
CA ALA D 68 -22.15 55.14 -29.75
C ALA D 68 -22.32 55.82 -28.38
N PHE D 69 -22.71 55.06 -27.36
CA PHE D 69 -22.96 55.63 -26.04
C PHE D 69 -21.71 56.24 -25.42
N SER D 70 -21.68 57.56 -25.28
CA SER D 70 -20.64 58.21 -24.50
C SER D 70 -20.98 58.13 -23.02
N GLU D 71 -20.01 58.49 -22.18
CA GLU D 71 -20.25 58.53 -20.74
C GLU D 71 -21.40 59.47 -20.43
N THR D 72 -21.44 60.63 -21.10
CA THR D 72 -22.52 61.59 -20.92
C THR D 72 -23.86 60.99 -21.32
N ASP D 73 -23.89 60.21 -22.41
CA ASP D 73 -25.15 59.58 -22.83
C ASP D 73 -25.68 58.63 -21.77
N ILE D 74 -24.80 57.82 -21.17
CA ILE D 74 -25.24 56.90 -20.12
C ILE D 74 -25.73 57.68 -18.90
N ASP D 75 -25.01 58.74 -18.53
CA ASP D 75 -25.48 59.59 -17.44
C ASP D 75 -26.85 60.16 -17.73
N ASN D 76 -27.08 60.61 -18.96
CA ASN D 76 -28.40 61.13 -19.35
C ASN D 76 -29.47 60.06 -19.23
N LEU D 77 -29.16 58.84 -19.70
CA LEU D 77 -30.09 57.73 -19.54
C LEU D 77 -30.49 57.54 -18.08
N PHE D 78 -29.49 57.38 -17.21
CA PHE D 78 -29.78 57.15 -15.79
C PHE D 78 -30.56 58.31 -15.18
N ASN D 79 -30.20 59.55 -15.52
CA ASN D 79 -30.80 60.70 -14.86
C ASN D 79 -32.22 60.96 -15.34
N LYS D 80 -32.48 60.76 -16.63
CA LYS D 80 -33.69 61.30 -17.26
C LYS D 80 -34.68 60.25 -17.74
N SER D 81 -34.22 59.07 -18.16
CA SER D 81 -35.12 58.09 -18.76
C SER D 81 -36.15 57.60 -17.74
N THR D 82 -37.43 57.69 -18.13
CA THR D 82 -38.53 57.21 -17.32
C THR D 82 -38.80 55.72 -17.52
N LYS D 83 -37.97 55.03 -18.30
CA LYS D 83 -38.18 53.62 -18.58
C LYS D 83 -36.83 52.93 -18.77
N LEU D 84 -35.86 53.26 -17.91
CA LEU D 84 -34.56 52.62 -17.95
C LEU D 84 -34.68 51.11 -17.80
N GLY D 85 -35.60 50.64 -16.96
CA GLY D 85 -35.76 49.21 -16.76
C GLY D 85 -36.19 48.49 -18.02
N GLU D 86 -37.22 49.01 -18.70
CA GLU D 86 -37.66 48.41 -19.95
C GLU D 86 -36.55 48.40 -20.99
N GLN D 87 -35.78 49.49 -21.05
CA GLN D 87 -34.72 49.59 -22.04
C GLN D 87 -33.58 48.60 -21.74
N LEU D 88 -33.25 48.43 -20.46
CA LEU D 88 -32.24 47.45 -20.09
C LEU D 88 -32.73 46.03 -20.38
N ASN D 89 -34.00 45.75 -20.09
CA ASN D 89 -34.55 44.42 -20.35
C ASN D 89 -34.53 44.12 -21.85
N ALA D 90 -34.89 45.11 -22.68
CA ALA D 90 -34.83 44.91 -24.12
C ALA D 90 -33.39 44.76 -24.60
N PHE D 91 -32.47 45.55 -24.06
CA PHE D 91 -31.09 45.56 -24.52
C PHE D 91 -30.37 44.26 -24.16
N TYR D 92 -30.80 43.58 -23.10
CA TYR D 92 -30.19 42.32 -22.68
C TYR D 92 -31.14 41.14 -22.83
N ARG D 93 -32.24 41.31 -23.55
CA ARG D 93 -33.19 40.23 -23.84
C ARG D 93 -33.52 39.44 -22.57
N THR D 94 -33.99 40.16 -21.55
CA THR D 94 -34.23 39.57 -20.25
C THR D 94 -35.40 40.28 -19.58
N ASP D 95 -35.68 39.87 -18.33
CA ASP D 95 -36.74 40.46 -17.53
C ASP D 95 -36.30 40.74 -16.09
N ILE D 96 -35.00 40.68 -15.80
CA ILE D 96 -34.53 40.71 -14.42
C ILE D 96 -34.54 42.11 -13.82
N PHE D 97 -34.61 43.15 -14.64
CA PHE D 97 -34.58 44.51 -14.13
C PHE D 97 -36.00 45.04 -13.92
N SER D 98 -36.18 45.80 -12.84
CA SER D 98 -37.48 46.38 -12.56
C SER D 98 -37.79 47.52 -13.52
N LEU D 99 -39.07 47.80 -13.68
CA LEU D 99 -39.52 48.78 -14.66
C LEU D 99 -39.49 50.18 -14.07
N GLY D 100 -39.48 51.17 -14.95
CA GLY D 100 -39.46 52.56 -14.54
C GLY D 100 -38.08 53.19 -14.62
N ASN D 101 -37.90 54.24 -13.83
CA ASN D 101 -36.69 55.07 -13.88
C ASN D 101 -35.54 54.40 -13.13
N ALA D 102 -34.42 55.12 -13.06
CA ALA D 102 -33.21 54.57 -12.44
C ALA D 102 -33.43 54.21 -10.98
N ASP D 103 -34.28 54.94 -10.27
CA ASP D 103 -34.51 54.63 -8.86
C ASP D 103 -35.17 53.27 -8.68
N ASN D 104 -36.17 52.96 -9.51
CA ASN D 104 -36.81 51.65 -9.45
C ASN D 104 -35.81 50.54 -9.77
N VAL D 105 -34.91 50.79 -10.73
CA VAL D 105 -33.93 49.79 -11.10
C VAL D 105 -32.95 49.56 -9.97
N VAL D 106 -32.45 50.64 -9.37
CA VAL D 106 -31.50 50.53 -8.26
C VAL D 106 -32.16 49.83 -7.07
N LYS D 107 -33.45 50.08 -6.86
CA LYS D 107 -34.11 49.50 -5.69
C LYS D 107 -34.08 47.97 -5.71
N GLU D 108 -34.14 47.36 -6.89
CA GLU D 108 -34.19 45.90 -6.98
C GLU D 108 -32.90 45.31 -7.51
N THR D 110 -29.33 43.56 -7.71
CA THR D 110 -28.52 42.61 -6.98
C THR D 110 -27.14 42.52 -7.62
N ILE D 111 -26.21 41.88 -6.92
CA ILE D 111 -24.88 41.66 -7.46
C ILE D 111 -24.96 40.81 -8.72
N GLU D 112 -25.80 39.78 -8.69
CA GLU D 112 -26.01 38.93 -9.86
C GLU D 112 -26.43 39.74 -11.07
N HIS D 113 -27.49 40.53 -10.92
CA HIS D 113 -28.00 41.31 -12.05
C HIS D 113 -27.01 42.40 -12.48
N TYR D 114 -26.31 42.99 -11.51
CA TYR D 114 -25.30 44.00 -11.84
C TYR D 114 -24.19 43.41 -12.69
N ASN D 115 -23.71 42.22 -12.34
CA ASN D 115 -22.63 41.60 -13.09
C ASN D 115 -23.03 41.20 -14.51
N SER D 116 -24.32 41.01 -14.76
CA SER D 116 -24.79 40.69 -16.11
C SER D 116 -24.71 41.89 -17.05
N LEU D 117 -24.48 43.09 -16.53
CA LEU D 117 -24.40 44.29 -17.35
C LEU D 117 -23.03 44.41 -18.01
N GLU D 118 -23.00 45.07 -19.16
CA GLU D 118 -21.75 45.38 -19.81
C GLU D 118 -21.10 46.58 -19.13
N GLU D 119 -19.84 46.85 -19.51
CA GLU D 119 -19.01 47.79 -18.76
C GLU D 119 -19.65 49.17 -18.66
N LYS D 120 -20.19 49.68 -19.77
CA LYS D 120 -20.72 51.04 -19.77
C LYS D 120 -21.88 51.19 -18.81
N PHE D 121 -22.73 50.17 -18.69
CA PHE D 121 -23.89 50.30 -17.81
C PHE D 121 -23.53 50.05 -16.35
N LYS D 122 -22.53 49.18 -16.08
CA LYS D 122 -22.00 49.09 -14.73
C LYS D 122 -21.42 50.44 -14.29
N ALA D 123 -20.62 51.07 -15.16
CA ALA D 123 -20.08 52.39 -14.85
C ALA D 123 -21.19 53.42 -14.66
N GLY D 124 -22.25 53.32 -15.47
CA GLY D 124 -23.39 54.22 -15.30
C GLY D 124 -24.05 54.06 -13.94
N TYR D 125 -24.27 52.81 -13.53
CA TYR D 125 -24.80 52.56 -12.19
C TYR D 125 -23.91 53.18 -11.12
N ASP D 126 -22.60 52.94 -11.22
CA ASP D 126 -21.64 53.50 -10.27
C ASP D 126 -21.77 55.01 -10.20
N ARG D 127 -21.70 55.69 -11.35
CA ARG D 127 -21.73 57.14 -11.37
C ARG D 127 -23.06 57.67 -10.85
N TYR D 128 -24.17 57.02 -11.19
CA TYR D 128 -25.47 57.49 -10.74
C TYR D 128 -25.60 57.40 -9.22
N VAL D 129 -25.22 56.25 -8.65
CA VAL D 129 -25.34 56.11 -7.20
C VAL D 129 -24.37 57.05 -6.48
N THR D 130 -23.18 57.27 -7.05
CA THR D 130 -22.26 58.24 -6.45
C THR D 130 -22.85 59.64 -6.47
N ARG D 131 -23.42 60.05 -7.61
CA ARG D 131 -24.05 61.36 -7.68
C ARG D 131 -25.16 61.51 -6.64
N GLU D 132 -26.02 60.50 -6.52
CA GLU D 132 -27.14 60.60 -5.60
C GLU D 132 -26.68 60.61 -4.14
N GLN D 133 -25.66 59.81 -3.81
CA GLN D 133 -25.18 59.77 -2.43
C GLN D 133 -24.38 61.02 -2.06
N GLU D 134 -23.63 61.57 -3.01
CA GLU D 134 -22.80 62.73 -2.70
C GLU D 134 -23.58 64.04 -2.66
N LYS D 135 -24.86 64.02 -3.03
CA LYS D 135 -25.71 65.18 -2.80
C LYS D 135 -26.05 65.29 -1.32
N SER D 136 -26.69 66.40 -0.96
CA SER D 136 -27.18 66.59 0.40
C SER D 136 -28.53 65.91 0.63
N THR D 137 -29.06 65.21 -0.37
CA THR D 137 -30.27 64.41 -0.24
C THR D 137 -29.97 62.91 -0.18
N ILE D 138 -28.77 62.55 0.27
CA ILE D 138 -28.38 61.14 0.35
C ILE D 138 -29.36 60.37 1.23
N GLY D 139 -29.69 60.92 2.40
CA GLY D 139 -30.60 60.25 3.29
C GLY D 139 -31.98 60.05 2.68
N ALA D 140 -32.54 61.11 2.12
CA ALA D 140 -33.85 61.00 1.47
C ALA D 140 -33.81 60.04 0.29
N TRP D 141 -32.71 60.04 -0.46
CA TRP D 141 -32.59 59.14 -1.61
C TRP D 141 -32.59 57.69 -1.16
N PHE D 142 -31.74 57.35 -0.19
CA PHE D 142 -31.76 56.01 0.39
C PHE D 142 -33.13 55.66 0.92
N ASN D 143 -33.76 56.60 1.63
CA ASN D 143 -35.03 56.33 2.31
C ASN D 143 -36.13 55.99 1.31
N SER D 144 -36.27 56.81 0.26
CA SER D 144 -37.37 56.62 -0.68
C SER D 144 -37.08 55.54 -1.71
N THR D 145 -35.83 55.46 -2.18
CA THR D 145 -35.49 54.51 -3.24
C THR D 145 -35.73 53.07 -2.81
N PHE D 146 -35.31 52.72 -1.60
CA PHE D 146 -35.41 51.34 -1.10
C PHE D 146 -36.55 51.18 -0.11
N SER D 147 -37.40 52.18 0.02
CA SER D 147 -38.58 52.16 0.89
C SER D 147 -38.22 51.81 2.33
N LEU D 148 -37.15 52.41 2.83
CA LEU D 148 -36.85 52.32 4.25
C LEU D 148 -37.81 53.26 4.97
N ASP D 149 -38.52 52.73 5.96
CA ASP D 149 -39.50 53.53 6.70
C ASP D 149 -38.84 54.20 7.92
N ASN D 150 -37.88 55.08 7.63
CA ASN D 150 -37.05 55.71 8.66
C ASN D 150 -37.00 57.22 8.43
N THR D 151 -37.60 57.98 9.35
CA THR D 151 -37.67 59.42 9.21
C THR D 151 -36.38 60.14 9.61
N ASP D 152 -35.61 59.59 10.55
CA ASP D 152 -34.30 60.15 10.85
C ASP D 152 -33.41 60.20 9.61
N LEU D 153 -33.30 59.07 8.89
CA LEU D 153 -32.49 59.02 7.68
C LEU D 153 -32.88 60.11 6.69
N GLU D 154 -34.17 60.44 6.63
CA GLU D 154 -34.69 61.44 5.70
C GLU D 154 -33.86 62.72 5.68
N ASN D 155 -33.52 63.25 6.86
CA ASN D 155 -32.92 64.57 6.99
C ASN D 155 -31.40 64.56 7.08
N LEU D 156 -30.76 63.39 6.94
CA LEU D 156 -29.31 63.32 7.01
C LEU D 156 -28.70 63.67 5.66
N THR D 157 -27.64 64.49 5.69
CA THR D 157 -27.11 65.10 4.49
C THR D 157 -25.75 64.57 4.05
N THR D 158 -25.06 63.81 4.90
CA THR D 158 -23.80 63.18 4.51
C THR D 158 -23.79 61.74 4.97
N ILE D 159 -22.88 60.95 4.38
CA ILE D 159 -22.73 59.56 4.80
C ILE D 159 -22.23 59.49 6.24
N GLU D 160 -21.41 60.45 6.66
CA GLU D 160 -20.95 60.49 8.05
C GLU D 160 -22.10 60.71 9.02
N GLU D 161 -23.04 61.61 8.67
CA GLU D 161 -24.21 61.81 9.50
C GLU D 161 -25.04 60.54 9.59
N ILE D 162 -25.05 59.73 8.52
CA ILE D 162 -25.79 58.48 8.57
C ILE D 162 -25.08 57.48 9.48
N LEU D 163 -23.76 57.38 9.36
CA LEU D 163 -23.01 56.44 10.19
C LEU D 163 -22.99 56.85 11.66
N ALA D 164 -23.18 58.13 11.96
CA ALA D 164 -23.33 58.56 13.35
C ALA D 164 -24.65 58.11 13.94
N ASN D 165 -25.65 57.88 13.11
CA ASN D 165 -26.98 57.50 13.56
C ASN D 165 -27.14 56.00 13.45
N VAL D 166 -27.34 55.34 14.58
CA VAL D 166 -27.43 53.87 14.58
C VAL D 166 -28.71 53.40 13.87
N GLU D 167 -29.85 54.06 14.15
CA GLU D 167 -31.11 53.66 13.50
C GLU D 167 -31.03 53.70 11.97
N ALA D 168 -30.46 54.77 11.42
CA ALA D 168 -30.40 54.94 9.98
C ALA D 168 -29.46 53.91 9.34
N THR D 169 -28.30 53.69 9.97
CA THR D 169 -27.38 52.65 9.49
C THR D 169 -28.05 51.29 9.44
N ASN D 170 -28.76 50.93 10.53
CA ASN D 170 -29.40 49.62 10.58
C ASN D 170 -30.53 49.51 9.56
N ALA D 171 -31.27 50.60 9.36
CA ALA D 171 -32.27 50.65 8.29
C ALA D 171 -31.65 50.38 6.93
N ILE D 172 -30.50 51.00 6.64
CA ILE D 172 -29.89 50.82 5.33
C ILE D 172 -29.32 49.40 5.20
N LEU D 173 -28.54 48.97 6.19
CA LEU D 173 -27.78 47.73 6.04
C LEU D 173 -28.69 46.50 5.93
N ASN D 174 -29.86 46.52 6.53
CA ASN D 174 -30.76 45.38 6.43
C ASN D 174 -31.47 45.29 5.08
N ASN D 175 -31.10 46.14 4.11
CA ASN D 175 -31.56 46.05 2.73
C ASN D 175 -30.37 45.69 1.85
N SER D 176 -30.44 44.52 1.21
CA SER D 176 -29.32 44.05 0.40
C SER D 176 -29.04 44.98 -0.78
N ASN D 177 -30.09 45.55 -1.39
CA ASN D 177 -29.92 46.39 -2.56
C ASN D 177 -29.39 47.77 -2.16
N ALA D 178 -29.86 48.30 -1.04
CA ALA D 178 -29.28 49.53 -0.51
C ALA D 178 -27.81 49.33 -0.21
N ILE D 179 -27.43 48.12 0.23
CA ILE D 179 -26.03 47.82 0.46
C ILE D 179 -25.26 47.82 -0.86
N VAL D 180 -25.86 47.26 -1.92
CA VAL D 180 -25.23 47.30 -3.23
C VAL D 180 -24.99 48.75 -3.66
N ALA D 181 -26.01 49.59 -3.50
CA ALA D 181 -25.87 51.01 -3.81
C ALA D 181 -24.75 51.65 -2.99
N LEU D 182 -24.67 51.31 -1.69
CA LEU D 182 -23.66 51.89 -0.81
C LEU D 182 -22.26 51.46 -1.23
N THR D 183 -22.09 50.19 -1.60
CA THR D 183 -20.76 49.66 -1.86
C THR D 183 -20.18 50.16 -3.17
N CYS D 185 -20.30 53.10 -4.34
CA CYS D 185 -20.00 54.52 -4.24
C CYS D 185 -18.71 54.67 -3.42
N LYS D 186 -17.63 55.06 -4.10
CA LYS D 186 -16.30 55.02 -3.50
C LYS D 186 -16.24 55.78 -2.17
N SER D 187 -16.76 57.00 -2.16
CA SER D 187 -16.66 57.83 -0.97
C SER D 187 -17.45 57.24 0.20
N SER D 188 -18.71 56.87 -0.05
CA SER D 188 -19.52 56.25 0.98
C SER D 188 -18.81 55.06 1.61
N ASP D 190 -15.66 54.48 1.57
CA ASP D 190 -14.51 54.98 2.34
C ASP D 190 -14.92 55.43 3.73
N ALA D 191 -16.12 55.98 3.88
CA ALA D 191 -16.57 56.36 5.22
C ALA D 191 -16.79 55.12 6.06
N VAL D 192 -17.34 54.05 5.47
CA VAL D 192 -17.60 52.84 6.22
C VAL D 192 -16.31 52.24 6.75
N VAL D 193 -15.28 52.18 5.90
CA VAL D 193 -13.96 51.76 6.34
C VAL D 193 -13.43 52.69 7.42
N ALA D 194 -13.72 53.99 7.29
CA ALA D 194 -13.22 55.00 8.23
C ALA D 194 -13.96 54.99 9.56
N SER D 195 -15.17 54.43 9.61
CA SER D 195 -16.01 54.51 10.80
C SER D 195 -15.44 53.67 11.93
N SER D 196 -15.67 54.13 13.17
CA SER D 196 -15.08 53.48 14.32
C SER D 196 -15.60 52.05 14.51
N ASN D 197 -16.88 51.81 14.26
CA ASN D 197 -17.42 50.45 14.29
C ASN D 197 -17.34 49.78 12.92
N ALA D 198 -16.28 50.05 12.15
CA ALA D 198 -16.17 49.52 10.80
C ALA D 198 -16.29 48.00 10.78
N ASP D 200 -17.51 45.58 12.74
CA ASP D 200 -18.87 45.12 12.93
C ASP D 200 -19.67 45.25 11.63
N LEU D 201 -19.72 46.48 11.10
CA LEU D 201 -20.49 46.73 9.88
C LEU D 201 -20.06 45.80 8.76
N LEU D 202 -18.76 45.63 8.57
CA LEU D 202 -18.29 44.71 7.54
C LEU D 202 -18.64 43.27 7.88
N GLY D 203 -18.39 42.85 9.13
CA GLY D 203 -18.67 41.48 9.51
C GLY D 203 -20.15 41.14 9.49
N GLN D 204 -20.96 41.95 10.19
CA GLN D 204 -22.37 41.64 10.33
C GLN D 204 -23.19 41.85 9.06
N TYR D 205 -22.86 42.84 8.22
CA TYR D 205 -23.75 43.08 7.10
C TYR D 205 -23.13 43.10 5.70
N ILE D 206 -22.12 43.95 5.48
CA ILE D 206 -21.67 44.23 4.12
C ILE D 206 -21.03 43.00 3.47
N LEU D 207 -20.06 42.39 4.14
CA LEU D 207 -19.34 41.26 3.54
C LEU D 207 -20.26 40.09 3.23
N ARG D 208 -21.32 39.89 4.02
CA ARG D 208 -22.21 38.77 3.72
C ARG D 208 -22.89 38.98 2.38
N VAL D 209 -23.15 40.22 2.01
CA VAL D 209 -23.87 40.53 0.78
C VAL D 209 -22.95 40.77 -0.41
N THR D 210 -21.69 41.14 -0.17
CA THR D 210 -20.80 41.47 -1.28
C THR D 210 -19.35 41.51 -0.83
N THR D 211 -18.52 40.70 -1.48
CA THR D 211 -17.07 40.71 -1.34
C THR D 211 -16.42 41.30 -2.58
N GLU D 212 -17.21 41.92 -3.46
CA GLU D 212 -16.75 42.44 -4.74
C GLU D 212 -15.57 43.40 -4.62
N SER D 213 -14.94 43.65 -5.77
CA SER D 213 -13.69 44.41 -5.87
C SER D 213 -13.70 45.77 -5.15
N PRO D 214 -14.71 46.65 -5.34
CA PRO D 214 -14.65 47.94 -4.63
C PRO D 214 -14.55 47.80 -3.12
N VAL D 215 -15.24 46.81 -2.54
CA VAL D 215 -15.22 46.62 -1.10
C VAL D 215 -13.81 46.30 -0.63
N ILE D 216 -13.17 45.34 -1.30
CA ILE D 216 -11.82 44.93 -0.90
C ILE D 216 -10.84 46.06 -1.13
N ARG D 217 -10.99 46.79 -2.24
CA ARG D 217 -10.10 47.92 -2.51
C ARG D 217 -10.18 48.97 -1.41
N ALA D 218 -11.39 49.34 -1.01
CA ALA D 218 -11.55 50.31 0.07
C ALA D 218 -11.01 49.77 1.40
N ILE D 219 -11.20 48.48 1.66
CA ILE D 219 -10.65 47.89 2.89
C ILE D 219 -9.14 47.99 2.91
N LEU D 220 -8.49 47.73 1.77
CA LEU D 220 -7.03 47.70 1.72
C LEU D 220 -6.38 49.06 1.93
N LYS D 221 -7.15 50.15 1.77
CA LYS D 221 -6.59 51.48 1.97
C LYS D 221 -6.42 51.85 3.44
N ASN D 222 -7.03 51.10 4.35
CA ASN D 222 -6.92 51.33 5.80
C ASN D 222 -6.15 50.17 6.41
N ASN D 223 -4.96 50.46 6.95
CA ASN D 223 -4.09 49.39 7.44
C ASN D 223 -4.76 48.60 8.56
N VAL D 224 -5.44 49.28 9.48
CA VAL D 224 -6.02 48.60 10.64
C VAL D 224 -7.15 47.67 10.20
N ILE D 225 -8.10 48.20 9.42
CA ILE D 225 -9.22 47.39 8.95
C ILE D 225 -8.72 46.26 8.06
N ARG D 226 -7.76 46.55 7.17
CA ARG D 226 -7.13 45.50 6.37
C ARG D 226 -6.60 44.37 7.25
N ASP D 227 -5.73 44.71 8.20
CA ASP D 227 -5.09 43.68 9.01
C ASP D 227 -6.13 42.88 9.80
N ALA D 228 -7.14 43.55 10.33
CA ALA D 228 -8.19 42.85 11.05
C ALA D 228 -8.96 41.90 10.14
N ILE D 229 -9.28 42.35 8.91
CA ILE D 229 -10.04 41.53 7.98
C ILE D 229 -9.23 40.30 7.56
N ILE D 230 -7.97 40.51 7.17
CA ILE D 230 -7.16 39.42 6.66
C ILE D 230 -6.90 38.38 7.74
N ASN D 231 -6.85 38.80 9.00
CA ASN D 231 -6.60 37.90 10.11
C ASN D 231 -7.89 37.43 10.78
N SER D 232 -9.04 37.65 10.14
CA SER D 232 -10.33 37.27 10.68
C SER D 232 -10.78 35.96 10.05
N ASP D 233 -11.08 34.97 10.89
CA ASP D 233 -11.57 33.70 10.39
C ASP D 233 -12.89 33.88 9.66
N GLU D 234 -13.78 34.72 10.19
CA GLU D 234 -15.07 34.92 9.55
C GLU D 234 -14.90 35.59 8.18
N ALA D 235 -14.27 36.77 8.16
CA ALA D 235 -14.18 37.56 6.94
C ALA D 235 -13.50 36.78 5.82
N THR D 237 -13.25 33.63 5.43
CA THR D 237 -14.18 32.59 4.99
C THR D 237 -15.09 33.13 3.90
N GLN D 238 -15.62 34.34 4.10
CA GLN D 238 -16.41 34.98 3.07
C GLN D 238 -15.54 35.29 1.85
N ILE D 239 -14.43 35.99 2.07
CA ILE D 239 -13.63 36.51 0.96
C ILE D 239 -13.08 35.37 0.10
N SER D 240 -12.65 34.30 0.75
CA SER D 240 -12.07 33.17 0.03
C SER D 240 -13.03 32.58 -0.98
N SER D 241 -14.35 32.69 -0.76
CA SER D 241 -15.29 32.08 -1.69
C SER D 241 -15.30 32.79 -3.04
N ASN D 242 -14.85 34.03 -3.09
CA ASN D 242 -14.81 34.84 -4.31
C ASN D 242 -13.35 34.96 -4.76
N GLU D 243 -13.00 34.25 -5.84
CA GLU D 243 -11.62 34.28 -6.33
C GLU D 243 -11.22 35.68 -6.78
N ASN D 244 -12.17 36.47 -7.26
CA ASN D 244 -11.83 37.82 -7.74
C ASN D 244 -11.52 38.76 -6.60
N SER D 245 -12.12 38.54 -5.42
CA SER D 245 -11.72 39.30 -4.23
C SER D 245 -10.30 38.96 -3.83
N VAL D 246 -9.97 37.67 -3.79
CA VAL D 246 -8.61 37.24 -3.47
C VAL D 246 -7.62 37.86 -4.44
N GLU D 248 -7.75 40.71 -5.77
CA GLU D 248 -7.46 42.10 -5.38
C GLU D 248 -6.47 42.16 -4.23
N ILE D 249 -6.43 41.15 -3.37
CA ILE D 249 -5.47 41.15 -2.27
C ILE D 249 -4.06 40.94 -2.80
N PHE D 250 -3.88 40.00 -3.73
CA PHE D 250 -2.57 39.77 -4.33
C PHE D 250 -2.16 40.87 -5.29
N ASN D 251 -3.07 41.80 -5.62
CA ASN D 251 -2.72 42.97 -6.41
C ASN D 251 -2.17 44.10 -5.55
N ASP D 252 -2.07 43.91 -4.24
CA ASP D 252 -1.60 44.93 -3.30
C ASP D 252 -0.50 44.32 -2.45
N LEU D 253 0.68 44.92 -2.49
CA LEU D 253 1.87 44.32 -1.87
C LEU D 253 1.69 44.14 -0.37
N GLU D 254 1.28 45.21 0.33
CA GLU D 254 1.21 45.14 1.78
C GLU D 254 0.13 44.16 2.24
N ALA D 255 -0.99 44.11 1.51
CA ALA D 255 -2.03 43.14 1.83
C ALA D 255 -1.51 41.72 1.67
N THR D 256 -0.77 41.45 0.59
CA THR D 256 -0.15 40.15 0.41
C THR D 256 0.80 39.83 1.55
N LYS D 257 1.59 40.81 1.99
CA LYS D 257 2.53 40.59 3.08
C LYS D 257 1.80 40.23 4.37
N VAL D 258 0.65 40.86 4.61
CA VAL D 258 -0.15 40.49 5.78
C VAL D 258 -0.73 39.09 5.61
N LEU D 259 -1.25 38.79 4.42
CA LEU D 259 -1.91 37.51 4.17
C LEU D 259 -0.98 36.32 4.38
N VAL D 260 0.22 36.39 3.79
CA VAL D 260 1.12 35.24 3.76
C VAL D 260 1.76 34.98 5.13
N GLN D 261 1.36 35.74 6.14
CA GLN D 261 1.81 35.51 7.50
C GLN D 261 0.74 34.91 8.39
N ASN D 262 -0.40 34.52 7.82
CA ASN D 262 -1.51 33.95 8.58
C ASN D 262 -1.82 32.56 8.00
N GLN D 263 -1.46 31.53 8.76
CA GLN D 263 -1.71 30.15 8.34
C GLN D 263 -3.19 29.91 8.02
N ASN D 264 -4.07 30.36 8.92
CA ASN D 264 -5.50 30.12 8.77
C ASN D 264 -6.04 30.74 7.48
N SER D 265 -5.63 31.98 7.19
CA SER D 265 -6.13 32.65 5.99
C SER D 265 -5.60 31.98 4.72
N ILE D 266 -4.35 31.49 4.76
CA ILE D 266 -3.81 30.72 3.63
C ILE D 266 -4.68 29.49 3.38
N ASN D 267 -4.98 28.74 4.44
CA ASN D 267 -5.85 27.57 4.27
C ASN D 267 -7.21 27.97 3.71
N LYS D 268 -7.76 29.09 4.22
CA LYS D 268 -9.06 29.57 3.74
C LYS D 268 -9.03 29.83 2.24
N ILE D 269 -8.02 30.56 1.76
CA ILE D 269 -7.98 30.84 0.32
C ILE D 269 -7.71 29.56 -0.45
N LEU D 270 -7.06 28.58 0.16
CA LEU D 270 -6.87 27.30 -0.52
C LEU D 270 -8.12 26.44 -0.53
N THR D 271 -9.16 26.81 0.23
CA THR D 271 -10.43 26.08 0.08
C THR D 271 -11.13 26.35 -1.25
N ASN D 272 -10.66 27.34 -2.03
CA ASN D 272 -11.25 27.65 -3.34
C ASN D 272 -10.42 26.99 -4.42
N ASN D 273 -11.04 26.09 -5.20
CA ASN D 273 -10.28 25.34 -6.19
C ASN D 273 -9.79 26.23 -7.33
N VAL D 274 -10.53 27.30 -7.65
CA VAL D 274 -10.06 28.21 -8.69
C VAL D 274 -8.78 28.92 -8.24
N THR D 275 -8.75 29.35 -6.98
CA THR D 275 -7.55 29.96 -6.42
C THR D 275 -6.37 28.98 -6.48
N VAL D 276 -6.59 27.73 -6.10
CA VAL D 276 -5.53 26.73 -6.07
C VAL D 276 -5.03 26.41 -7.47
N GLU D 277 -5.96 26.24 -8.42
CA GLU D 277 -5.60 25.73 -9.74
C GLU D 277 -5.07 26.82 -10.66
N LYS D 278 -5.52 28.06 -10.51
CA LYS D 278 -5.22 29.11 -11.48
C LYS D 278 -4.43 30.27 -10.87
N ILE D 279 -4.86 30.78 -9.72
CA ILE D 279 -4.28 32.01 -9.19
C ILE D 279 -2.90 31.76 -8.60
N ILE D 280 -2.79 30.80 -7.68
CA ILE D 280 -1.51 30.54 -7.01
C ILE D 280 -0.42 30.12 -8.00
N PRO D 281 -0.66 29.17 -8.92
CA PRO D 281 0.42 28.84 -9.87
C PRO D 281 0.84 30.01 -10.74
N ASN D 282 -0.09 30.87 -11.14
CA ASN D 282 0.27 32.06 -11.89
C ASN D 282 1.13 33.00 -11.05
N LEU D 283 0.77 33.18 -9.78
CA LEU D 283 1.58 34.00 -8.89
C LEU D 283 2.97 33.42 -8.72
N LEU D 284 3.11 32.09 -8.76
CA LEU D 284 4.43 31.48 -8.66
C LEU D 284 5.19 31.54 -9.98
N GLU D 285 4.52 31.22 -11.09
CA GLU D 285 5.17 31.25 -12.40
C GLU D 285 5.61 32.66 -12.79
N LYS D 287 7.18 35.46 -11.55
CA LYS D 287 8.47 36.14 -11.35
C LYS D 287 9.43 35.89 -12.51
N TYR D 288 9.45 34.66 -13.03
CA TYR D 288 10.33 34.32 -14.13
C TYR D 288 10.01 35.16 -15.37
N ASN D 289 8.75 35.14 -15.80
CA ASN D 289 8.32 35.93 -16.95
C ASN D 289 8.56 37.41 -16.72
N LEU D 290 8.31 37.89 -15.49
CA LEU D 290 8.49 39.30 -15.18
C LEU D 290 9.95 39.70 -15.25
N GLN D 291 10.86 38.85 -14.75
CA GLN D 291 12.28 39.16 -14.83
C GLN D 291 12.76 39.18 -16.28
N THR D 292 12.26 38.26 -17.11
CA THR D 292 12.61 38.29 -18.53
C THR D 292 12.12 39.59 -19.19
N SER D 293 10.85 39.93 -18.95
CA SER D 293 10.30 41.17 -19.48
C SER D 293 11.09 42.39 -19.00
N LEU D 294 11.58 42.34 -17.75
CA LEU D 294 12.38 43.44 -17.22
C LEU D 294 13.73 43.53 -17.92
N ASN D 295 14.31 42.38 -18.27
CA ASN D 295 15.52 42.40 -19.09
C ASN D 295 15.26 43.08 -20.43
N TYR D 296 14.13 42.76 -21.07
CA TYR D 296 13.79 43.44 -22.32
C TYR D 296 13.59 44.94 -22.11
N ILE D 297 12.97 45.33 -21.00
CA ILE D 297 12.79 46.74 -20.69
C ILE D 297 14.13 47.45 -20.57
N ASN D 298 15.08 46.83 -19.88
CA ASN D 298 16.37 47.47 -19.68
C ASN D 298 17.20 47.50 -20.97
N THR D 299 16.97 46.54 -21.88
CA THR D 299 17.54 46.67 -23.21
C THR D 299 16.94 47.85 -23.97
N ILE D 300 15.61 48.02 -23.86
CA ILE D 300 14.93 49.15 -24.51
C ILE D 300 15.49 50.46 -23.99
N LYS D 301 15.84 50.52 -22.71
CA LYS D 301 16.43 51.75 -22.16
C LYS D 301 17.68 52.15 -22.92
N SER D 302 18.60 51.20 -23.12
CA SER D 302 19.83 51.51 -23.85
C SER D 302 19.54 51.84 -25.30
N ASN D 303 18.58 51.14 -25.92
CA ASN D 303 18.26 51.43 -27.31
C ASN D 303 17.69 52.84 -27.47
N ILE D 304 16.86 53.27 -26.52
CA ILE D 304 16.32 54.62 -26.55
C ILE D 304 17.45 55.63 -26.38
N ALA D 305 18.35 55.38 -25.43
CA ALA D 305 19.48 56.27 -25.22
C ALA D 305 20.30 56.43 -26.49
N SER D 306 20.59 55.31 -27.17
CA SER D 306 21.42 55.37 -28.37
C SER D 306 20.69 56.08 -29.52
N GLY D 307 19.46 55.67 -29.80
CA GLY D 307 18.70 56.30 -30.86
C GLY D 307 18.53 57.80 -30.65
N LYS D 308 18.38 58.23 -29.40
CA LYS D 308 18.30 59.66 -29.12
C LYS D 308 19.66 60.32 -29.29
N GLY D 309 20.74 59.66 -28.85
CA GLY D 309 22.06 60.21 -29.03
C GLY D 309 22.39 60.47 -30.49
N GLN D 310 21.90 59.60 -31.38
CA GLN D 310 22.08 59.84 -32.81
C GLN D 310 21.47 61.18 -33.23
N ILE D 311 20.30 61.51 -32.67
CA ILE D 311 19.64 62.76 -33.03
C ILE D 311 20.34 63.96 -32.37
N ALA D 313 23.37 64.49 -31.83
CA ALA D 313 24.66 64.83 -32.41
C ALA D 313 24.56 65.92 -33.48
N ILE D 314 23.38 66.14 -34.05
CA ILE D 314 23.17 67.14 -35.08
C ILE D 314 22.74 68.43 -34.38
N THR D 315 23.67 69.35 -34.21
CA THR D 315 23.47 70.54 -33.40
C THR D 315 23.40 71.79 -34.27
N TYR D 316 22.94 72.88 -33.67
CA TYR D 316 22.78 74.15 -34.37
C TYR D 316 22.80 75.25 -33.30
N ASN D 317 23.90 75.98 -33.21
CA ASN D 317 24.12 76.95 -32.14
C ASN D 317 24.00 76.30 -30.77
N GLU D 318 24.65 75.14 -30.63
CA GLU D 318 24.72 74.37 -29.38
C GLU D 318 23.35 73.91 -28.91
N GLU D 319 22.33 74.01 -29.74
CA GLU D 319 21.00 73.47 -29.46
C GLU D 319 20.68 72.38 -30.48
N ILE D 320 19.54 71.73 -30.31
CA ILE D 320 19.10 70.73 -31.28
C ILE D 320 18.77 71.41 -32.59
N PHE D 321 19.09 70.75 -33.69
CA PHE D 321 18.68 71.23 -35.01
C PHE D 321 17.16 71.32 -35.05
N PRO D 322 16.58 72.51 -35.21
CA PRO D 322 15.13 72.67 -35.03
C PRO D 322 14.29 71.65 -35.78
N ILE D 323 14.69 71.31 -37.01
CA ILE D 323 13.93 70.34 -37.81
C ILE D 323 13.80 69.00 -37.10
N LEU D 324 14.69 68.71 -36.15
CA LEU D 324 14.69 67.44 -35.44
C LEU D 324 14.14 67.54 -34.03
N LYS D 325 13.61 68.71 -33.64
CA LYS D 325 13.19 68.92 -32.26
C LYS D 325 12.18 67.85 -31.82
N ASN D 326 11.19 67.58 -32.67
CA ASN D 326 10.19 66.57 -32.32
C ASN D 326 10.83 65.22 -32.11
N ALA D 327 11.82 64.87 -32.94
CA ALA D 327 12.50 63.59 -32.80
C ALA D 327 13.08 63.43 -31.39
N VAL D 328 13.50 64.53 -30.77
CA VAL D 328 13.98 64.44 -29.40
C VAL D 328 12.81 64.18 -28.45
N LYS D 329 11.75 64.99 -28.57
CA LYS D 329 10.62 64.84 -27.66
C LYS D 329 10.03 63.44 -27.71
N ASN D 330 9.83 62.94 -28.91
CA ASN D 330 9.34 61.57 -29.07
C ASN D 330 10.21 60.61 -28.28
N TYR D 331 11.54 60.73 -28.43
CA TYR D 331 12.42 59.83 -27.72
C TYR D 331 12.30 59.99 -26.21
N ASP D 332 11.97 61.20 -25.74
CA ASP D 332 11.72 61.37 -24.32
C ASP D 332 10.40 60.73 -23.92
N GLY D 333 9.38 60.85 -24.77
CA GLY D 333 8.11 60.23 -24.48
C GLY D 333 8.24 58.74 -24.27
N GLU D 335 10.82 57.23 -23.33
CA GLU D 335 11.52 57.02 -22.08
C GLU D 335 10.58 57.17 -20.88
N THR D 336 9.59 58.04 -20.99
CA THR D 336 8.60 58.17 -19.92
C THR D 336 7.81 56.88 -19.77
N THR D 337 7.11 56.48 -20.84
CA THR D 337 6.27 55.29 -20.78
C THR D 337 7.07 54.08 -20.33
N ARG D 338 8.26 53.89 -20.91
CA ARG D 338 9.12 52.78 -20.53
C ARG D 338 9.35 52.78 -19.03
N ASN D 339 9.75 53.94 -18.48
CA ASN D 339 9.99 54.01 -17.04
C ASN D 339 8.76 53.56 -16.27
N ILE D 340 7.59 54.05 -16.68
CA ILE D 340 6.34 53.62 -16.06
C ILE D 340 6.27 52.09 -16.07
N SER D 341 6.39 51.51 -17.27
CA SER D 341 6.35 50.06 -17.40
C SER D 341 7.27 49.42 -16.38
N GLN D 342 8.53 49.88 -16.33
CA GLN D 342 9.52 49.26 -15.47
C GLN D 342 9.02 49.21 -14.04
N ARG D 343 8.60 50.38 -13.51
CA ARG D 343 8.12 50.43 -12.13
C ARG D 343 7.05 49.38 -11.90
N ASP D 344 6.03 49.35 -12.77
CA ASP D 344 4.93 48.41 -12.59
C ASP D 344 5.45 46.99 -12.51
N ILE D 345 6.32 46.60 -13.44
CA ILE D 345 6.84 45.24 -13.43
C ILE D 345 7.61 44.99 -12.14
N GLU D 346 8.45 45.96 -11.74
CA GLU D 346 9.20 45.82 -10.51
C GLU D 346 8.28 45.67 -9.32
N GLU D 347 7.08 46.25 -9.39
CA GLU D 347 6.12 46.08 -8.30
C GLU D 347 5.64 44.63 -8.24
N LYS D 348 5.25 44.07 -9.39
CA LYS D 348 4.67 42.73 -9.38
C LYS D 348 5.68 41.70 -8.89
N ILE D 349 6.95 41.85 -9.30
CA ILE D 349 8.00 40.98 -8.80
C ILE D 349 8.03 41.01 -7.28
N LYS D 350 7.94 42.21 -6.71
CA LYS D 350 7.93 42.34 -5.25
C LYS D 350 6.83 41.47 -4.64
N ILE D 351 5.64 41.49 -5.26
CA ILE D 351 4.54 40.66 -4.78
C ILE D 351 4.95 39.19 -4.77
N SER D 352 5.49 38.72 -5.90
CA SER D 352 6.01 37.36 -5.96
C SER D 352 6.99 37.10 -4.84
N ASP D 353 7.92 38.04 -4.62
CA ASP D 353 8.93 37.85 -3.60
C ASP D 353 8.30 37.81 -2.22
N ALA D 354 7.20 38.54 -2.01
CA ALA D 354 6.52 38.46 -0.72
C ALA D 354 5.97 37.06 -0.48
N ILE D 355 5.53 36.39 -1.54
CA ILE D 355 5.00 35.05 -1.41
C ILE D 355 6.13 34.03 -1.23
N LEU D 356 7.15 34.12 -2.07
CA LEU D 356 8.26 33.16 -2.02
C LEU D 356 9.03 33.22 -0.71
N GLU D 357 9.06 34.39 -0.07
CA GLU D 357 9.83 34.57 1.17
C GLU D 357 9.05 34.21 2.43
N SER D 358 7.79 33.79 2.30
CA SER D 358 6.95 33.42 3.43
C SER D 358 7.03 31.91 3.62
N SER D 359 7.66 31.48 4.70
CA SER D 359 7.76 30.04 4.97
C SER D 359 6.38 29.44 5.23
N ILE D 360 5.51 30.18 5.92
CA ILE D 360 4.14 29.71 6.16
C ILE D 360 3.46 29.41 4.84
N ALA D 361 3.49 30.36 3.90
CA ALA D 361 2.77 30.18 2.64
C ALA D 361 3.44 29.12 1.77
N ALA D 363 5.60 26.43 2.71
CA ALA D 363 5.43 25.10 3.29
C ALA D 363 4.04 24.54 2.97
N THR D 364 3.00 25.33 3.22
CA THR D 364 1.64 24.90 2.90
C THR D 364 1.53 24.52 1.43
N PHE D 365 1.99 25.40 0.53
CA PHE D 365 1.93 25.09 -0.89
C PHE D 365 2.76 23.86 -1.22
N ALA D 366 3.82 23.61 -0.46
CA ALA D 366 4.66 22.45 -0.72
C ALA D 366 3.96 21.14 -0.37
N ASN D 367 2.88 21.19 0.42
CA ASN D 367 2.13 20.00 0.78
C ASN D 367 0.76 19.96 0.12
N ASN D 368 0.57 20.74 -0.94
CA ASN D 368 -0.63 20.71 -1.77
C ASN D 368 -0.29 20.04 -3.08
N SER D 369 -0.96 18.93 -3.39
CA SER D 369 -0.55 18.12 -4.53
C SER D 369 -0.88 18.80 -5.85
N ILE D 370 -1.95 19.58 -5.91
CA ILE D 370 -2.27 20.32 -7.13
C ILE D 370 -1.17 21.32 -7.45
N ILE D 371 -0.74 22.09 -6.44
CA ILE D 371 0.28 23.10 -6.66
C ILE D 371 1.62 22.45 -7.00
N VAL D 372 1.95 21.33 -6.35
CA VAL D 372 3.21 20.65 -6.65
C VAL D 372 3.19 20.07 -8.06
N ASN D 373 2.05 19.54 -8.49
CA ASN D 373 1.94 19.06 -9.87
C ASN D 373 2.08 20.22 -10.86
N LYS D 374 1.55 21.39 -10.51
CA LYS D 374 1.79 22.56 -11.34
C LYS D 374 3.27 22.92 -11.39
N VAL D 375 3.95 22.86 -10.25
CA VAL D 375 5.39 23.10 -10.21
C VAL D 375 6.12 22.15 -11.15
N GLY D 376 5.65 20.89 -11.20
CA GLY D 376 6.28 19.92 -12.09
C GLY D 376 5.96 20.13 -13.55
N ASP D 377 4.75 20.62 -13.84
CA ASP D 377 4.27 20.68 -15.22
C ASP D 377 4.56 22.01 -15.92
N ARG D 378 4.59 23.12 -15.19
CA ARG D 378 4.69 24.44 -15.79
C ARG D 378 6.14 24.92 -15.78
N VAL D 379 6.69 25.15 -16.98
CA VAL D 379 7.96 25.85 -17.09
C VAL D 379 7.86 27.21 -16.43
N GLY D 380 8.84 27.53 -15.59
CA GLY D 380 8.97 28.84 -14.97
C GLY D 380 8.70 28.83 -13.48
N ILE D 381 7.81 27.95 -13.01
CA ILE D 381 7.48 27.93 -11.58
C ILE D 381 8.67 27.46 -10.76
N ILE D 382 9.35 26.41 -11.21
CA ILE D 382 10.45 25.86 -10.41
C ILE D 382 11.65 26.83 -10.39
N GLU D 383 11.86 27.58 -11.47
CA GLU D 383 12.90 28.61 -11.43
C GLU D 383 12.58 29.69 -10.41
N SER D 384 11.32 30.16 -10.42
CA SER D 384 10.90 31.14 -9.42
C SER D 384 11.10 30.60 -8.00
N ILE D 385 10.74 29.33 -7.77
CA ILE D 385 10.93 28.73 -6.45
C ILE D 385 12.41 28.68 -6.10
N PHE D 386 13.27 28.37 -7.07
CA PHE D 386 14.71 28.36 -6.83
C PHE D 386 15.28 29.75 -6.58
N SER D 387 14.57 30.81 -7.00
CA SER D 387 15.10 32.16 -6.86
C SER D 387 15.13 32.66 -5.43
N LYS D 388 14.56 31.93 -4.47
CA LYS D 388 14.55 32.36 -3.08
C LYS D 388 14.86 31.19 -2.16
N THR D 389 15.59 31.48 -1.07
CA THR D 389 15.98 30.44 -0.13
C THR D 389 14.77 29.79 0.54
N VAL D 390 13.84 30.62 1.03
CA VAL D 390 12.68 30.09 1.75
C VAL D 390 11.87 29.16 0.87
N SER D 391 11.50 29.62 -0.33
CA SER D 391 10.68 28.81 -1.23
C SER D 391 11.43 27.56 -1.67
N LEU D 392 12.74 27.67 -1.90
CA LEU D 392 13.53 26.51 -2.28
C LEU D 392 13.52 25.45 -1.18
N ASN D 393 13.83 25.84 0.05
CA ASN D 393 13.88 24.88 1.14
C ASN D 393 12.51 24.29 1.42
N ALA D 394 11.45 25.10 1.30
CA ALA D 394 10.11 24.61 1.56
C ALA D 394 9.74 23.44 0.65
N PHE D 395 10.09 23.54 -0.64
CA PHE D 395 9.70 22.49 -1.59
C PHE D 395 10.69 21.32 -1.58
N LYS D 397 12.49 20.22 0.89
CA LYS D 397 12.42 19.49 2.15
C LYS D 397 11.02 18.95 2.44
N SER D 398 10.06 19.17 1.55
CA SER D 398 8.74 18.57 1.67
C SER D 398 8.79 17.18 1.04
N THR D 399 8.63 16.14 1.86
CA THR D 399 8.63 14.78 1.34
C THR D 399 7.47 14.53 0.40
N THR D 400 6.33 15.19 0.63
CA THR D 400 5.22 15.13 -0.32
C THR D 400 5.61 15.70 -1.68
N ALA D 401 6.19 16.90 -1.68
CA ALA D 401 6.57 17.54 -2.93
C ALA D 401 7.59 16.71 -3.69
N ILE D 402 8.59 16.17 -3.00
CA ILE D 402 9.59 15.33 -3.65
C ILE D 402 8.95 14.05 -4.18
N ASN D 403 8.04 13.47 -3.39
CA ASN D 403 7.35 12.26 -3.81
C ASN D 403 6.57 12.48 -5.10
N ILE D 404 6.09 13.70 -5.32
CA ILE D 404 5.44 14.00 -6.59
C ILE D 404 6.47 14.30 -7.68
N LEU D 405 7.49 15.10 -7.35
CA LEU D 405 8.42 15.63 -8.36
C LEU D 405 9.38 14.58 -8.90
N VAL D 406 9.62 13.48 -8.18
CA VAL D 406 10.53 12.47 -8.69
C VAL D 406 10.01 11.84 -9.97
N ASN D 407 8.73 12.01 -10.28
CA ASN D 407 8.13 11.48 -11.50
C ASN D 407 8.06 12.52 -12.62
N LYS D 408 8.57 13.73 -12.39
CA LYS D 408 8.54 14.83 -13.37
C LYS D 408 9.95 14.98 -13.93
N THR D 409 10.18 14.41 -15.11
CA THR D 409 11.54 14.27 -15.62
C THR D 409 12.23 15.63 -15.80
N THR D 410 11.53 16.59 -16.43
CA THR D 410 12.13 17.90 -16.66
C THR D 410 12.41 18.62 -15.34
N ALA D 411 11.40 18.71 -14.47
CA ALA D 411 11.57 19.39 -13.19
C ALA D 411 12.64 18.72 -12.35
N PHE D 412 12.67 17.39 -12.30
CA PHE D 412 13.67 16.73 -11.48
C PHE D 412 15.08 16.87 -12.07
N THR D 413 15.20 16.89 -13.40
CA THR D 413 16.49 17.20 -14.01
C THR D 413 16.95 18.60 -13.62
N LYS D 414 16.02 19.56 -13.60
CA LYS D 414 16.36 20.91 -13.16
C LYS D 414 16.82 20.91 -11.71
N ILE D 415 16.15 20.12 -10.86
CA ILE D 415 16.58 20.00 -9.46
C ILE D 415 17.99 19.42 -9.39
N ALA D 416 18.25 18.37 -10.16
CA ALA D 416 19.57 17.73 -10.13
C ALA D 416 20.66 18.65 -10.63
N ASN D 417 20.33 19.58 -11.54
CA ASN D 417 21.33 20.51 -12.05
C ASN D 417 21.54 21.71 -11.14
N ASN D 418 20.57 22.05 -10.31
CA ASN D 418 20.72 23.14 -9.34
C ASN D 418 21.35 22.55 -8.07
N SER D 419 22.63 22.83 -7.86
CA SER D 419 23.35 22.26 -6.72
C SER D 419 22.69 22.61 -5.40
N THR D 420 22.22 23.85 -5.26
CA THR D 420 21.62 24.29 -4.01
C THR D 420 20.34 23.52 -3.71
N ALA D 421 19.45 23.41 -4.70
CA ALA D 421 18.20 22.68 -4.50
C ALA D 421 18.46 21.20 -4.24
N PHE D 422 19.41 20.61 -4.98
CA PHE D 422 19.77 19.21 -4.77
C PHE D 422 20.27 18.97 -3.34
N ASN D 423 21.21 19.80 -2.89
CA ASN D 423 21.74 19.65 -1.53
C ASN D 423 20.64 19.86 -0.49
N ALA D 424 19.73 20.82 -0.72
CA ALA D 424 18.62 21.00 0.20
C ALA D 424 17.73 19.78 0.26
N LEU D 426 18.57 16.67 -0.33
CA LEU D 426 19.23 15.52 0.29
C LEU D 426 19.38 15.67 1.80
N THR D 427 19.03 16.81 2.39
CA THR D 427 19.08 16.93 3.85
C THR D 427 18.01 16.10 4.55
N ILE D 428 17.00 15.62 3.82
CA ILE D 428 15.91 14.85 4.39
C ILE D 428 16.10 13.38 3.98
N SER D 429 16.27 12.51 4.99
CA SER D 429 16.52 11.09 4.73
C SER D 429 15.38 10.47 3.92
N GLU D 430 14.14 10.71 4.33
CA GLU D 430 13.00 10.13 3.62
C GLU D 430 13.01 10.51 2.15
N ASN D 431 13.52 11.70 1.81
CA ASN D 431 13.69 12.05 0.40
C ASN D 431 14.68 11.12 -0.28
N ASN D 432 15.77 10.76 0.40
CA ASN D 432 16.71 9.79 -0.15
C ASN D 432 16.01 8.47 -0.40
N VAL D 433 15.16 8.03 0.53
CA VAL D 433 14.43 6.77 0.34
C VAL D 433 13.50 6.87 -0.87
N THR D 434 12.75 7.98 -0.96
CA THR D 434 11.85 8.18 -2.10
C THR D 434 12.59 8.15 -3.43
N ILE D 435 13.76 8.81 -3.49
CA ILE D 435 14.54 8.82 -4.72
C ILE D 435 15.04 7.42 -5.06
N ALA D 436 15.59 6.71 -4.07
CA ALA D 436 16.20 5.40 -4.33
C ALA D 436 15.23 4.44 -5.00
N ASN D 437 13.95 4.50 -4.64
CA ASN D 437 12.94 3.58 -5.15
C ASN D 437 12.30 4.05 -6.45
N ASN D 438 12.78 5.15 -7.03
CA ASN D 438 12.24 5.70 -8.27
C ASN D 438 13.25 5.49 -9.38
N THR D 439 12.87 4.70 -10.39
CA THR D 439 13.78 4.40 -11.49
C THR D 439 14.15 5.64 -12.28
N THR D 440 13.15 6.49 -12.57
CA THR D 440 13.41 7.70 -13.34
C THR D 440 14.42 8.60 -12.63
N ALA D 441 14.12 8.99 -11.40
CA ALA D 441 14.98 9.90 -10.65
C ALA D 441 16.40 9.35 -10.56
N GLY D 443 17.78 7.29 -12.46
CA GLY D 443 18.38 7.35 -13.78
C GLY D 443 18.98 8.71 -14.08
N ILE D 444 18.28 9.77 -13.67
CA ILE D 444 18.78 11.12 -13.88
C ILE D 444 20.04 11.36 -13.05
N ILE D 445 19.97 11.04 -11.76
CA ILE D 445 21.08 11.33 -10.85
C ILE D 445 22.32 10.53 -11.23
N ALA D 446 22.15 9.25 -11.54
CA ALA D 446 23.30 8.39 -11.80
C ALA D 446 24.09 8.83 -13.03
N ASN D 447 23.44 9.50 -13.98
CA ASN D 447 24.09 9.97 -15.19
C ASN D 447 24.34 11.47 -15.15
N ASN D 448 24.47 12.04 -13.95
CA ASN D 448 24.74 13.46 -13.77
C ASN D 448 25.99 13.57 -12.91
N ALA D 449 27.11 13.95 -13.53
CA ALA D 449 28.39 13.94 -12.83
C ALA D 449 28.38 14.86 -11.62
N GLN D 450 27.71 16.01 -11.71
CA GLN D 450 27.64 16.91 -10.57
C GLN D 450 26.85 16.28 -9.43
N ALA D 451 25.63 15.82 -9.71
CA ALA D 451 24.79 15.24 -8.67
C ALA D 451 25.46 14.05 -8.01
N SER D 453 28.47 13.54 -7.74
CA SER D 453 29.55 14.04 -6.89
C SER D 453 29.01 14.45 -5.52
N THR D 454 27.86 15.12 -5.49
CA THR D 454 27.24 15.47 -4.23
C THR D 454 26.81 14.23 -3.45
N VAL D 455 26.23 13.25 -4.15
CA VAL D 455 25.75 12.03 -3.50
C VAL D 455 26.91 11.27 -2.87
N ALA D 456 28.00 11.10 -3.62
CA ALA D 456 29.13 10.30 -3.15
C ALA D 456 29.75 10.87 -1.88
N ASN D 457 29.61 12.17 -1.63
CA ASN D 457 30.16 12.80 -0.44
C ASN D 457 29.10 13.05 0.63
N ASN D 458 27.88 12.53 0.45
CA ASN D 458 26.81 12.65 1.42
C ASN D 458 26.56 11.25 1.99
N ASP D 459 26.98 11.05 3.25
CA ASP D 459 26.91 9.73 3.87
C ASP D 459 25.52 9.14 3.79
N THR D 460 24.49 9.91 4.16
CA THR D 460 23.13 9.39 4.20
C THR D 460 22.66 8.98 2.81
N SER D 461 22.86 9.84 1.82
CA SER D 461 22.37 9.58 0.47
C SER D 461 23.02 8.34 -0.12
N ILE D 462 24.35 8.27 -0.08
CA ILE D 462 25.04 7.12 -0.67
C ILE D 462 24.76 5.85 0.11
N SER D 463 24.61 5.95 1.43
CA SER D 463 24.29 4.77 2.24
C SER D 463 22.92 4.22 1.89
N VAL D 464 21.94 5.10 1.70
CA VAL D 464 20.62 4.64 1.27
C VAL D 464 20.69 4.05 -0.13
N PHE D 465 21.43 4.70 -1.03
CA PHE D 465 21.44 4.28 -2.44
C PHE D 465 22.08 2.90 -2.60
N VAL D 466 23.26 2.70 -2.01
CA VAL D 466 23.98 1.45 -2.23
C VAL D 466 23.36 0.26 -1.51
N ASN D 467 22.45 0.48 -0.58
CA ASN D 467 21.74 -0.59 0.10
C ASN D 467 20.32 -0.80 -0.43
N ASN D 468 19.99 -0.20 -1.58
CA ASN D 468 18.68 -0.35 -2.19
C ASN D 468 18.86 -1.03 -3.54
N THR D 469 18.14 -2.14 -3.75
CA THR D 469 18.38 -2.97 -4.93
C THR D 469 18.07 -2.22 -6.22
N THR D 470 17.10 -1.30 -6.18
CA THR D 470 16.77 -0.53 -7.38
C THR D 470 17.88 0.47 -7.69
N ALA D 471 18.13 1.41 -6.76
CA ALA D 471 19.16 2.43 -6.97
C ALA D 471 20.51 1.79 -7.29
N GLY D 473 21.07 -1.03 -8.41
CA GLY D 473 20.99 -1.66 -9.71
C GLY D 473 21.27 -0.69 -10.84
N ILE D 474 20.79 0.54 -10.71
CA ILE D 474 21.02 1.55 -11.74
C ILE D 474 22.45 2.06 -11.68
N ILE D 475 22.95 2.32 -10.46
CA ILE D 475 24.31 2.80 -10.29
C ILE D 475 25.31 1.86 -10.94
N ALA D 476 25.13 0.55 -10.77
CA ALA D 476 26.05 -0.43 -11.33
C ALA D 476 26.08 -0.38 -12.86
N ASN D 477 25.03 0.14 -13.49
CA ASN D 477 24.97 0.26 -14.95
C ASN D 477 25.34 1.65 -15.44
N SER D 478 25.74 2.56 -14.55
CA SER D 478 26.10 3.92 -14.91
C SER D 478 27.60 4.09 -14.71
N SER D 479 28.32 4.31 -15.82
CA SER D 479 29.77 4.50 -15.73
C SER D 479 30.12 5.80 -15.02
N THR D 480 29.26 6.81 -15.12
CA THR D 480 29.46 8.05 -14.37
C THR D 480 29.46 7.76 -12.87
N ALA D 481 28.33 7.26 -12.36
CA ALA D 481 28.16 7.06 -10.93
C ALA D 481 29.30 6.22 -10.35
N THR D 483 32.23 5.66 -11.43
CA THR D 483 33.46 6.44 -11.41
C THR D 483 33.54 7.28 -10.15
N LYS D 484 32.55 8.15 -9.94
CA LYS D 484 32.54 8.98 -8.75
C LYS D 484 32.70 8.14 -7.50
N ILE D 485 31.90 7.08 -7.39
CA ILE D 485 31.92 6.25 -6.19
C ILE D 485 33.28 5.60 -6.02
N THR D 486 33.89 5.16 -7.13
CA THR D 486 35.17 4.48 -6.99
C THR D 486 36.31 5.46 -6.71
N LEU D 487 36.07 6.77 -6.79
CA LEU D 487 37.08 7.77 -6.49
C LEU D 487 36.85 8.48 -5.17
N THR D 488 35.80 8.10 -4.43
CA THR D 488 35.46 8.73 -3.15
C THR D 488 35.58 7.69 -2.05
N GLY D 489 36.40 8.00 -1.03
CA GLY D 489 36.58 7.07 0.07
C GLY D 489 35.28 6.72 0.77
N LEU D 490 34.50 7.74 1.12
CA LEU D 490 33.23 7.52 1.83
C LEU D 490 32.30 6.61 1.02
N ALA D 491 32.04 6.96 -0.23
CA ALA D 491 31.10 6.19 -1.05
C ALA D 491 31.59 4.77 -1.28
N LEU D 492 32.88 4.60 -1.58
CA LEU D 492 33.42 3.27 -1.80
C LEU D 492 33.33 2.43 -0.54
N ASN D 493 33.61 3.04 0.62
CA ASN D 493 33.43 2.36 1.91
C ASN D 493 32.00 1.85 2.06
N ARG D 494 31.03 2.76 1.92
CA ARG D 494 29.63 2.39 2.12
C ARG D 494 29.19 1.31 1.12
N VAL D 496 31.13 -0.95 -0.39
CA VAL D 496 31.78 -2.22 -0.05
C VAL D 496 31.05 -2.89 1.10
N LYS D 497 30.66 -2.12 2.11
CA LYS D 497 29.97 -2.73 3.25
C LYS D 497 28.59 -3.25 2.87
N SER D 498 27.96 -2.69 1.84
CA SER D 498 26.62 -3.10 1.45
C SER D 498 26.64 -4.50 0.87
N ASN D 499 25.81 -5.39 1.43
CA ASN D 499 25.67 -6.73 0.87
C ASN D 499 24.91 -6.70 -0.46
N THR D 500 23.93 -5.80 -0.57
CA THR D 500 23.24 -5.61 -1.85
C THR D 500 24.23 -5.25 -2.95
N ALA D 501 25.10 -4.26 -2.68
CA ALA D 501 26.06 -3.83 -3.67
C ALA D 501 27.06 -4.93 -4.00
N LYS D 502 27.55 -5.64 -2.98
CA LYS D 502 28.46 -6.75 -3.23
C LYS D 502 27.83 -7.80 -4.13
N SER D 503 26.58 -8.17 -3.85
CA SER D 503 25.90 -9.16 -4.69
C SER D 503 25.79 -8.68 -6.13
N ILE D 504 25.27 -7.45 -6.31
CA ILE D 504 25.09 -6.93 -7.66
C ILE D 504 26.42 -6.86 -8.41
N LEU D 505 27.46 -6.36 -7.75
CA LEU D 505 28.75 -6.15 -8.42
C LEU D 505 29.44 -7.48 -8.74
N ILE D 506 29.35 -8.47 -7.85
CA ILE D 506 29.99 -9.74 -8.17
C ILE D 506 29.21 -10.45 -9.26
N SER D 507 27.90 -10.23 -9.35
CA SER D 507 27.17 -10.73 -10.51
C SER D 507 27.56 -10.01 -11.80
N LYS D 508 28.18 -8.83 -11.69
CA LYS D 508 28.68 -8.08 -12.82
C LYS D 508 30.20 -7.91 -12.72
N ASN D 509 30.93 -9.02 -12.61
CA ASN D 509 32.35 -8.96 -12.25
C ASN D 509 33.16 -8.09 -13.21
N SER D 510 32.88 -8.16 -14.51
CA SER D 510 33.64 -7.36 -15.47
C SER D 510 33.45 -5.87 -15.23
N THR D 511 32.21 -5.46 -14.94
CA THR D 511 31.94 -4.07 -14.57
C THR D 511 32.75 -3.67 -13.35
N LEU D 512 32.80 -4.53 -12.34
CA LEU D 512 33.62 -4.27 -11.15
C LEU D 512 35.09 -4.07 -11.51
N GLN D 513 35.66 -5.02 -12.26
CA GLN D 513 37.08 -4.97 -12.58
C GLN D 513 37.44 -3.80 -13.48
N THR D 514 36.46 -3.25 -14.21
CA THR D 514 36.72 -2.02 -14.97
C THR D 514 37.33 -0.93 -14.11
N TYR D 515 36.96 -0.85 -12.83
CA TYR D 515 37.35 0.25 -11.95
C TYR D 515 38.40 -0.18 -10.92
N LYS D 516 39.22 -1.18 -11.27
CA LYS D 516 40.19 -1.72 -10.32
C LYS D 516 41.21 -0.68 -9.89
N ASN D 517 41.64 0.18 -10.82
CA ASN D 517 42.65 1.18 -10.48
C ASN D 517 42.08 2.27 -9.59
N ASN D 518 40.89 2.77 -9.93
CA ASN D 518 40.18 3.70 -9.06
C ASN D 518 40.04 3.12 -7.66
N ILE D 519 39.65 1.85 -7.56
CA ILE D 519 39.41 1.24 -6.25
C ILE D 519 40.72 1.13 -5.46
N GLN D 520 41.78 0.64 -6.10
CA GLN D 520 43.08 0.54 -5.44
C GLN D 520 43.55 1.90 -4.94
N ASN D 521 43.49 2.92 -5.80
CA ASN D 521 43.97 4.24 -5.42
C ASN D 521 43.14 4.83 -4.29
N THR D 522 41.82 4.67 -4.35
CA THR D 522 40.97 5.22 -3.31
C THR D 522 41.18 4.51 -1.98
N ILE D 523 41.37 3.18 -2.02
CA ILE D 523 41.59 2.44 -0.78
C ILE D 523 42.92 2.84 -0.15
N GLN D 524 43.99 2.82 -0.93
CA GLN D 524 45.30 3.13 -0.36
C GLN D 524 45.42 4.59 0.06
N GLY D 525 44.75 5.49 -0.65
CA GLY D 525 44.82 6.91 -0.34
C GLY D 525 44.01 7.34 0.86
N SER D 526 42.79 6.82 0.99
CA SER D 526 41.84 7.28 1.98
C SER D 526 41.94 6.41 3.23
N THR D 527 42.93 6.74 4.07
CA THR D 527 43.10 6.03 5.33
C THR D 527 42.02 6.37 6.34
N ALA D 528 41.28 7.45 6.13
CA ALA D 528 40.14 7.76 6.98
C ALA D 528 39.05 6.70 6.88
N TYR D 529 38.92 6.06 5.71
CA TYR D 529 37.82 5.14 5.45
C TYR D 529 38.25 3.70 5.21
N PHE D 530 39.54 3.43 5.05
CA PHE D 530 40.02 2.07 4.83
C PHE D 530 41.28 1.84 5.64
N ARG D 531 41.42 0.61 6.16
CA ARG D 531 42.62 0.20 6.88
C ARG D 531 43.17 -1.07 6.24
N THR D 532 44.47 -1.28 6.40
CA THR D 532 45.14 -2.44 5.84
C THR D 532 45.07 -3.60 6.83
N ILE D 533 44.53 -4.73 6.39
CA ILE D 533 44.59 -5.97 7.16
C ILE D 533 45.87 -6.74 6.84
N THR D 534 46.23 -6.80 5.56
CA THR D 534 47.43 -7.49 5.12
C THR D 534 48.07 -6.67 4.01
N GLY D 535 49.29 -6.17 4.27
CA GLY D 535 50.05 -5.55 3.21
C GLY D 535 50.39 -6.53 2.10
N PHE D 536 50.75 -5.97 0.94
CA PHE D 536 51.09 -6.80 -0.22
C PHE D 536 52.16 -7.82 0.14
N ALA D 537 51.93 -9.07 -0.26
CA ALA D 537 52.85 -10.15 0.05
C ALA D 537 52.82 -11.15 -1.09
N ASP D 538 53.98 -11.76 -1.35
CA ASP D 538 54.12 -12.77 -2.38
C ASP D 538 53.73 -14.14 -1.81
N ALA D 539 53.29 -15.03 -2.69
CA ALA D 539 52.81 -16.34 -2.26
C ALA D 539 52.96 -17.33 -3.40
N ASP D 540 53.71 -18.41 -3.16
CA ASP D 540 53.80 -19.51 -4.10
C ASP D 540 52.59 -20.44 -3.96
N ASP D 541 52.26 -20.81 -2.73
CA ASP D 541 51.11 -21.66 -2.44
C ASP D 541 49.90 -20.82 -2.07
N ASN D 542 48.72 -21.43 -2.17
CA ASN D 542 47.46 -20.75 -1.92
C ASN D 542 47.40 -20.16 -0.52
N PRO D 543 47.23 -18.84 -0.38
CA PRO D 543 46.97 -18.26 0.94
C PRO D 543 45.65 -18.76 1.50
N PRO D 544 45.49 -18.74 2.83
CA PRO D 544 44.22 -19.17 3.42
C PRO D 544 43.13 -18.15 3.12
N GLN D 545 41.95 -18.65 2.71
CA GLN D 545 40.84 -17.77 2.41
C GLN D 545 40.36 -17.05 3.66
N THR D 546 39.88 -15.82 3.47
CA THR D 546 39.28 -15.03 4.53
C THR D 546 37.94 -14.49 4.03
N ILE D 547 36.92 -14.56 4.89
CA ILE D 547 35.58 -14.10 4.55
C ILE D 547 35.15 -13.07 5.57
N ASN D 548 34.90 -11.85 5.11
CA ASN D 548 34.37 -10.77 5.96
C ASN D 548 33.71 -9.75 5.04
N SER D 549 32.44 -9.45 5.30
CA SER D 549 31.66 -8.64 4.38
C SER D 549 32.10 -7.18 4.33
N THR D 550 33.11 -6.78 5.10
CA THR D 550 33.67 -5.44 5.04
C THR D 550 35.06 -5.43 4.42
N TYR D 551 35.51 -6.57 3.89
CA TYR D 551 36.87 -6.70 3.37
C TYR D 551 36.90 -6.43 1.86
N VAL D 552 38.03 -5.88 1.42
CA VAL D 552 38.33 -5.73 0.00
C VAL D 552 39.74 -6.24 -0.24
N GLY D 553 39.89 -7.16 -1.20
CA GLY D 553 41.18 -7.73 -1.53
C GLY D 553 41.65 -7.24 -2.89
N ILE D 554 42.96 -7.07 -3.03
CA ILE D 554 43.60 -6.75 -4.29
C ILE D 554 44.64 -7.82 -4.54
N THR D 555 44.53 -8.51 -5.68
CA THR D 555 45.31 -9.72 -5.90
C THR D 555 45.90 -9.71 -7.30
N TYR D 556 47.23 -9.71 -7.39
CA TYR D 556 47.94 -9.98 -8.63
C TYR D 556 48.09 -11.49 -8.78
N CYS D 557 47.63 -12.02 -9.91
CA CYS D 557 47.72 -13.44 -10.22
C CYS D 557 48.62 -13.62 -11.44
N TYR D 558 49.60 -14.50 -11.32
CA TYR D 558 50.50 -14.75 -12.45
C TYR D 558 51.15 -16.11 -12.26
N GLY D 559 52.13 -16.43 -13.10
CA GLY D 559 52.81 -17.69 -13.01
C GLY D 559 54.08 -17.64 -12.17
N TYR D 560 54.48 -18.82 -11.71
CA TYR D 560 55.75 -18.94 -11.00
C TYR D 560 56.91 -18.65 -11.94
N LYS D 561 57.76 -17.70 -11.54
CA LYS D 561 58.89 -17.25 -12.35
C LYS D 561 58.47 -16.91 -13.78
N GLY D 562 57.23 -16.45 -13.94
CA GLY D 562 56.72 -16.06 -15.24
C GLY D 562 56.30 -17.18 -16.15
N ASN D 563 56.05 -18.39 -15.62
CA ASN D 563 55.61 -19.48 -16.47
C ASN D 563 54.17 -19.25 -16.93
N SER D 564 53.63 -20.22 -17.66
CA SER D 564 52.31 -20.11 -18.26
C SER D 564 51.20 -20.71 -17.39
N TYR D 565 51.46 -20.91 -16.10
CA TYR D 565 50.45 -21.47 -15.20
C TYR D 565 49.75 -20.35 -14.42
N TYR D 566 48.54 -20.64 -13.98
CA TYR D 566 47.59 -19.61 -13.58
C TYR D 566 47.41 -19.53 -12.07
N GLY D 567 47.38 -18.30 -11.56
CA GLY D 567 46.78 -17.99 -10.27
C GLY D 567 45.35 -17.50 -10.48
N ILE D 568 44.46 -17.90 -9.56
CA ILE D 568 43.04 -17.61 -9.66
C ILE D 568 42.56 -17.06 -8.32
N VAL D 569 41.73 -16.02 -8.36
CA VAL D 569 41.17 -15.41 -7.16
C VAL D 569 39.67 -15.27 -7.32
N TYR D 570 38.94 -15.60 -6.24
CA TYR D 570 37.49 -15.59 -6.14
C TYR D 570 37.07 -14.64 -5.02
N HIS D 571 35.87 -14.08 -5.14
CA HIS D 571 35.35 -13.16 -4.14
C HIS D 571 35.07 -13.87 -2.82
N GLY D 572 35.24 -13.13 -1.72
CA GLY D 572 34.94 -13.69 -0.41
C GLY D 572 33.45 -13.82 -0.15
N TYR D 573 32.66 -12.84 -0.63
CA TYR D 573 31.22 -12.87 -0.39
C TYR D 573 30.53 -14.04 -1.10
N ASN D 574 31.17 -14.60 -2.13
CA ASN D 574 30.71 -15.83 -2.77
C ASN D 574 31.95 -16.49 -3.37
N THR D 575 32.52 -17.45 -2.63
CA THR D 575 33.81 -18.03 -2.99
C THR D 575 33.74 -18.91 -4.23
N SER D 576 32.59 -19.02 -4.88
CA SER D 576 32.49 -19.77 -6.13
C SER D 576 32.55 -18.88 -7.36
N ILE D 577 32.51 -17.56 -7.19
CA ILE D 577 32.53 -16.62 -8.30
C ILE D 577 33.97 -16.14 -8.49
N GLU D 578 34.53 -16.41 -9.66
CA GLU D 578 35.90 -16.01 -9.95
C GLU D 578 35.98 -14.50 -10.16
N ALA D 579 36.89 -13.86 -9.45
CA ALA D 579 37.20 -12.45 -9.72
C ALA D 579 38.22 -12.32 -10.83
N GLY D 580 39.18 -13.22 -10.91
CA GLY D 580 40.12 -13.15 -12.03
C GLY D 580 41.15 -14.25 -11.97
N ARG D 581 41.97 -14.30 -13.02
CA ARG D 581 43.08 -15.23 -13.09
C ARG D 581 44.17 -14.64 -13.97
N GLY D 582 45.36 -15.23 -13.88
CA GLY D 582 46.48 -14.78 -14.68
C GLY D 582 47.68 -15.69 -14.68
N ASN D 583 48.42 -15.71 -15.80
CA ASN D 583 49.71 -16.38 -15.87
C ASN D 583 50.81 -15.39 -16.27
N GLY D 584 51.96 -15.92 -16.69
CA GLY D 584 53.03 -15.03 -17.13
C GLY D 584 53.64 -14.28 -15.97
N TYR D 585 54.04 -13.05 -16.23
CA TYR D 585 54.67 -12.18 -15.24
C TYR D 585 53.65 -11.25 -14.59
N LYS D 586 53.99 -10.81 -13.39
CA LYS D 586 53.18 -9.82 -12.68
C LYS D 586 52.90 -8.61 -13.57
N ASP D 587 51.67 -8.11 -13.50
CA ASP D 587 51.21 -7.14 -14.48
C ASP D 587 49.97 -6.43 -13.93
N GLU D 588 49.83 -5.16 -14.30
CA GLU D 588 48.69 -4.36 -13.83
C GLU D 588 47.37 -4.81 -14.43
N THR D 589 47.39 -5.49 -15.58
CA THR D 589 46.17 -6.03 -16.15
C THR D 589 45.74 -7.33 -15.49
N LYS D 590 46.67 -8.03 -14.83
CA LYS D 590 46.36 -9.27 -14.12
C LYS D 590 46.29 -9.03 -12.61
N LYS D 591 45.53 -8.01 -12.26
CA LYS D 591 45.29 -7.61 -10.87
C LYS D 591 43.79 -7.43 -10.69
N PHE D 592 43.23 -8.00 -9.63
CA PHE D 592 41.79 -8.10 -9.50
C PHE D 592 41.31 -7.70 -8.11
N ILE D 593 40.12 -7.11 -8.09
CA ILE D 593 39.42 -6.71 -6.87
C ILE D 593 38.51 -7.86 -6.43
N THR D 594 38.51 -8.14 -5.13
CA THR D 594 37.59 -9.10 -4.53
C THR D 594 36.82 -8.42 -3.41
N LEU D 595 35.52 -8.70 -3.34
CA LEU D 595 34.62 -8.10 -2.36
C LEU D 595 34.23 -9.12 -1.32
N GLY D 596 34.23 -8.70 -0.06
CA GLY D 596 33.84 -9.57 1.04
C GLY D 596 34.88 -10.59 1.43
N GLY D 597 36.14 -10.37 1.11
CA GLY D 597 37.18 -11.35 1.36
C GLY D 597 37.79 -11.87 0.08
N ALA D 598 38.40 -13.06 0.13
CA ALA D 598 38.98 -13.64 -1.07
C ALA D 598 39.26 -15.12 -0.83
N ARG D 599 39.24 -15.89 -1.93
CA ARG D 599 39.68 -17.27 -1.95
C ARG D 599 40.66 -17.45 -3.09
N TYR D 600 41.76 -18.16 -2.83
CA TYR D 600 42.87 -18.27 -3.78
C TYR D 600 43.03 -19.71 -4.24
N ASP D 601 43.33 -19.89 -5.52
CA ASP D 601 43.52 -21.22 -6.08
C ASP D 601 44.54 -21.14 -7.22
N GLN D 602 45.06 -22.31 -7.62
CA GLN D 602 46.04 -22.36 -8.69
C GLN D 602 45.68 -23.42 -9.73
N SER D 603 46.00 -23.11 -10.98
CA SER D 603 46.03 -24.09 -12.07
C SER D 603 47.50 -24.25 -12.44
N GLY D 604 48.10 -25.35 -12.00
CA GLY D 604 49.54 -25.50 -12.07
C GLY D 604 50.22 -24.69 -10.99
N ASP D 605 51.54 -24.54 -11.13
CA ASP D 605 52.32 -23.78 -10.17
C ASP D 605 52.13 -22.30 -10.45
N GLY D 606 51.09 -21.72 -9.85
CA GLY D 606 50.81 -20.31 -9.97
C GLY D 606 51.54 -19.48 -8.91
N TYR D 607 51.18 -18.20 -8.85
CA TYR D 607 51.84 -17.28 -7.95
C TYR D 607 50.95 -16.06 -7.73
N PHE D 608 51.02 -15.52 -6.52
CA PHE D 608 50.18 -14.40 -6.11
C PHE D 608 51.03 -13.30 -5.49
N THR D 609 50.56 -12.06 -5.66
CA THR D 609 50.98 -10.94 -4.83
C THR D 609 49.71 -10.25 -4.36
N TYR D 610 49.42 -10.31 -3.06
CA TYR D 610 48.07 -10.02 -2.60
C TYR D 610 48.09 -9.14 -1.37
N ALA D 611 47.03 -8.33 -1.25
CA ALA D 611 46.79 -7.50 -0.07
C ALA D 611 45.31 -7.52 0.27
N TYR D 613 42.20 -5.37 2.56
CA TYR D 613 41.82 -4.13 3.23
C TYR D 613 40.41 -4.26 3.79
N GLN D 614 40.06 -3.35 4.69
CA GLN D 614 38.76 -3.35 5.34
C GLN D 614 38.17 -1.95 5.33
N ALA D 615 36.90 -1.86 4.96
CA ALA D 615 36.17 -0.59 5.08
C ALA D 615 35.88 -0.32 6.55
N ILE D 616 36.37 0.82 7.05
CA ILE D 616 36.18 1.18 8.44
C ILE D 616 34.71 1.54 8.70
#